data_4UDK
#
_entry.id   4UDK
#
_cell.length_a   83.737
_cell.length_b   140.886
_cell.length_c   168.831
_cell.angle_alpha   90.00
_cell.angle_beta   90.00
_cell.angle_gamma   90.00
#
_symmetry.space_group_name_H-M   'P 21 21 21'
#
loop_
_entity.id
_entity.type
_entity.pdbx_description
1 polymer UHGB_MP
2 polymer UHGB_MP
3 non-polymer 'PHOSPHATE ION'
4 non-polymer beta-D-mannopyranose
5 non-polymer 2-acetamido-2-deoxy-alpha-D-glucopyranose
6 non-polymer 'TRIETHYLENE GLYCOL'
7 non-polymer 1,2-ETHANEDIOL
8 non-polymer 'POTASSIUM ION'
9 non-polymer GLYCEROL
10 water water
#
loop_
_entity_poly.entity_id
_entity_poly.type
_entity_poly.pdbx_seq_one_letter_code
_entity_poly.pdbx_strand_id
1 'polypeptide(L)'
;MGSSHHHHHHSSGLVPRGSHMSMSSKVIIPWEERPAGCKDVLWRSVANPIIPRDLLPTSNSIFNSAVVPFGDGFAGVFRC
DDTSRRMRLHVGFSKDAINWNIKEEPLKFQCDDEEIGTWVYGYDPRVCFIEDRYYVTWCNGYHGPTIGVAYTFDFETFHQ
LENAFIPFNRNGVLFPRKINGRFAMLSRPSDNGHTPFGDIFYSESPDMEFWGRHRHVMSPAAFEVSAWQCTKIGAGPIPV
ETPEGWLLIYHGVLHSCNGYVYSFGSALLDLDEPWKVKFRSGPYLLAPREPYECMGDVPNVCFPCAALHDNETGRIAIYY
GCADTVTGLAFGYIPEIIEFTKRTSII
;
A,B,C,D,F
2 'polypeptide(L)'
;MGSSHHHHHHSSGLVPRGSHMSMSSKIIIPWEERPAGCKDVLWRSVANPIIPRDLLPTSNSIFNSAVVPFGDGFAGVFRC
DDTSRRMRLHVGFSKDAINWNIKEEPLKFQCDDEEIGTWVYGYDPRVCFIEDRYYVTWCNGYHGPTIGVAYTFDFETFHQ
LENAFIPFNRNGVLFPRKINGRFAMLSRPSDNGHTPFGDIFYSESPDMEFWGRHRHVMSPAAFEVSAWQCTKIGAGPIPV
ETPEGWLLIYHGVLHSCNGYVYSFGSALLDLDEPWKVKFRSGPYLLAPREPYECMGDVPNVCFPCAALHDNETGRIAIYY
GCADTVTGLAFGYIPEIIEFTKRTSII
;
E
#
# COMPACT_ATOMS: atom_id res chain seq x y z
N ILE A 28 2.81 -43.34 26.63
CA ILE A 28 1.31 -43.26 26.71
C ILE A 28 0.75 -41.94 26.23
N ILE A 29 0.62 -41.76 24.91
CA ILE A 29 0.17 -40.51 24.32
C ILE A 29 -1.34 -40.32 24.20
N PRO A 30 -1.82 -39.07 24.17
CA PRO A 30 -3.26 -38.80 24.13
C PRO A 30 -3.78 -39.35 22.83
N TRP A 31 -4.93 -40.02 22.88
CA TRP A 31 -5.48 -40.70 21.72
C TRP A 31 -7.01 -40.81 21.79
N GLU A 32 -7.63 -40.61 20.62
CA GLU A 32 -9.04 -40.86 20.38
C GLU A 32 -9.10 -41.56 19.07
N GLU A 33 -9.89 -42.61 19.02
CA GLU A 33 -10.00 -43.45 17.82
C GLU A 33 -10.70 -42.66 16.71
N ARG A 34 -10.34 -42.99 15.47
CA ARG A 34 -10.95 -42.39 14.27
C ARG A 34 -12.44 -42.53 14.40
N PRO A 35 -13.18 -41.44 14.30
CA PRO A 35 -14.60 -41.61 14.45
C PRO A 35 -15.22 -42.52 13.38
N ALA A 36 -16.32 -43.14 13.79
CA ALA A 36 -17.06 -44.00 12.91
C ALA A 36 -17.38 -43.30 11.57
N GLY A 37 -16.91 -43.91 10.49
CA GLY A 37 -17.15 -43.39 9.14
C GLY A 37 -16.33 -42.17 8.75
N CYS A 38 -15.36 -41.76 9.54
CA CYS A 38 -14.52 -40.65 9.12
C CYS A 38 -13.47 -41.14 8.14
N LYS A 39 -13.35 -40.43 7.03
CA LYS A 39 -12.42 -40.81 6.00
C LYS A 39 -11.19 -39.92 6.03
N ASP A 40 -11.12 -39.01 6.97
CA ASP A 40 -10.04 -38.05 6.93
C ASP A 40 -8.78 -38.69 7.53
N VAL A 41 -7.64 -38.23 7.10
CA VAL A 41 -6.39 -38.62 7.69
C VAL A 41 -6.15 -38.03 9.10
N LEU A 42 -6.66 -36.84 9.38
CA LEU A 42 -6.61 -36.32 10.75
C LEU A 42 -7.97 -36.06 11.20
N TRP A 43 -8.20 -36.29 12.46
CA TRP A 43 -9.45 -35.92 13.07
C TRP A 43 -9.29 -35.18 14.41
N ARG A 44 -10.10 -34.15 14.60
CA ARG A 44 -10.05 -33.34 15.80
C ARG A 44 -10.50 -34.13 17.03
N SER A 45 -9.97 -33.77 18.22
CA SER A 45 -10.45 -34.30 19.48
C SER A 45 -11.86 -33.83 19.70
N VAL A 46 -12.75 -34.69 20.19
CA VAL A 46 -14.08 -34.20 20.41
C VAL A 46 -14.14 -33.31 21.65
N ALA A 47 -13.09 -33.30 22.46
CA ALA A 47 -13.03 -32.40 23.59
C ALA A 47 -12.30 -31.05 23.36
N ASN A 48 -11.98 -30.72 22.12
CA ASN A 48 -11.40 -29.44 21.85
C ASN A 48 -12.30 -28.26 22.26
N PRO A 49 -11.72 -27.20 22.73
CA PRO A 49 -10.24 -27.07 22.90
C PRO A 49 -9.78 -27.74 24.18
N ILE A 50 -8.57 -28.25 24.17
CA ILE A 50 -8.06 -28.92 25.36
C ILE A 50 -7.42 -27.98 26.37
N ILE A 51 -7.01 -26.79 25.94
CA ILE A 51 -6.49 -25.72 26.83
C ILE A 51 -7.31 -24.46 26.54
N PRO A 52 -8.01 -23.97 27.55
CA PRO A 52 -8.85 -22.81 27.39
C PRO A 52 -8.10 -21.51 27.59
N ARG A 53 -8.73 -20.43 27.20
CA ARG A 53 -7.95 -19.14 27.13
C ARG A 53 -7.71 -18.61 28.52
N ASP A 54 -8.45 -19.11 29.52
CA ASP A 54 -8.43 -18.43 30.79
C ASP A 54 -7.88 -19.31 31.89
N LEU A 55 -6.99 -20.20 31.55
CA LEU A 55 -6.36 -21.03 32.53
C LEU A 55 -5.57 -20.30 33.61
N LEU A 56 -4.93 -19.17 33.29
CA LEU A 56 -4.20 -18.41 34.24
C LEU A 56 -5.04 -17.19 34.68
N PRO A 57 -4.73 -16.63 35.85
CA PRO A 57 -5.56 -15.48 36.26
C PRO A 57 -5.52 -14.26 35.34
N THR A 58 -4.41 -14.04 34.61
CA THR A 58 -4.43 -12.95 33.65
C THR A 58 -4.19 -13.41 32.24
N SER A 59 -4.41 -14.70 31.92
CA SER A 59 -4.27 -15.12 30.55
C SER A 59 -5.45 -14.62 29.70
N ASN A 60 -5.12 -14.09 28.52
CA ASN A 60 -6.08 -13.70 27.47
C ASN A 60 -6.25 -14.84 26.46
N SER A 61 -5.17 -15.58 26.23
CA SER A 61 -5.16 -16.65 25.24
C SER A 61 -3.96 -17.53 25.44
N ILE A 62 -4.12 -18.80 25.11
CA ILE A 62 -3.08 -19.85 25.26
C ILE A 62 -3.18 -20.75 24.04
N PHE A 63 -2.26 -20.62 23.10
N PHE A 63 -2.16 -20.66 23.18
CA PHE A 63 -2.53 -21.16 21.79
CA PHE A 63 -2.14 -21.27 21.85
C PHE A 63 -1.30 -21.72 21.07
C PHE A 63 -0.69 -21.42 21.38
N ASN A 64 -0.17 -21.73 21.78
N ASN A 64 -0.49 -21.93 20.16
CA ASN A 64 0.97 -22.53 21.38
CA ASN A 64 0.83 -21.98 19.54
C ASN A 64 1.43 -23.35 22.53
C ASN A 64 1.92 -22.50 20.48
N SER A 65 1.53 -24.65 22.28
N SER A 65 1.72 -23.66 21.15
CA SER A 65 1.83 -25.65 23.31
CA SER A 65 2.56 -24.17 22.29
C SER A 65 2.99 -26.51 22.85
C SER A 65 3.24 -25.54 22.12
N ALA A 66 4.21 -26.06 23.12
N ALA A 66 4.25 -25.81 22.99
CA ALA A 66 5.32 -26.87 22.81
CA ALA A 66 5.30 -26.82 22.72
C ALA A 66 5.17 -27.93 23.88
C ALA A 66 5.61 -27.98 23.74
N VAL A 67 5.06 -29.17 23.47
CA VAL A 67 4.84 -30.28 24.42
C VAL A 67 5.84 -31.40 24.07
N VAL A 68 6.40 -32.00 25.12
CA VAL A 68 7.25 -33.21 25.00
C VAL A 68 6.94 -34.19 26.15
N PRO A 69 7.28 -35.47 26.00
CA PRO A 69 7.28 -36.33 27.17
C PRO A 69 8.38 -35.91 28.10
N PHE A 70 8.16 -36.10 29.38
CA PHE A 70 9.15 -35.74 30.41
C PHE A 70 8.87 -36.59 31.63
N GLY A 71 9.83 -37.36 32.02
CA GLY A 71 9.65 -38.15 33.25
C GLY A 71 8.58 -39.17 33.00
N ASP A 72 7.69 -39.31 33.95
CA ASP A 72 6.55 -40.18 33.77
C ASP A 72 5.37 -39.46 33.10
N GLY A 73 5.53 -38.18 32.74
CA GLY A 73 4.40 -37.50 32.12
C GLY A 73 4.90 -36.65 30.98
N PHE A 74 4.54 -35.38 31.09
CA PHE A 74 4.75 -34.42 29.98
C PHE A 74 5.05 -33.05 30.46
N ALA A 75 5.82 -32.34 29.65
CA ALA A 75 6.12 -31.00 29.98
C ALA A 75 5.93 -30.18 28.72
N GLY A 76 5.99 -28.88 28.92
CA GLY A 76 5.89 -27.99 27.76
C GLY A 76 6.23 -26.57 28.05
N VAL A 77 6.41 -25.78 26.99
CA VAL A 77 6.52 -24.34 27.07
C VAL A 77 5.37 -23.74 26.26
N PHE A 78 4.61 -22.86 26.91
CA PHE A 78 3.34 -22.37 26.40
C PHE A 78 3.40 -20.89 26.15
N ARG A 79 3.01 -20.49 24.95
CA ARG A 79 2.62 -19.11 24.71
C ARG A 79 1.30 -18.73 25.37
N CYS A 80 1.39 -17.86 26.39
CA CYS A 80 0.25 -17.33 27.09
C CYS A 80 0.31 -15.83 26.96
N ASP A 81 -0.57 -15.30 26.13
CA ASP A 81 -0.68 -13.88 26.03
C ASP A 81 -1.59 -13.38 27.14
N ASP A 82 -1.21 -12.30 27.77
CA ASP A 82 -1.96 -11.81 28.95
C ASP A 82 -3.04 -10.75 28.60
N THR A 83 -3.72 -10.21 29.62
CA THR A 83 -4.72 -9.21 29.44
C THR A 83 -4.20 -7.83 29.03
N SER A 84 -2.89 -7.70 28.98
CA SER A 84 -2.22 -6.54 28.44
C SER A 84 -1.80 -6.80 27.00
N ARG A 85 -2.13 -7.99 26.51
CA ARG A 85 -1.73 -8.46 25.20
C ARG A 85 -0.22 -8.58 25.00
N ARG A 86 0.49 -8.78 26.12
CA ARG A 86 1.92 -9.13 26.04
C ARG A 86 2.06 -10.61 25.75
N MET A 87 3.15 -10.98 25.10
CA MET A 87 3.43 -12.34 24.70
C MET A 87 4.52 -12.87 25.60
N ARG A 88 4.18 -13.84 26.43
CA ARG A 88 5.08 -14.47 27.37
C ARG A 88 5.05 -16.00 27.21
N LEU A 89 6.10 -16.63 27.72
CA LEU A 89 6.29 -18.09 27.69
C LEU A 89 6.11 -18.53 29.14
N HIS A 90 5.37 -19.64 29.34
CA HIS A 90 5.18 -20.24 30.66
C HIS A 90 5.46 -21.74 30.56
N VAL A 91 6.09 -22.32 31.60
CA VAL A 91 6.25 -23.72 31.68
C VAL A 91 4.98 -24.37 32.13
N GLY A 92 4.72 -25.52 31.54
CA GLY A 92 3.64 -26.41 32.09
C GLY A 92 3.98 -27.88 32.22
N PHE A 93 3.21 -28.59 33.05
CA PHE A 93 3.41 -30.01 33.24
C PHE A 93 2.09 -30.68 33.24
N SER A 94 2.07 -31.92 32.81
CA SER A 94 0.81 -32.65 32.70
C SER A 94 1.06 -34.12 32.88
N LYS A 95 0.08 -34.80 33.49
CA LYS A 95 0.15 -36.25 33.59
C LYS A 95 -0.29 -36.95 32.36
N ASP A 96 -1.19 -36.33 31.60
CA ASP A 96 -1.88 -37.03 30.50
C ASP A 96 -1.77 -36.32 29.16
N ALA A 97 -1.09 -35.18 29.16
CA ALA A 97 -0.80 -34.37 27.95
C ALA A 97 -2.02 -33.62 27.49
N ILE A 98 -3.10 -33.71 28.27
CA ILE A 98 -4.37 -33.10 27.93
C ILE A 98 -4.76 -32.00 28.88
N ASN A 99 -4.69 -32.26 30.19
CA ASN A 99 -4.95 -31.34 31.29
C ASN A 99 -3.67 -30.78 31.80
N TRP A 100 -3.47 -29.48 31.63
CA TRP A 100 -2.19 -28.84 31.86
C TRP A 100 -2.18 -27.99 33.08
N ASN A 101 -1.10 -28.09 33.83
CA ASN A 101 -0.81 -27.22 34.95
C ASN A 101 0.30 -26.31 34.55
N ILE A 102 -0.10 -25.09 34.21
CA ILE A 102 0.82 -24.08 33.67
C ILE A 102 1.19 -23.09 34.75
N LYS A 103 2.49 -22.84 34.92
CA LYS A 103 2.99 -21.94 35.92
C LYS A 103 2.48 -20.55 35.71
N GLU A 104 2.02 -19.92 36.79
CA GLU A 104 1.49 -18.57 36.65
C GLU A 104 2.60 -17.58 36.31
N GLU A 105 3.81 -17.80 36.82
CA GLU A 105 4.90 -16.86 36.50
C GLU A 105 5.48 -17.14 35.15
N PRO A 106 5.76 -16.10 34.35
CA PRO A 106 6.42 -16.34 33.07
C PRO A 106 7.81 -16.94 33.31
N LEU A 107 8.19 -17.77 32.39
CA LEU A 107 9.54 -18.38 32.34
C LEU A 107 10.59 -17.34 32.21
N LYS A 108 11.61 -17.40 33.06
CA LYS A 108 12.76 -16.54 32.89
C LYS A 108 13.97 -17.35 32.47
N PHE A 109 14.74 -16.85 31.54
CA PHE A 109 15.94 -17.53 31.11
C PHE A 109 17.20 -17.02 31.81
N GLN A 110 18.10 -17.93 32.18
N GLN A 110 18.10 -17.92 32.16
CA GLN A 110 19.45 -17.61 32.61
CA GLN A 110 19.40 -17.55 32.66
C GLN A 110 20.31 -17.24 31.41
C GLN A 110 20.38 -17.29 31.48
N CYS A 111 21.07 -16.17 31.50
CA CYS A 111 22.05 -15.88 30.47
C CYS A 111 23.22 -15.06 31.07
N ASP A 112 24.45 -15.43 30.77
CA ASP A 112 25.62 -14.69 31.23
C ASP A 112 25.77 -13.43 30.36
N ASP A 113 25.29 -13.45 29.10
CA ASP A 113 25.39 -12.21 28.28
C ASP A 113 24.16 -11.39 28.54
N GLU A 114 24.36 -10.21 29.09
CA GLU A 114 23.25 -9.38 29.44
C GLU A 114 22.51 -8.76 28.20
N GLU A 115 23.21 -8.51 27.11
CA GLU A 115 22.62 -8.05 25.87
C GLU A 115 21.58 -9.06 25.32
N ILE A 116 21.99 -10.30 25.18
CA ILE A 116 21.16 -11.38 24.59
C ILE A 116 20.13 -11.76 25.65
N GLY A 117 20.49 -11.63 26.92
CA GLY A 117 19.60 -12.05 28.00
C GLY A 117 18.44 -11.07 28.32
N THR A 118 18.41 -9.90 27.69
CA THR A 118 17.35 -8.91 27.85
C THR A 118 16.05 -9.43 27.20
N TRP A 119 15.00 -9.44 27.97
CA TRP A 119 13.70 -9.91 27.49
C TRP A 119 12.90 -8.72 26.93
N VAL A 120 12.44 -8.88 25.71
CA VAL A 120 11.51 -7.94 25.04
C VAL A 120 10.13 -8.55 24.88
N TYR A 121 10.09 -9.69 24.21
CA TYR A 121 8.92 -10.53 24.08
C TYR A 121 9.30 -11.88 23.60
N GLY A 122 8.31 -12.80 23.64
CA GLY A 122 8.56 -14.13 23.16
C GLY A 122 7.30 -14.85 22.79
N TYR A 123 7.37 -15.55 21.65
CA TYR A 123 6.19 -16.30 21.19
C TYR A 123 6.63 -17.56 20.35
N ASP A 124 6.34 -17.89 20.09
N ASP A 124 5.75 -18.24 19.64
CA ASP A 124 5.91 -19.18 19.39
CA ASP A 124 6.25 -19.30 18.75
C ASP A 124 7.00 -20.29 19.65
C ASP A 124 7.26 -20.39 19.47
N PRO A 125 6.94 -20.98 20.70
CA PRO A 125 7.96 -21.88 21.15
C PRO A 125 7.88 -23.22 20.46
N ARG A 126 9.01 -23.90 20.38
CA ARG A 126 9.07 -25.32 19.98
C ARG A 126 10.12 -25.96 20.87
N VAL A 127 9.87 -27.20 21.23
CA VAL A 127 10.73 -27.90 22.20
C VAL A 127 11.01 -29.30 21.69
N CYS A 128 12.26 -29.74 21.78
CA CYS A 128 12.61 -31.15 21.53
C CYS A 128 13.83 -31.55 22.31
N PHE A 129 13.99 -32.83 22.50
CA PHE A 129 15.18 -33.40 23.13
C PHE A 129 16.20 -33.79 22.07
N ILE A 130 17.43 -33.33 22.24
CA ILE A 130 18.53 -33.62 21.31
C ILE A 130 19.68 -34.20 22.17
N GLU A 131 19.90 -35.48 21.99
CA GLU A 131 21.02 -36.26 22.60
C GLU A 131 20.97 -36.39 24.09
N ASP A 132 21.02 -35.30 24.84
CA ASP A 132 21.13 -35.42 26.27
C ASP A 132 20.34 -34.31 27.06
N ARG A 133 19.58 -33.46 26.36
CA ARG A 133 18.84 -32.39 27.04
C ARG A 133 17.72 -31.87 26.12
N TYR A 134 16.84 -31.05 26.68
CA TYR A 134 15.82 -30.40 25.91
C TYR A 134 16.31 -29.01 25.44
N TYR A 135 15.98 -28.72 24.18
CA TYR A 135 16.15 -27.44 23.62
C TYR A 135 14.79 -26.78 23.33
N VAL A 136 14.79 -25.47 23.52
N VAL A 136 14.70 -25.48 23.61
CA VAL A 136 13.67 -24.56 23.32
CA VAL A 136 13.57 -24.66 23.20
C VAL A 136 14.11 -23.56 22.26
C VAL A 136 14.02 -23.52 22.32
N THR A 137 13.29 -23.37 21.22
CA THR A 137 13.43 -22.19 20.28
C THR A 137 12.16 -21.38 20.46
N TRP A 138 12.23 -20.09 20.17
CA TRP A 138 11.06 -19.26 20.21
C TRP A 138 11.34 -18.09 19.32
N CYS A 139 10.29 -17.37 19.00
CA CYS A 139 10.47 -16.05 18.34
C CYS A 139 10.75 -15.04 19.42
N ASN A 140 11.98 -14.57 19.46
CA ASN A 140 12.51 -13.74 20.53
C ASN A 140 12.77 -12.36 19.98
N GLY A 141 12.31 -11.34 20.67
CA GLY A 141 12.59 -10.00 20.23
C GLY A 141 14.01 -9.62 20.55
N TYR A 142 14.73 -9.27 19.50
CA TYR A 142 16.07 -8.66 19.62
C TYR A 142 16.20 -7.71 18.41
N HIS A 143 15.75 -6.49 18.65
CA HIS A 143 15.60 -5.49 17.57
C HIS A 143 14.77 -6.09 16.42
N GLY A 144 13.68 -6.71 16.84
CA GLY A 144 12.77 -7.37 15.96
C GLY A 144 12.79 -8.92 16.12
N PRO A 145 11.90 -9.60 15.42
CA PRO A 145 11.84 -11.03 15.62
C PRO A 145 13.00 -11.80 15.12
N THR A 146 13.54 -12.66 15.98
CA THR A 146 14.51 -13.60 15.53
C THR A 146 14.29 -14.85 16.32
N ILE A 147 15.20 -15.84 16.18
CA ILE A 147 15.01 -17.14 16.85
C ILE A 147 15.91 -17.23 18.10
N GLY A 148 15.26 -17.22 19.26
CA GLY A 148 15.93 -17.46 20.51
C GLY A 148 16.16 -18.93 20.74
N VAL A 149 17.22 -19.27 21.44
CA VAL A 149 17.56 -20.67 21.73
C VAL A 149 17.90 -20.83 23.21
N ALA A 150 17.45 -21.91 23.82
CA ALA A 150 17.86 -22.21 25.22
C ALA A 150 17.82 -23.70 25.44
N TYR A 151 18.46 -24.21 26.47
CA TYR A 151 18.33 -25.63 26.86
C TYR A 151 17.92 -25.73 28.30
N THR A 152 17.35 -26.87 28.57
CA THR A 152 17.04 -27.27 29.94
C THR A 152 17.22 -28.77 30.08
N PHE A 153 17.51 -29.23 31.31
CA PHE A 153 17.43 -30.62 31.69
C PHE A 153 16.19 -30.99 32.48
N ASP A 154 15.48 -30.00 33.00
CA ASP A 154 14.47 -30.25 34.05
C ASP A 154 13.21 -29.40 33.96
N PHE A 155 13.12 -28.50 32.98
CA PHE A 155 12.03 -27.55 32.86
C PHE A 155 11.89 -26.63 34.07
N GLU A 156 12.99 -26.46 34.80
CA GLU A 156 13.08 -25.50 35.92
C GLU A 156 14.11 -24.44 35.64
N THR A 157 15.32 -24.80 35.27
CA THR A 157 16.33 -23.79 34.87
C THR A 157 16.49 -23.90 33.37
N PHE A 158 16.40 -22.79 32.66
CA PHE A 158 16.64 -22.75 31.22
C PHE A 158 17.87 -21.87 30.99
N HIS A 159 18.86 -22.38 30.29
CA HIS A 159 20.07 -21.64 29.95
C HIS A 159 19.97 -21.12 28.53
N GLN A 160 19.91 -19.80 28.40
CA GLN A 160 19.78 -19.16 27.09
C GLN A 160 21.10 -19.09 26.35
N LEU A 161 21.02 -19.42 25.06
CA LEU A 161 22.13 -19.44 24.16
C LEU A 161 22.04 -18.30 23.21
N GLU A 162 23.03 -18.16 22.32
CA GLU A 162 22.92 -17.10 21.35
C GLU A 162 21.67 -17.22 20.46
N ASN A 163 21.09 -16.10 20.07
CA ASN A 163 20.04 -16.11 19.08
C ASN A 163 20.67 -16.72 17.83
N ALA A 164 19.98 -17.58 17.13
CA ALA A 164 20.60 -18.34 16.08
C ALA A 164 20.83 -17.54 14.77
N PHE A 165 20.02 -16.50 14.56
CA PHE A 165 19.99 -15.76 13.33
C PHE A 165 19.85 -14.30 13.63
N ILE A 166 20.18 -13.48 12.65
CA ILE A 166 19.85 -12.07 12.66
C ILE A 166 18.39 -11.89 12.36
N PRO A 167 17.74 -10.87 12.90
CA PRO A 167 16.34 -10.66 12.49
C PRO A 167 16.30 -10.40 11.02
N PHE A 168 15.17 -10.64 10.33
CA PHE A 168 13.89 -10.97 10.87
C PHE A 168 13.59 -12.42 10.53
N ASN A 169 13.21 -13.23 11.53
CA ASN A 169 13.05 -14.63 11.32
C ASN A 169 12.12 -15.18 12.39
N ARG A 170 11.36 -16.22 12.07
CA ARG A 170 10.35 -16.81 12.98
C ARG A 170 10.16 -18.27 12.57
N ASN A 171 9.34 -19.03 13.28
CA ASN A 171 9.06 -20.42 12.95
C ASN A 171 10.36 -21.29 12.94
N GLY A 172 11.24 -21.07 13.92
CA GLY A 172 12.45 -21.86 14.06
C GLY A 172 12.10 -23.18 14.74
N VAL A 173 12.51 -24.28 14.12
CA VAL A 173 12.13 -25.59 14.61
C VAL A 173 13.34 -26.52 14.43
N LEU A 174 13.87 -26.97 15.56
CA LEU A 174 15.05 -27.89 15.58
C LEU A 174 14.65 -29.30 15.18
N PHE A 175 15.59 -29.98 14.57
CA PHE A 175 15.51 -31.43 14.37
C PHE A 175 15.86 -32.17 15.68
N PRO A 176 15.18 -33.28 15.92
CA PRO A 176 15.31 -33.97 17.16
C PRO A 176 16.60 -34.85 17.34
N ARG A 177 17.56 -34.75 16.41
CA ARG A 177 18.87 -35.40 16.53
C ARG A 177 19.81 -34.61 15.65
N LYS A 178 21.09 -34.82 15.80
CA LYS A 178 22.03 -34.26 14.88
C LYS A 178 21.87 -34.86 13.49
N ILE A 179 22.20 -34.05 12.50
CA ILE A 179 22.20 -34.51 11.11
C ILE A 179 23.67 -34.49 10.71
N ASN A 180 24.20 -35.68 10.42
CA ASN A 180 25.64 -35.88 10.21
C ASN A 180 26.53 -35.06 11.14
N GLY A 181 26.30 -35.19 12.43
CA GLY A 181 27.14 -34.55 13.42
C GLY A 181 26.94 -33.06 13.63
N ARG A 182 25.89 -32.45 13.04
CA ARG A 182 25.54 -31.08 13.30
C ARG A 182 24.10 -30.92 13.80
N PHE A 183 23.87 -29.93 14.66
CA PHE A 183 22.54 -29.57 15.00
C PHE A 183 21.92 -28.97 13.71
N ALA A 184 20.59 -29.12 13.56
CA ALA A 184 19.90 -28.58 12.41
C ALA A 184 18.58 -27.91 12.79
N MET A 185 18.26 -26.85 12.07
CA MET A 185 17.06 -26.08 12.34
C MET A 185 16.41 -25.57 11.11
N LEU A 186 15.11 -25.73 11.04
CA LEU A 186 14.30 -25.05 10.03
C LEU A 186 13.98 -23.63 10.54
N SER A 187 13.91 -22.67 9.64
CA SER A 187 13.55 -21.31 10.05
C SER A 187 12.70 -20.70 8.88
N ARG A 188 12.38 -19.43 9.02
CA ARG A 188 11.48 -18.76 8.13
C ARG A 188 11.75 -17.25 8.06
N PRO A 189 12.59 -16.82 7.14
CA PRO A 189 12.81 -15.41 7.05
C PRO A 189 11.55 -14.60 6.96
N SER A 190 11.53 -13.49 7.66
CA SER A 190 10.33 -12.69 7.78
C SER A 190 10.62 -11.25 7.60
N ASP A 191 9.65 -10.40 7.96
CA ASP A 191 9.85 -8.97 8.09
C ASP A 191 9.45 -8.55 9.51
N ASN A 192 9.24 -7.25 9.74
CA ASN A 192 8.85 -6.81 11.10
C ASN A 192 7.41 -6.39 11.12
N GLY A 193 6.59 -7.08 10.32
CA GLY A 193 5.14 -6.92 10.37
C GLY A 193 4.37 -8.22 10.23
N HIS A 194 3.13 -8.13 9.70
CA HIS A 194 2.36 -9.36 9.33
C HIS A 194 2.87 -9.80 7.96
N THR A 195 3.88 -10.60 8.03
CA THR A 195 4.71 -10.79 6.88
C THR A 195 3.94 -11.36 5.68
N PRO A 196 4.02 -10.71 4.49
CA PRO A 196 3.20 -11.19 3.39
C PRO A 196 3.89 -12.19 2.45
N PHE A 197 4.86 -12.92 2.94
CA PHE A 197 5.61 -13.88 2.16
C PHE A 197 6.20 -14.83 3.21
N GLY A 198 6.86 -15.90 2.75
CA GLY A 198 7.57 -16.75 3.70
C GLY A 198 7.94 -18.12 3.08
N ASP A 199 9.26 -18.30 2.88
CA ASP A 199 9.88 -19.59 2.50
C ASP A 199 10.43 -20.27 3.75
N ILE A 200 10.41 -21.58 3.78
CA ILE A 200 11.11 -22.34 4.82
C ILE A 200 12.57 -22.54 4.42
N PHE A 201 13.47 -22.29 5.37
CA PHE A 201 14.90 -22.56 5.20
C PHE A 201 15.39 -23.58 6.22
N TYR A 202 16.61 -24.08 5.93
CA TYR A 202 17.31 -25.08 6.73
C TYR A 202 18.70 -24.57 7.00
N SER A 203 19.18 -24.77 8.22
CA SER A 203 20.54 -24.32 8.61
C SER A 203 21.15 -25.32 9.59
N GLU A 204 22.46 -25.27 9.73
CA GLU A 204 23.16 -26.18 10.64
C GLU A 204 24.09 -25.47 11.55
N SER A 205 24.47 -26.15 12.64
CA SER A 205 25.46 -25.61 13.55
C SER A 205 26.31 -26.72 14.19
N PRO A 206 27.60 -26.51 14.30
CA PRO A 206 28.40 -27.51 14.99
C PRO A 206 28.30 -27.46 16.49
N ASP A 207 27.85 -26.33 17.04
CA ASP A 207 28.05 -26.00 18.45
C ASP A 207 26.93 -25.29 19.17
N MET A 208 25.77 -25.15 18.55
CA MET A 208 24.69 -24.38 19.13
C MET A 208 25.02 -22.90 19.40
N GLU A 209 25.96 -22.35 18.64
CA GLU A 209 26.39 -20.96 18.77
C GLU A 209 26.49 -20.27 17.40
N PHE A 210 27.22 -20.91 16.48
CA PHE A 210 27.42 -20.44 15.13
C PHE A 210 26.64 -21.31 14.12
N TRP A 211 25.94 -20.62 13.18
CA TRP A 211 24.96 -21.22 12.31
C TRP A 211 25.33 -20.94 10.87
N GLY A 212 24.96 -21.81 9.99
CA GLY A 212 25.39 -21.64 8.59
C GLY A 212 24.95 -22.79 7.69
N ARG A 213 25.53 -22.84 6.51
N ARG A 213 25.53 -22.84 6.51
CA ARG A 213 25.13 -23.82 5.51
CA ARG A 213 25.14 -23.81 5.52
C ARG A 213 23.62 -23.71 5.22
C ARG A 213 23.63 -23.71 5.23
N HIS A 214 23.18 -22.49 5.05
CA HIS A 214 21.78 -22.21 4.85
C HIS A 214 21.32 -22.74 3.48
N ARG A 215 20.18 -23.44 3.51
CA ARG A 215 19.59 -24.04 2.31
C ARG A 215 18.11 -23.79 2.27
N HIS A 216 17.63 -23.38 1.08
CA HIS A 216 16.23 -23.23 0.87
C HIS A 216 15.51 -24.56 0.84
N VAL A 217 14.42 -24.66 1.61
CA VAL A 217 13.61 -25.90 1.65
C VAL A 217 12.42 -25.84 0.69
N MET A 218 11.51 -24.90 0.93
CA MET A 218 10.43 -24.67 0.01
C MET A 218 9.79 -23.31 0.10
N SER A 219 9.12 -22.97 -0.99
CA SER A 219 8.38 -21.77 -1.20
C SER A 219 6.90 -22.03 -1.14
N PRO A 220 6.10 -20.99 -0.87
CA PRO A 220 4.66 -21.15 -1.05
C PRO A 220 4.35 -21.69 -2.45
N ALA A 221 3.35 -22.54 -2.54
CA ALA A 221 2.84 -23.07 -3.84
C ALA A 221 2.15 -22.01 -4.65
N ALA A 222 1.99 -22.25 -5.94
CA ALA A 222 1.21 -21.33 -6.79
C ALA A 222 -0.26 -21.45 -6.39
N PHE A 223 -0.94 -20.31 -6.45
CA PHE A 223 -2.36 -20.18 -6.15
C PHE A 223 -3.19 -21.25 -6.87
N GLU A 224 -2.86 -21.49 -8.13
CA GLU A 224 -3.67 -22.44 -8.94
C GLU A 224 -3.41 -23.92 -8.66
N VAL A 225 -2.34 -24.19 -7.93
CA VAL A 225 -1.94 -25.54 -7.53
C VAL A 225 -2.40 -25.96 -6.14
N SER A 226 -2.19 -25.08 -5.15
CA SER A 226 -2.53 -25.34 -3.80
C SER A 226 -2.63 -24.01 -2.97
N ALA A 227 -3.82 -23.41 -2.98
CA ALA A 227 -3.97 -22.08 -2.49
C ALA A 227 -3.96 -21.99 -0.98
N TRP A 228 -4.16 -23.09 -0.23
CA TRP A 228 -4.07 -23.00 1.26
C TRP A 228 -2.63 -22.65 1.70
N GLN A 229 -1.67 -22.80 0.78
CA GLN A 229 -0.24 -22.56 1.10
C GLN A 229 0.43 -21.69 0.05
N CYS A 230 -0.31 -20.71 -0.49
CA CYS A 230 0.23 -19.87 -1.55
C CYS A 230 0.75 -18.52 -1.14
N THR A 231 0.49 -18.09 0.09
CA THR A 231 0.97 -16.75 0.48
C THR A 231 2.33 -16.85 1.20
N LYS A 232 2.35 -17.74 2.17
CA LYS A 232 3.48 -18.06 2.99
C LYS A 232 3.29 -19.37 3.69
N ILE A 233 4.41 -19.93 4.14
CA ILE A 233 4.44 -21.20 4.84
C ILE A 233 5.46 -21.13 6.00
N GLY A 234 5.30 -21.99 6.95
CA GLY A 234 6.28 -22.10 8.02
C GLY A 234 6.21 -23.41 8.79
N ALA A 235 7.35 -23.90 9.26
CA ALA A 235 7.38 -25.17 10.00
C ALA A 235 6.56 -25.14 11.30
N GLY A 236 5.93 -26.26 11.61
CA GLY A 236 5.16 -26.42 12.78
C GLY A 236 5.83 -27.25 13.83
N PRO A 237 5.28 -28.39 14.15
CA PRO A 237 5.84 -29.30 15.13
C PRO A 237 7.27 -29.71 14.73
N ILE A 238 7.99 -30.24 15.71
CA ILE A 238 9.35 -30.79 15.48
C ILE A 238 9.26 -31.92 14.36
N PRO A 239 10.18 -31.94 13.37
CA PRO A 239 10.26 -33.01 12.37
C PRO A 239 10.20 -34.38 12.97
N VAL A 240 9.37 -35.25 12.37
CA VAL A 240 9.17 -36.62 12.84
C VAL A 240 9.92 -37.62 11.92
N GLU A 241 10.92 -38.34 12.47
CA GLU A 241 11.69 -39.25 11.63
C GLU A 241 10.85 -40.45 11.18
N THR A 242 10.89 -40.77 9.88
CA THR A 242 10.33 -42.05 9.31
C THR A 242 11.42 -42.71 8.53
N PRO A 243 11.25 -43.98 8.16
CA PRO A 243 12.29 -44.67 7.40
C PRO A 243 12.67 -44.02 6.05
N GLU A 244 11.73 -43.32 5.41
CA GLU A 244 11.95 -42.66 4.11
C GLU A 244 12.26 -41.16 4.18
N GLY A 245 12.19 -40.59 5.39
CA GLY A 245 12.63 -39.20 5.54
C GLY A 245 11.94 -38.54 6.73
N TRP A 246 11.95 -37.21 6.73
CA TRP A 246 11.39 -36.45 7.84
C TRP A 246 9.97 -36.06 7.48
N LEU A 247 9.02 -36.44 8.31
CA LEU A 247 7.69 -35.88 8.21
C LEU A 247 7.67 -34.48 8.81
N LEU A 248 7.35 -33.53 7.92
CA LEU A 248 7.19 -32.13 8.31
C LEU A 248 5.73 -31.74 8.25
N ILE A 249 5.22 -31.28 9.41
CA ILE A 249 3.89 -30.69 9.48
CA ILE A 249 3.89 -30.69 9.49
C ILE A 249 4.12 -29.19 9.55
N TYR A 250 3.46 -28.46 8.65
CA TYR A 250 3.72 -27.05 8.42
C TYR A 250 2.44 -26.27 8.11
N HIS A 251 2.37 -25.04 8.57
CA HIS A 251 1.26 -24.15 8.23
C HIS A 251 1.45 -23.49 6.86
N GLY A 252 0.35 -23.13 6.23
CA GLY A 252 0.33 -22.39 4.98
C GLY A 252 -0.80 -21.37 5.06
N VAL A 253 -0.60 -20.23 4.43
CA VAL A 253 -1.58 -19.19 4.43
C VAL A 253 -2.17 -18.93 3.03
N LEU A 254 -3.49 -18.77 3.03
CA LEU A 254 -4.27 -18.26 1.91
C LEU A 254 -4.69 -16.84 2.24
N HIS A 255 -4.51 -15.93 1.28
CA HIS A 255 -4.89 -14.51 1.42
C HIS A 255 -6.22 -14.25 0.79
N SER A 256 -7.28 -14.17 1.59
CA SER A 256 -8.59 -13.87 1.06
C SER A 256 -8.81 -12.39 1.12
N CYS A 257 -9.95 -11.94 0.59
CA CYS A 257 -10.24 -10.55 0.67
C CYS A 257 -10.42 -10.08 2.12
N ASN A 258 -10.75 -10.97 3.04
CA ASN A 258 -10.97 -10.61 4.43
C ASN A 258 -9.90 -11.12 5.39
N GLY A 259 -8.74 -11.52 4.92
CA GLY A 259 -7.68 -11.85 5.88
C GLY A 259 -6.93 -13.10 5.46
N TYR A 260 -6.05 -13.49 6.34
CA TYR A 260 -5.26 -14.69 6.08
C TYR A 260 -6.05 -15.85 6.67
N VAL A 261 -6.03 -16.99 6.01
CA VAL A 261 -6.55 -18.19 6.57
C VAL A 261 -5.35 -19.13 6.77
N TYR A 262 -5.16 -19.64 7.97
CA TYR A 262 -4.03 -20.53 8.26
C TYR A 262 -4.53 -21.95 8.34
N SER A 263 -4.10 -22.74 7.41
CA SER A 263 -4.32 -24.19 7.39
C SER A 263 -3.00 -24.93 7.63
N PHE A 264 -3.04 -26.25 7.79
CA PHE A 264 -1.78 -27.01 7.85
C PHE A 264 -1.79 -28.31 7.09
N GLY A 265 -0.62 -28.74 6.69
CA GLY A 265 -0.44 -29.92 5.86
C GLY A 265 0.94 -30.55 6.10
N SER A 266 1.34 -31.43 5.21
CA SER A 266 2.45 -32.34 5.45
C SER A 266 3.38 -32.45 4.21
N ALA A 267 4.67 -32.64 4.50
CA ALA A 267 5.69 -32.88 3.52
C ALA A 267 6.65 -33.92 4.04
N LEU A 268 7.34 -34.57 3.12
CA LEU A 268 8.39 -35.50 3.42
C LEU A 268 9.70 -34.96 2.93
N LEU A 269 10.68 -34.87 3.82
CA LEU A 269 12.02 -34.34 3.50
C LEU A 269 13.05 -35.46 3.47
N ASP A 270 14.09 -35.26 2.64
CA ASP A 270 15.19 -36.22 2.58
C ASP A 270 15.79 -36.37 3.98
N LEU A 271 16.15 -37.60 4.36
CA LEU A 271 16.70 -37.83 5.70
C LEU A 271 18.05 -37.16 5.97
N ASP A 272 18.92 -37.13 4.96
CA ASP A 272 20.29 -36.69 5.10
C ASP A 272 20.49 -35.25 4.74
N GLU A 273 19.67 -34.70 3.84
CA GLU A 273 19.76 -33.35 3.37
C GLU A 273 18.34 -32.82 3.36
N PRO A 274 17.85 -32.41 4.55
CA PRO A 274 16.44 -32.13 4.72
C PRO A 274 15.87 -30.95 4.01
N TRP A 275 16.71 -30.16 3.31
CA TRP A 275 16.21 -29.14 2.46
C TRP A 275 15.66 -29.73 1.16
N LYS A 276 15.96 -30.99 0.88
CA LYS A 276 15.48 -31.64 -0.34
C LYS A 276 14.13 -32.25 -0.07
N VAL A 277 13.11 -31.71 -0.71
CA VAL A 277 11.72 -32.11 -0.44
C VAL A 277 11.37 -33.25 -1.38
N LYS A 278 10.89 -34.36 -0.83
CA LYS A 278 10.53 -35.49 -1.63
C LYS A 278 9.04 -35.49 -2.03
N PHE A 279 8.14 -35.24 -1.06
CA PHE A 279 6.73 -35.12 -1.38
C PHE A 279 6.14 -33.95 -0.60
N ARG A 280 5.08 -33.35 -1.11
CA ARG A 280 4.48 -32.16 -0.45
C ARG A 280 2.97 -32.17 -0.75
N SER A 281 2.10 -32.25 0.26
CA SER A 281 0.67 -32.46 0.08
C SER A 281 0.02 -31.30 -0.69
N GLY A 282 -0.78 -31.63 -1.70
CA GLY A 282 -1.71 -30.65 -2.31
C GLY A 282 -2.83 -30.19 -1.40
N PRO A 283 -3.57 -31.15 -0.86
CA PRO A 283 -4.58 -30.85 0.09
C PRO A 283 -4.00 -30.52 1.48
N TYR A 284 -4.75 -29.75 2.26
CA TYR A 284 -4.44 -29.60 3.67
C TYR A 284 -4.77 -30.89 4.45
N LEU A 285 -4.13 -31.06 5.61
CA LEU A 285 -4.58 -31.99 6.63
C LEU A 285 -5.74 -31.44 7.48
N LEU A 286 -5.70 -30.12 7.78
CA LEU A 286 -6.63 -29.45 8.65
C LEU A 286 -6.74 -28.01 8.26
N ALA A 287 -7.96 -27.48 8.29
CA ALA A 287 -8.23 -26.11 8.04
C ALA A 287 -9.35 -25.61 8.93
N PRO A 288 -9.44 -24.29 9.11
CA PRO A 288 -10.37 -23.75 10.11
C PRO A 288 -11.79 -24.05 9.71
N ARG A 289 -12.44 -24.71 10.62
CA ARG A 289 -13.76 -25.22 10.43
C ARG A 289 -14.69 -25.02 11.63
N GLU A 290 -14.22 -25.41 12.78
CA GLU A 290 -15.00 -25.31 13.99
C GLU A 290 -15.08 -23.89 14.51
N PRO A 291 -16.17 -23.62 15.34
CA PRO A 291 -16.24 -22.23 15.84
C PRO A 291 -15.01 -21.81 16.62
N TYR A 292 -14.41 -22.71 17.36
CA TYR A 292 -13.18 -22.35 18.11
C TYR A 292 -11.94 -22.14 17.24
N GLU A 293 -12.06 -22.49 15.98
CA GLU A 293 -11.02 -22.15 14.98
C GLU A 293 -11.31 -20.93 14.17
N CYS A 294 -12.58 -20.61 14.07
CA CYS A 294 -13.06 -19.59 13.14
C CYS A 294 -13.25 -18.23 13.87
N MET A 295 -13.57 -18.28 15.15
CA MET A 295 -13.86 -17.10 15.93
C MET A 295 -12.94 -16.99 17.13
N GLY A 296 -12.44 -15.77 17.37
CA GLY A 296 -11.49 -15.47 18.44
C GLY A 296 -10.59 -14.34 18.07
N ASP A 297 -9.48 -14.19 18.78
CA ASP A 297 -8.57 -13.06 18.58
C ASP A 297 -8.06 -12.87 17.16
N VAL A 298 -7.83 -13.97 16.44
CA VAL A 298 -7.44 -13.92 15.06
C VAL A 298 -8.30 -15.03 14.38
N PRO A 299 -9.34 -14.60 13.71
CA PRO A 299 -10.21 -15.61 13.09
C PRO A 299 -9.55 -16.45 12.04
N ASN A 300 -10.01 -17.68 11.91
CA ASN A 300 -9.62 -18.60 10.82
C ASN A 300 -8.16 -19.03 10.87
N VAL A 301 -7.76 -19.64 11.97
CA VAL A 301 -6.38 -20.04 12.21
C VAL A 301 -6.32 -21.40 12.83
N CYS A 302 -5.63 -22.34 12.16
CA CYS A 302 -5.21 -23.62 12.72
C CYS A 302 -3.64 -23.62 12.59
N PHE A 303 -2.93 -23.47 13.72
CA PHE A 303 -1.46 -23.31 13.73
C PHE A 303 -0.81 -24.40 14.57
N PRO A 304 -0.24 -25.42 13.92
CA PRO A 304 0.33 -26.56 14.66
C PRO A 304 1.71 -26.21 15.22
N CYS A 305 1.91 -26.64 16.46
N CYS A 305 1.99 -26.48 16.50
CA CYS A 305 2.97 -26.16 17.28
CA CYS A 305 3.33 -26.20 17.05
C CYS A 305 3.78 -27.31 17.92
C CYS A 305 3.97 -27.43 17.73
N ALA A 306 3.20 -28.51 17.94
CA ALA A 306 3.84 -29.64 18.56
C ALA A 306 3.10 -30.90 18.22
N ALA A 307 3.79 -32.01 18.39
CA ALA A 307 3.25 -33.34 18.20
C ALA A 307 3.89 -34.38 19.12
N LEU A 308 3.07 -35.31 19.61
CA LEU A 308 3.57 -36.46 20.29
C LEU A 308 3.33 -37.64 19.39
N HIS A 309 4.27 -38.59 19.33
CA HIS A 309 4.02 -39.76 18.50
C HIS A 309 4.61 -41.04 19.03
N ASP A 310 4.10 -42.15 18.52
CA ASP A 310 4.55 -43.49 18.97
C ASP A 310 4.82 -44.32 17.75
N ASN A 311 6.08 -44.59 17.47
CA ASN A 311 6.43 -45.35 16.28
C ASN A 311 5.90 -46.78 16.25
N GLU A 312 5.63 -47.34 17.41
CA GLU A 312 5.22 -48.75 17.48
C GLU A 312 3.79 -48.88 17.03
N THR A 313 2.97 -47.90 17.35
CA THR A 313 1.57 -47.93 16.88
C THR A 313 1.30 -47.05 15.67
N GLY A 314 2.23 -46.17 15.30
CA GLY A 314 1.97 -45.18 14.24
C GLY A 314 1.15 -43.97 14.74
N ARG A 315 0.67 -43.98 15.98
CA ARG A 315 -0.19 -42.86 16.48
C ARG A 315 0.56 -41.55 16.55
N ILE A 316 -0.09 -40.48 16.09
CA ILE A 316 0.39 -39.13 16.32
C ILE A 316 -0.71 -38.23 16.83
N ALA A 317 -0.37 -37.34 17.78
CA ALA A 317 -1.30 -36.35 18.34
C ALA A 317 -0.67 -35.00 18.08
N ILE A 318 -1.37 -34.18 17.32
CA ILE A 318 -0.88 -32.84 16.91
C ILE A 318 -1.55 -31.73 17.65
N TYR A 319 -0.74 -30.91 18.35
CA TYR A 319 -1.22 -29.79 19.08
C TYR A 319 -1.28 -28.58 18.15
N TYR A 320 -2.42 -27.87 18.13
CA TYR A 320 -2.50 -26.68 17.26
C TYR A 320 -3.26 -25.52 17.93
N GLY A 321 -2.80 -24.30 17.66
CA GLY A 321 -3.49 -23.08 18.14
C GLY A 321 -4.74 -22.92 17.30
N CYS A 322 -5.81 -22.47 17.93
CA CYS A 322 -7.06 -22.21 17.32
C CYS A 322 -7.43 -20.74 17.47
N ALA A 323 -7.52 -20.04 16.34
CA ALA A 323 -7.91 -18.66 16.35
C ALA A 323 -7.07 -17.77 17.24
N ASP A 324 -5.82 -18.15 17.41
CA ASP A 324 -4.91 -17.46 18.33
C ASP A 324 -5.59 -17.24 19.69
N THR A 325 -6.38 -18.22 20.11
CA THR A 325 -7.17 -18.08 21.35
C THR A 325 -7.01 -19.27 22.30
N VAL A 326 -7.13 -20.45 21.76
CA VAL A 326 -7.13 -21.68 22.55
C VAL A 326 -6.27 -22.72 21.86
N THR A 327 -6.08 -23.86 22.53
CA THR A 327 -5.28 -24.97 21.98
C THR A 327 -6.17 -26.19 21.72
N GLY A 328 -6.03 -26.75 20.55
CA GLY A 328 -6.73 -27.98 20.21
C GLY A 328 -5.77 -29.16 19.92
N LEU A 329 -6.35 -30.36 19.79
CA LEU A 329 -5.64 -31.55 19.45
C LEU A 329 -6.28 -32.20 18.24
N ALA A 330 -5.46 -32.88 17.41
CA ALA A 330 -5.96 -33.63 16.26
C ALA A 330 -5.11 -34.87 16.21
N PHE A 331 -5.71 -35.97 15.78
CA PHE A 331 -5.06 -37.28 15.82
C PHE A 331 -5.02 -37.90 14.42
N GLY A 332 -4.01 -38.75 14.20
CA GLY A 332 -3.92 -39.58 13.03
C GLY A 332 -2.84 -40.63 13.18
N TYR A 333 -2.62 -41.37 12.10
CA TYR A 333 -1.57 -42.39 11.97
C TYR A 333 -0.50 -41.96 11.00
N ILE A 334 0.77 -42.05 11.42
CA ILE A 334 1.89 -41.61 10.60
C ILE A 334 1.90 -42.32 9.23
N PRO A 335 1.65 -43.62 9.22
CA PRO A 335 1.76 -44.21 7.85
C PRO A 335 0.67 -43.71 6.92
N GLU A 336 -0.52 -43.45 7.45
CA GLU A 336 -1.62 -42.87 6.65
C GLU A 336 -1.34 -41.42 6.16
N ILE A 337 -0.76 -40.62 7.06
CA ILE A 337 -0.29 -39.29 6.70
C ILE A 337 0.76 -39.36 5.61
N ILE A 338 1.71 -40.29 5.76
N ILE A 338 1.71 -40.28 5.74
CA ILE A 338 2.76 -40.48 4.76
CA ILE A 338 2.75 -40.40 4.71
C ILE A 338 2.15 -40.87 3.40
C ILE A 338 2.15 -40.87 3.38
N GLU A 339 1.19 -41.80 3.41
CA GLU A 339 0.58 -42.31 2.18
C GLU A 339 -0.13 -41.17 1.46
N PHE A 340 -0.81 -40.33 2.27
CA PHE A 340 -1.61 -39.23 1.77
C PHE A 340 -0.69 -38.23 1.16
N THR A 341 0.41 -37.93 1.86
CA THR A 341 1.31 -36.91 1.41
C THR A 341 1.92 -37.32 0.04
N LYS A 342 2.29 -38.60 -0.12
CA LYS A 342 2.78 -39.04 -1.43
C LYS A 342 1.71 -39.06 -2.52
N ARG A 343 0.55 -39.60 -2.20
CA ARG A 343 -0.50 -39.80 -3.21
C ARG A 343 -1.02 -38.46 -3.74
N THR A 344 -1.01 -37.42 -2.89
CA THR A 344 -1.51 -36.14 -3.25
C THR A 344 -0.43 -35.12 -3.53
N SER A 345 0.77 -35.62 -3.73
CA SER A 345 1.91 -34.74 -3.78
C SER A 345 1.85 -33.76 -4.96
N ILE A 346 2.35 -32.53 -4.75
CA ILE A 346 2.40 -31.54 -5.82
C ILE A 346 3.77 -31.46 -6.40
N ILE A 347 4.70 -32.25 -5.87
CA ILE A 347 6.00 -32.41 -6.53
C ILE A 347 6.20 -33.87 -6.82
N ILE B 28 -41.89 -26.63 -11.64
CA ILE B 28 -42.30 -26.19 -10.32
C ILE B 28 -41.06 -25.78 -9.53
N ILE B 29 -40.96 -24.52 -9.20
CA ILE B 29 -39.77 -24.03 -8.52
C ILE B 29 -39.96 -24.11 -7.00
N PRO B 30 -38.84 -24.20 -6.28
CA PRO B 30 -38.90 -24.24 -4.82
C PRO B 30 -39.58 -23.01 -4.27
N TRP B 31 -40.33 -23.16 -3.16
CA TRP B 31 -41.03 -22.04 -2.56
C TRP B 31 -41.28 -22.27 -1.09
N GLU B 32 -41.13 -21.19 -0.31
CA GLU B 32 -41.57 -21.14 1.08
C GLU B 32 -42.29 -19.82 1.25
N GLU B 33 -43.49 -19.86 1.84
CA GLU B 33 -44.30 -18.64 1.94
C GLU B 33 -43.66 -17.68 2.97
N ARG B 34 -43.86 -16.38 2.79
CA ARG B 34 -43.33 -15.44 3.73
C ARG B 34 -43.84 -15.75 5.09
N PRO B 35 -42.95 -15.75 6.07
CA PRO B 35 -43.34 -15.98 7.42
C PRO B 35 -44.33 -14.96 7.95
N ALA B 36 -45.10 -15.42 8.93
CA ALA B 36 -46.15 -14.62 9.51
C ALA B 36 -45.50 -13.30 9.97
N GLY B 37 -46.09 -12.17 9.58
CA GLY B 37 -45.57 -10.85 9.99
C GLY B 37 -44.15 -10.46 9.55
N CYS B 38 -43.61 -11.09 8.54
CA CYS B 38 -42.31 -10.68 8.00
C CYS B 38 -42.63 -9.64 6.95
N LYS B 39 -42.00 -8.48 7.06
CA LYS B 39 -42.20 -7.37 6.13
C LYS B 39 -41.09 -7.32 5.10
N ASP B 40 -40.22 -8.30 5.06
CA ASP B 40 -39.03 -8.13 4.20
C ASP B 40 -39.41 -8.57 2.81
N VAL B 41 -38.73 -7.96 1.83
CA VAL B 41 -38.97 -8.32 0.47
C VAL B 41 -38.45 -9.69 0.10
N LEU B 42 -37.31 -10.07 0.68
CA LEU B 42 -36.81 -11.42 0.52
C LEU B 42 -36.76 -12.10 1.87
N TRP B 43 -36.97 -13.39 1.89
CA TRP B 43 -36.79 -14.16 3.10
C TRP B 43 -36.02 -15.46 2.86
N ARG B 44 -35.19 -15.84 3.83
CA ARG B 44 -34.31 -17.02 3.70
C ARG B 44 -35.13 -18.28 3.86
N SER B 45 -34.72 -19.31 3.17
CA SER B 45 -35.21 -20.66 3.43
C SER B 45 -34.89 -21.11 4.85
N VAL B 46 -35.88 -21.73 5.50
CA VAL B 46 -35.66 -22.31 6.80
C VAL B 46 -34.71 -23.48 6.72
N ALA B 47 -34.57 -24.04 5.54
CA ALA B 47 -33.63 -25.18 5.32
C ALA B 47 -32.17 -24.78 5.04
N ASN B 48 -31.85 -23.49 5.13
CA ASN B 48 -30.48 -23.07 4.79
C ASN B 48 -29.48 -23.56 5.80
N PRO B 49 -28.29 -23.94 5.37
CA PRO B 49 -27.91 -23.91 3.96
C PRO B 49 -28.37 -25.18 3.25
N ILE B 50 -28.81 -25.02 2.02
CA ILE B 50 -29.32 -26.14 1.21
C ILE B 50 -28.26 -27.07 0.61
N ILE B 51 -27.03 -26.60 0.43
CA ILE B 51 -25.95 -27.42 -0.03
C ILE B 51 -24.79 -27.27 0.98
N PRO B 52 -24.38 -28.39 1.59
CA PRO B 52 -23.25 -28.27 2.56
C PRO B 52 -21.86 -28.26 1.93
N ARG B 53 -20.87 -27.86 2.72
CA ARG B 53 -19.50 -27.67 2.21
C ARG B 53 -18.87 -29.02 1.85
N ASP B 54 -19.31 -30.08 2.52
CA ASP B 54 -18.67 -31.39 2.39
C ASP B 54 -19.51 -32.42 1.62
N LEU B 55 -20.33 -31.95 0.70
CA LEU B 55 -21.09 -32.84 -0.15
C LEU B 55 -20.25 -33.85 -0.95
N LEU B 56 -19.08 -33.45 -1.44
CA LEU B 56 -18.20 -34.33 -2.19
C LEU B 56 -17.10 -34.83 -1.32
N PRO B 57 -16.47 -35.94 -1.71
CA PRO B 57 -15.41 -36.46 -0.84
C PRO B 57 -14.23 -35.50 -0.68
N THR B 58 -13.93 -34.65 -1.68
CA THR B 58 -12.83 -33.70 -1.54
C THR B 58 -13.27 -32.23 -1.49
N SER B 59 -14.57 -31.97 -1.29
CA SER B 59 -15.00 -30.56 -1.30
C SER B 59 -14.66 -29.85 -0.01
N ASN B 60 -14.10 -28.66 -0.18
CA ASN B 60 -13.88 -27.72 0.94
C ASN B 60 -15.07 -26.78 1.13
N SER B 61 -15.67 -26.42 0.02
CA SER B 61 -16.78 -25.47 0.02
C SER B 61 -17.51 -25.50 -1.32
N ILE B 62 -18.82 -25.23 -1.26
CA ILE B 62 -19.67 -25.26 -2.42
C ILE B 62 -20.60 -24.05 -2.30
N PHE B 63 -20.34 -23.00 -3.07
N PHE B 63 -20.45 -23.11 -3.24
CA PHE B 63 -20.97 -21.74 -2.75
CA PHE B 63 -21.07 -21.81 -3.16
C PHE B 63 -21.37 -20.91 -3.95
C PHE B 63 -21.07 -21.12 -4.54
N ASN B 64 -21.23 -21.44 -5.15
N ASN B 64 -21.55 -19.89 -4.62
CA ASN B 64 -21.93 -20.88 -6.28
CA ASN B 64 -21.45 -19.09 -5.86
C ASN B 64 -22.72 -21.97 -6.94
C ASN B 64 -21.79 -19.94 -7.11
N SER B 65 -24.02 -21.73 -7.19
N SER B 65 -22.98 -20.57 -7.13
CA SER B 65 -24.86 -22.71 -7.80
CA SER B 65 -23.34 -21.63 -8.15
C SER B 65 -25.62 -22.12 -9.00
C SER B 65 -24.59 -21.39 -9.06
N ALA B 66 -25.10 -22.35 -10.21
N ALA B 66 -24.64 -22.09 -10.20
CA ALA B 66 -25.66 -21.79 -11.45
CA ALA B 66 -25.62 -21.79 -11.26
C ALA B 66 -26.72 -22.69 -12.03
C ALA B 66 -26.68 -22.86 -11.48
N VAL B 67 -27.94 -22.49 -11.57
N VAL B 67 -27.96 -22.46 -11.43
CA VAL B 67 -29.00 -23.49 -11.73
CA VAL B 67 -29.13 -23.37 -11.51
C VAL B 67 -30.13 -23.02 -12.61
C VAL B 67 -30.04 -23.00 -12.70
N VAL B 68 -30.63 -24.01 -13.35
CA VAL B 68 -31.64 -23.81 -14.36
C VAL B 68 -32.61 -25.01 -14.45
N PRO B 69 -33.83 -24.80 -14.98
CA PRO B 69 -34.65 -25.98 -15.30
C PRO B 69 -34.00 -26.77 -16.39
N PHE B 70 -34.15 -28.07 -16.31
CA PHE B 70 -33.60 -28.98 -17.30
C PHE B 70 -34.42 -30.25 -17.32
N GLY B 71 -35.04 -30.51 -18.46
CA GLY B 71 -35.87 -31.70 -18.68
C GLY B 71 -37.00 -31.66 -17.67
N ASP B 72 -37.13 -32.69 -16.87
CA ASP B 72 -38.22 -32.77 -15.86
C ASP B 72 -37.83 -32.25 -14.46
N GLY B 73 -36.61 -31.76 -14.29
CA GLY B 73 -36.13 -31.30 -12.98
C GLY B 73 -35.17 -30.15 -13.27
N PHE B 74 -34.00 -30.22 -12.70
CA PHE B 74 -33.08 -29.09 -12.74
C PHE B 74 -31.64 -29.52 -12.86
N ALA B 75 -30.80 -28.62 -13.40
CA ALA B 75 -29.41 -28.89 -13.54
C ALA B 75 -28.65 -27.67 -13.11
N GLY B 76 -27.35 -27.88 -12.87
CA GLY B 76 -26.51 -26.72 -12.57
C GLY B 76 -25.05 -26.95 -12.76
N VAL B 77 -24.31 -25.85 -12.75
CA VAL B 77 -22.84 -25.87 -12.67
C VAL B 77 -22.48 -25.15 -11.35
N PHE B 78 -21.75 -25.86 -10.52
CA PHE B 78 -21.41 -25.50 -9.18
C PHE B 78 -19.93 -25.26 -8.99
N ARG B 79 -19.60 -24.16 -8.33
CA ARG B 79 -18.24 -23.96 -7.89
C ARG B 79 -18.01 -24.73 -6.65
N CYS B 80 -17.17 -25.76 -6.76
CA CYS B 80 -16.81 -26.62 -5.62
C CYS B 80 -15.31 -26.47 -5.41
N ASP B 81 -14.88 -25.71 -4.38
CA ASP B 81 -13.45 -25.59 -4.15
C ASP B 81 -13.05 -26.84 -3.34
N ASP B 82 -11.95 -27.45 -3.70
CA ASP B 82 -11.46 -28.66 -3.05
C ASP B 82 -10.54 -28.39 -1.85
N THR B 83 -10.08 -29.47 -1.23
CA THR B 83 -9.22 -29.46 -0.07
C THR B 83 -7.78 -28.97 -0.37
N SER B 84 -7.45 -28.77 -1.63
CA SER B 84 -6.23 -28.10 -2.04
C SER B 84 -6.51 -26.60 -2.28
N ARG B 85 -7.75 -26.20 -2.06
CA ARG B 85 -8.27 -24.86 -2.30
C ARG B 85 -8.17 -24.42 -3.78
N ARG B 86 -8.21 -25.43 -4.64
CA ARG B 86 -8.39 -25.19 -6.06
C ARG B 86 -9.86 -24.95 -6.38
N MET B 87 -10.06 -24.10 -7.37
CA MET B 87 -11.39 -23.70 -7.82
C MET B 87 -11.78 -24.49 -9.06
N ARG B 88 -12.79 -25.34 -8.93
CA ARG B 88 -13.26 -26.21 -10.03
C ARG B 88 -14.81 -26.11 -10.15
N LEU B 89 -15.30 -26.44 -11.35
CA LEU B 89 -16.72 -26.48 -11.72
C LEU B 89 -17.18 -27.91 -11.77
N HIS B 90 -18.33 -28.20 -11.18
CA HIS B 90 -18.92 -29.52 -11.23
C HIS B 90 -20.41 -29.42 -11.64
N VAL B 91 -20.86 -30.38 -12.44
CA VAL B 91 -22.26 -30.46 -12.81
C VAL B 91 -23.08 -31.10 -11.67
N GLY B 92 -24.25 -30.53 -11.43
CA GLY B 92 -25.26 -31.28 -10.65
C GLY B 92 -26.62 -31.34 -11.24
N PHE B 93 -27.42 -32.22 -10.65
CA PHE B 93 -28.80 -32.43 -11.04
C PHE B 93 -29.66 -32.56 -9.79
N SER B 94 -30.92 -32.18 -9.93
CA SER B 94 -31.91 -32.23 -8.83
C SER B 94 -33.30 -32.36 -9.38
N LYS B 95 -34.16 -33.11 -8.69
N LYS B 95 -34.13 -33.13 -8.67
CA LYS B 95 -35.55 -33.13 -9.10
CA LYS B 95 -35.55 -33.18 -9.02
C LYS B 95 -36.37 -31.93 -8.57
C LYS B 95 -36.33 -31.95 -8.58
N ASP B 96 -35.92 -31.32 -7.48
CA ASP B 96 -36.65 -30.24 -6.86
C ASP B 96 -35.89 -28.89 -6.64
N ALA B 97 -34.65 -28.83 -7.10
CA ALA B 97 -33.77 -27.65 -7.00
C ALA B 97 -33.29 -27.34 -5.56
N ILE B 98 -33.51 -28.26 -4.63
CA ILE B 98 -33.15 -28.11 -3.22
C ILE B 98 -32.18 -29.20 -2.79
N ASN B 99 -32.45 -30.43 -3.17
CA ASN B 99 -31.60 -31.58 -2.86
C ASN B 99 -30.81 -31.93 -4.13
N TRP B 100 -29.52 -31.64 -4.08
CA TRP B 100 -28.62 -31.74 -5.22
C TRP B 100 -27.73 -32.96 -5.21
N ASN B 101 -27.59 -33.57 -6.38
N ASN B 101 -27.66 -33.64 -6.36
CA ASN B 101 -26.64 -34.62 -6.60
CA ASN B 101 -26.66 -34.66 -6.63
C ASN B 101 -25.56 -34.10 -7.55
C ASN B 101 -25.60 -34.01 -7.52
N ILE B 102 -24.43 -33.77 -6.97
CA ILE B 102 -23.34 -33.10 -7.70
C ILE B 102 -22.29 -34.13 -8.07
N LYS B 103 -21.80 -34.09 -9.30
CA LYS B 103 -20.84 -35.06 -9.76
C LYS B 103 -19.52 -34.93 -8.98
N GLU B 104 -18.90 -36.04 -8.63
CA GLU B 104 -17.65 -35.99 -7.88
C GLU B 104 -16.53 -35.45 -8.70
N GLU B 105 -16.50 -35.72 -10.00
CA GLU B 105 -15.35 -35.32 -10.84
C GLU B 105 -15.62 -33.94 -11.40
N PRO B 106 -14.61 -33.05 -11.42
CA PRO B 106 -14.78 -31.74 -12.10
C PRO B 106 -15.21 -31.91 -13.56
N LEU B 107 -16.04 -30.99 -14.01
CA LEU B 107 -16.44 -30.85 -15.38
C LEU B 107 -15.21 -30.51 -16.23
N LYS B 108 -15.04 -31.13 -17.37
CA LYS B 108 -13.99 -30.77 -18.36
C LYS B 108 -14.60 -30.25 -19.60
N PHE B 109 -14.03 -29.20 -20.15
CA PHE B 109 -14.59 -28.57 -21.36
C PHE B 109 -13.87 -29.12 -22.57
N GLN B 110 -14.62 -29.36 -23.66
CA GLN B 110 -14.00 -29.74 -24.93
C GLN B 110 -13.76 -28.46 -25.70
N CYS B 111 -12.65 -28.36 -26.37
CA CYS B 111 -12.34 -27.13 -27.06
C CYS B 111 -11.58 -27.38 -28.35
N ASP B 112 -11.98 -26.70 -29.42
CA ASP B 112 -11.30 -26.86 -30.68
C ASP B 112 -9.88 -26.34 -30.62
N ASP B 113 -9.57 -25.44 -29.68
CA ASP B 113 -8.33 -24.71 -29.74
C ASP B 113 -7.55 -25.05 -28.50
N GLU B 114 -6.36 -25.59 -28.65
CA GLU B 114 -5.63 -26.05 -27.48
C GLU B 114 -5.24 -24.95 -26.53
N GLU B 115 -4.91 -23.77 -27.07
N GLU B 115 -4.89 -23.78 -27.03
CA GLU B 115 -4.50 -22.59 -26.29
CA GLU B 115 -4.52 -22.71 -26.13
C GLU B 115 -5.61 -22.06 -25.36
C GLU B 115 -5.70 -22.31 -25.24
N ILE B 116 -6.83 -21.99 -25.86
CA ILE B 116 -8.02 -21.53 -25.09
C ILE B 116 -8.55 -22.65 -24.25
N GLY B 117 -8.41 -23.87 -24.74
CA GLY B 117 -8.82 -25.09 -24.05
C GLY B 117 -8.01 -25.52 -22.82
N THR B 118 -6.91 -24.83 -22.53
CA THR B 118 -6.08 -25.12 -21.39
C THR B 118 -6.73 -24.66 -20.08
N TRP B 119 -6.87 -25.58 -19.12
CA TRP B 119 -7.49 -25.28 -17.85
C TRP B 119 -6.48 -24.77 -16.84
N VAL B 120 -6.74 -23.63 -16.24
CA VAL B 120 -5.94 -23.07 -15.15
C VAL B 120 -6.75 -23.06 -13.87
N TYR B 121 -7.90 -22.37 -13.92
CA TYR B 121 -8.89 -22.40 -12.83
C TYR B 121 -10.22 -21.88 -13.33
N GLY B 122 -11.27 -22.12 -12.54
CA GLY B 122 -12.56 -21.55 -12.87
C GLY B 122 -13.48 -21.39 -11.71
N TYR B 123 -14.17 -20.28 -11.69
CA TYR B 123 -15.10 -19.98 -10.60
C TYR B 123 -16.21 -19.11 -11.11
N ASP B 124 -17.04 -18.54 -10.27
N ASP B 124 -17.16 -18.94 -10.19
CA ASP B 124 -18.07 -17.63 -10.80
CA ASP B 124 -18.39 -18.09 -10.26
C ASP B 124 -18.90 -18.21 -12.03
C ASP B 124 -19.17 -18.21 -11.63
N PRO B 125 -19.52 -19.44 -11.94
CA PRO B 125 -20.36 -19.81 -13.07
C PRO B 125 -21.73 -19.14 -13.08
N ARG B 126 -22.22 -18.86 -14.31
CA ARG B 126 -23.62 -18.51 -14.55
C ARG B 126 -24.11 -19.36 -15.73
N VAL B 127 -25.38 -19.77 -15.67
CA VAL B 127 -25.97 -20.60 -16.73
C VAL B 127 -27.33 -20.07 -17.14
N CYS B 128 -27.55 -20.02 -18.45
CA CYS B 128 -28.89 -19.84 -19.02
C CYS B 128 -29.03 -20.45 -20.40
N PHE B 129 -30.28 -20.73 -20.72
CA PHE B 129 -30.68 -21.20 -22.04
C PHE B 129 -30.85 -20.00 -22.94
N ILE B 130 -30.23 -20.05 -24.11
CA ILE B 130 -30.48 -19.04 -25.10
C ILE B 130 -30.80 -19.70 -26.44
N GLU B 131 -32.04 -19.53 -26.85
CA GLU B 131 -32.54 -20.01 -28.12
C GLU B 131 -32.60 -21.53 -28.34
N ASP B 132 -31.46 -22.19 -28.31
CA ASP B 132 -31.43 -23.62 -28.63
C ASP B 132 -30.46 -24.45 -27.80
N ARG B 133 -29.90 -23.83 -26.78
CA ARG B 133 -28.96 -24.53 -25.95
C ARG B 133 -28.70 -23.77 -24.63
N TYR B 134 -28.04 -24.42 -23.70
CA TYR B 134 -27.55 -23.78 -22.50
C TYR B 134 -26.17 -23.19 -22.65
N TYR B 135 -26.01 -21.96 -22.22
CA TYR B 135 -24.68 -21.37 -22.19
C TYR B 135 -24.19 -21.28 -20.75
N VAL B 136 -22.89 -21.53 -20.59
N VAL B 136 -22.90 -21.49 -20.57
CA VAL B 136 -22.17 -21.35 -19.32
CA VAL B 136 -22.27 -21.36 -19.25
C VAL B 136 -21.15 -20.24 -19.51
C VAL B 136 -21.10 -20.38 -19.40
N THR B 137 -21.08 -19.33 -18.55
CA THR B 137 -19.94 -18.42 -18.41
C THR B 137 -19.32 -18.67 -17.05
N TRP B 138 -18.06 -18.31 -16.92
CA TRP B 138 -17.38 -18.52 -15.66
C TRP B 138 -16.14 -17.64 -15.64
N CYS B 139 -15.57 -17.40 -14.44
CA CYS B 139 -14.32 -16.65 -14.33
C CYS B 139 -13.24 -17.69 -14.64
N ASN B 140 -12.66 -17.53 -15.82
CA ASN B 140 -11.73 -18.47 -16.38
C ASN B 140 -10.35 -17.89 -16.38
N GLY B 141 -9.39 -18.67 -15.92
CA GLY B 141 -8.01 -18.20 -15.97
C GLY B 141 -7.32 -18.33 -17.36
N TYR B 142 -6.97 -17.18 -17.91
CA TYR B 142 -6.20 -17.12 -19.14
C TYR B 142 -5.29 -15.91 -18.98
N HIS B 143 -4.10 -16.13 -18.42
CA HIS B 143 -3.22 -15.04 -18.05
C HIS B 143 -3.93 -14.03 -17.15
N GLY B 144 -4.67 -14.57 -16.19
CA GLY B 144 -5.50 -13.80 -15.31
C GLY B 144 -6.98 -14.05 -15.52
N PRO B 145 -7.79 -13.47 -14.64
CA PRO B 145 -9.22 -13.75 -14.73
C PRO B 145 -9.88 -13.08 -15.98
N THR B 146 -10.61 -13.89 -16.70
CA THR B 146 -11.49 -13.43 -17.75
C THR B 146 -12.77 -14.20 -17.80
N ILE B 147 -13.60 -13.99 -18.82
N ILE B 147 -13.63 -13.94 -18.79
CA ILE B 147 -14.91 -14.63 -18.84
CA ILE B 147 -14.91 -14.62 -18.90
C ILE B 147 -14.92 -15.72 -19.92
C ILE B 147 -14.74 -15.72 -19.94
N GLY B 148 -14.88 -16.96 -19.47
CA GLY B 148 -14.94 -18.09 -20.31
C GLY B 148 -16.39 -18.30 -20.67
N VAL B 149 -16.57 -18.93 -21.82
CA VAL B 149 -17.88 -19.21 -22.42
C VAL B 149 -17.93 -20.63 -22.99
N ALA B 150 -19.02 -21.34 -22.72
CA ALA B 150 -19.18 -22.66 -23.30
C ALA B 150 -20.64 -22.93 -23.52
N TYR B 151 -21.00 -23.97 -24.27
CA TYR B 151 -22.42 -24.35 -24.36
C TYR B 151 -22.57 -25.86 -24.18
N THR B 152 -23.78 -26.27 -23.84
CA THR B 152 -24.14 -27.67 -23.70
C THR B 152 -25.59 -27.89 -24.07
N PHE B 153 -25.91 -29.10 -24.58
CA PHE B 153 -27.32 -29.49 -24.76
C PHE B 153 -27.80 -30.38 -23.67
N ASP B 154 -26.88 -30.95 -22.92
CA ASP B 154 -27.24 -32.05 -22.04
C ASP B 154 -26.61 -32.05 -20.64
N PHE B 155 -25.79 -31.05 -20.33
CA PHE B 155 -25.08 -30.94 -19.01
C PHE B 155 -24.17 -32.15 -18.81
N GLU B 156 -23.73 -32.72 -19.92
CA GLU B 156 -22.74 -33.85 -19.92
C GLU B 156 -21.51 -33.47 -20.72
N THR B 157 -21.71 -33.01 -21.96
CA THR B 157 -20.65 -32.51 -22.79
C THR B 157 -20.75 -31.04 -22.96
N PHE B 158 -19.65 -30.37 -22.67
CA PHE B 158 -19.54 -28.89 -22.79
C PHE B 158 -18.54 -28.50 -23.80
N HIS B 159 -18.94 -27.65 -24.72
CA HIS B 159 -18.07 -27.12 -25.75
C HIS B 159 -17.66 -25.71 -25.46
N GLN B 160 -16.36 -25.52 -25.33
CA GLN B 160 -15.81 -24.24 -24.92
C GLN B 160 -15.60 -23.36 -26.14
N LEU B 161 -16.00 -22.11 -26.03
CA LEU B 161 -15.85 -21.15 -27.07
C LEU B 161 -14.72 -20.15 -26.68
N GLU B 162 -14.48 -19.15 -27.52
CA GLU B 162 -13.56 -18.08 -27.13
C GLU B 162 -13.94 -17.39 -25.81
N ASN B 163 -12.93 -17.08 -25.01
CA ASN B 163 -13.14 -16.19 -23.89
C ASN B 163 -13.67 -14.91 -24.42
N ALA B 164 -14.62 -14.33 -23.74
CA ALA B 164 -15.32 -13.21 -24.34
C ALA B 164 -14.52 -11.97 -24.38
N PHE B 165 -13.68 -11.74 -23.36
CA PHE B 165 -12.95 -10.50 -23.14
C PHE B 165 -11.49 -10.82 -22.85
N ILE B 166 -10.66 -9.79 -22.98
N ILE B 166 -10.65 -9.81 -22.99
CA ILE B 166 -9.31 -9.80 -22.46
CA ILE B 166 -9.28 -9.85 -22.56
C ILE B 166 -9.35 -9.69 -20.95
C ILE B 166 -9.30 -9.68 -21.01
N PRO B 167 -8.42 -10.35 -20.25
CA PRO B 167 -8.31 -10.07 -18.78
C PRO B 167 -8.15 -8.56 -18.52
N PHE B 168 -8.56 -8.01 -17.36
CA PHE B 168 -9.07 -8.72 -16.21
C PHE B 168 -10.56 -8.48 -16.06
N ASN B 169 -11.35 -9.53 -15.93
CA ASN B 169 -12.79 -9.39 -15.97
C ASN B 169 -13.43 -10.58 -15.25
N ARG B 170 -14.57 -10.36 -14.63
CA ARG B 170 -15.37 -11.48 -14.11
C ARG B 170 -16.77 -10.97 -13.81
N ASN B 171 -17.57 -11.76 -13.13
CA ASN B 171 -19.03 -11.48 -13.03
C ASN B 171 -19.71 -11.31 -14.42
N GLY B 172 -19.33 -12.21 -15.33
CA GLY B 172 -19.95 -12.32 -16.62
C GLY B 172 -21.29 -13.01 -16.52
N VAL B 173 -22.35 -12.34 -17.03
CA VAL B 173 -23.71 -12.85 -16.93
C VAL B 173 -24.45 -12.54 -18.23
N LEU B 174 -24.80 -13.59 -18.96
CA LEU B 174 -25.55 -13.48 -20.17
C LEU B 174 -26.98 -13.10 -19.96
N PHE B 175 -27.55 -12.43 -20.96
CA PHE B 175 -29.01 -12.27 -21.00
C PHE B 175 -29.64 -13.54 -21.59
N PRO B 176 -30.86 -13.89 -21.14
CA PRO B 176 -31.44 -15.19 -21.56
C PRO B 176 -32.12 -15.20 -22.94
N ARG B 177 -31.96 -14.15 -23.73
CA ARG B 177 -32.36 -14.14 -25.13
C ARG B 177 -31.47 -13.10 -25.76
N LYS B 178 -31.51 -13.01 -27.07
CA LYS B 178 -30.84 -11.98 -27.80
C LYS B 178 -31.60 -10.65 -27.62
N ILE B 179 -30.82 -9.57 -27.70
CA ILE B 179 -31.29 -8.25 -27.60
C ILE B 179 -31.12 -7.66 -29.00
N ASN B 180 -32.26 -7.40 -29.64
N ASN B 180 -32.24 -7.40 -29.66
CA ASN B 180 -32.33 -6.92 -31.05
CA ASN B 180 -32.24 -6.83 -31.02
C ASN B 180 -31.33 -7.64 -31.93
C ASN B 180 -31.28 -7.63 -31.91
N GLY B 181 -31.35 -8.96 -31.81
CA GLY B 181 -30.60 -9.82 -32.68
C GLY B 181 -29.16 -10.07 -32.34
N ARG B 182 -28.71 -9.62 -31.16
CA ARG B 182 -27.33 -9.95 -30.75
C ARG B 182 -27.37 -10.62 -29.41
N PHE B 183 -26.41 -11.47 -29.16
CA PHE B 183 -26.19 -11.96 -27.78
C PHE B 183 -25.75 -10.76 -26.92
N ALA B 184 -26.09 -10.79 -25.64
CA ALA B 184 -25.70 -9.70 -24.75
C ALA B 184 -25.19 -10.26 -23.40
N MET B 185 -24.16 -9.61 -22.87
CA MET B 185 -23.52 -10.02 -21.62
C MET B 185 -23.14 -8.88 -20.69
N LEU B 186 -23.48 -9.00 -19.39
CA LEU B 186 -22.96 -8.03 -18.40
C LEU B 186 -21.60 -8.56 -17.96
N SER B 187 -20.69 -7.64 -17.57
CA SER B 187 -19.39 -8.06 -17.09
C SER B 187 -18.91 -6.99 -16.10
N ARG B 188 -17.66 -7.13 -15.70
CA ARG B 188 -17.15 -6.39 -14.55
C ARG B 188 -15.64 -6.27 -14.63
N PRO B 189 -15.16 -5.24 -15.27
CA PRO B 189 -13.74 -5.13 -15.29
C PRO B 189 -13.10 -5.19 -13.91
N SER B 190 -11.98 -5.88 -13.84
CA SER B 190 -11.34 -6.19 -12.56
C SER B 190 -9.84 -5.94 -12.65
N ASP B 191 -9.12 -6.49 -11.67
CA ASP B 191 -7.67 -6.51 -11.63
C ASP B 191 -7.21 -7.93 -11.34
N ASN B 192 -5.92 -8.14 -11.06
CA ASN B 192 -5.51 -9.51 -10.73
C ASN B 192 -5.40 -9.79 -9.26
N GLY B 193 -6.20 -9.14 -8.43
CA GLY B 193 -6.25 -9.47 -6.99
C GLY B 193 -7.64 -9.29 -6.39
N HIS B 194 -7.69 -8.94 -5.12
CA HIS B 194 -8.96 -8.71 -4.52
C HIS B 194 -9.37 -7.28 -4.91
N THR B 195 -9.99 -7.20 -6.06
CA THR B 195 -10.14 -5.94 -6.73
C THR B 195 -10.87 -4.88 -5.89
N PRO B 196 -10.32 -3.67 -5.78
CA PRO B 196 -10.89 -2.67 -4.87
C PRO B 196 -11.77 -1.62 -5.55
N PHE B 197 -12.39 -2.03 -6.62
CA PHE B 197 -13.22 -1.18 -7.48
C PHE B 197 -14.05 -2.14 -8.30
N GLY B 198 -15.07 -1.62 -9.00
CA GLY B 198 -15.74 -2.45 -9.99
C GLY B 198 -17.05 -1.88 -10.45
N ASP B 199 -17.09 -1.53 -11.73
CA ASP B 199 -18.31 -1.12 -12.41
C ASP B 199 -18.89 -2.30 -13.23
N ILE B 200 -20.22 -2.38 -13.37
CA ILE B 200 -20.86 -3.30 -14.31
C ILE B 200 -20.92 -2.67 -15.71
N PHE B 201 -20.54 -3.49 -16.70
CA PHE B 201 -20.51 -3.19 -18.10
C PHE B 201 -21.48 -4.17 -18.81
N TYR B 202 -21.86 -3.76 -20.01
CA TYR B 202 -22.70 -4.45 -20.93
C TYR B 202 -22.03 -4.52 -22.30
N SER B 203 -22.09 -5.68 -22.94
CA SER B 203 -21.48 -5.89 -24.29
C SER B 203 -22.32 -6.80 -25.10
N GLU B 204 -22.15 -6.73 -26.43
CA GLU B 204 -22.93 -7.52 -27.38
C GLU B 204 -22.04 -8.27 -28.34
N SER B 205 -22.65 -9.30 -28.92
CA SER B 205 -21.98 -10.11 -29.90
C SER B 205 -22.98 -10.66 -30.90
N PRO B 206 -22.64 -10.57 -32.20
CA PRO B 206 -23.49 -11.18 -33.20
C PRO B 206 -23.34 -12.68 -33.25
N ASP B 207 -22.32 -13.26 -32.65
CA ASP B 207 -21.92 -14.63 -33.01
C ASP B 207 -21.31 -15.48 -31.93
N MET B 208 -21.25 -14.96 -30.70
CA MET B 208 -20.71 -15.67 -29.57
C MET B 208 -19.19 -15.88 -29.72
N GLU B 209 -18.54 -15.02 -30.50
CA GLU B 209 -17.13 -15.09 -30.73
C GLU B 209 -16.53 -13.72 -30.65
N PHE B 210 -17.08 -12.73 -31.37
CA PHE B 210 -16.58 -11.37 -31.33
C PHE B 210 -17.57 -10.49 -30.53
N TRP B 211 -17.00 -9.70 -29.64
CA TRP B 211 -17.76 -8.85 -28.74
C TRP B 211 -17.44 -7.38 -28.87
N GLY B 212 -18.42 -6.54 -28.57
CA GLY B 212 -18.23 -5.13 -28.75
C GLY B 212 -19.45 -4.33 -28.37
N ARG B 213 -19.47 -3.06 -28.78
CA ARG B 213 -20.50 -2.08 -28.36
C ARG B 213 -20.61 -2.10 -26.85
N HIS B 214 -19.47 -1.93 -26.20
CA HIS B 214 -19.38 -1.94 -24.76
C HIS B 214 -20.03 -0.68 -24.17
N ARG B 215 -20.81 -0.82 -23.14
CA ARG B 215 -21.52 0.32 -22.52
C ARG B 215 -21.42 0.19 -20.99
N HIS B 216 -21.15 1.31 -20.33
CA HIS B 216 -21.11 1.36 -18.91
C HIS B 216 -22.54 1.22 -18.44
N VAL B 217 -22.77 0.37 -17.46
CA VAL B 217 -24.11 0.19 -16.81
C VAL B 217 -24.25 1.00 -15.50
N MET B 218 -23.46 0.66 -14.50
CA MET B 218 -23.42 1.41 -13.29
C MET B 218 -22.13 1.21 -12.56
N SER B 219 -21.87 2.21 -11.72
CA SER B 219 -20.69 2.34 -10.87
C SER B 219 -21.17 2.11 -9.43
N PRO B 220 -20.21 1.82 -8.54
CA PRO B 220 -20.57 1.79 -7.08
C PRO B 220 -21.26 3.10 -6.69
N ALA B 221 -22.21 2.99 -5.76
CA ALA B 221 -22.80 4.17 -5.18
C ALA B 221 -21.85 4.95 -4.28
N ALA B 222 -22.22 6.20 -4.03
CA ALA B 222 -21.53 7.00 -3.08
C ALA B 222 -21.75 6.46 -1.65
N PHE B 223 -20.68 6.45 -0.88
CA PHE B 223 -20.69 5.98 0.48
C PHE B 223 -21.86 6.57 1.28
N GLU B 224 -22.13 7.88 1.11
CA GLU B 224 -23.14 8.53 1.95
C GLU B 224 -24.54 8.24 1.44
N VAL B 225 -24.62 7.63 0.26
CA VAL B 225 -25.94 7.31 -0.35
C VAL B 225 -26.36 5.85 -0.13
N SER B 226 -25.44 4.92 -0.34
CA SER B 226 -25.75 3.53 -0.24
C SER B 226 -24.46 2.73 -0.07
N ALA B 227 -24.05 2.54 1.18
CA ALA B 227 -22.72 2.06 1.46
C ALA B 227 -22.53 0.60 1.22
N TRP B 228 -23.62 -0.20 1.24
CA TRP B 228 -23.49 -1.62 0.93
C TRP B 228 -23.02 -1.92 -0.48
N GLN B 229 -22.99 -0.90 -1.36
CA GLN B 229 -22.60 -1.01 -2.76
C GLN B 229 -21.66 0.10 -3.19
N CYS B 230 -20.85 0.56 -2.25
CA CYS B 230 -19.96 1.71 -2.54
C CYS B 230 -18.54 1.43 -2.92
N THR B 231 -18.06 0.21 -2.66
CA THR B 231 -16.72 -0.19 -3.07
C THR B 231 -16.62 -0.75 -4.47
N LYS B 232 -17.49 -1.73 -4.76
CA LYS B 232 -17.60 -2.39 -6.03
C LYS B 232 -18.92 -3.09 -6.13
N ILE B 233 -19.32 -3.39 -7.38
CA ILE B 233 -20.56 -4.10 -7.64
C ILE B 233 -20.29 -5.16 -8.71
N GLY B 234 -21.18 -6.14 -8.80
CA GLY B 234 -21.14 -7.14 -9.89
C GLY B 234 -22.46 -7.81 -10.08
N ALA B 235 -22.74 -8.20 -11.33
CA ALA B 235 -23.94 -8.92 -11.64
C ALA B 235 -23.97 -10.27 -10.98
N GLY B 236 -25.17 -10.68 -10.57
CA GLY B 236 -25.43 -12.02 -9.94
C GLY B 236 -26.22 -12.92 -10.87
N PRO B 237 -27.47 -13.28 -10.52
CA PRO B 237 -28.24 -14.17 -11.40
C PRO B 237 -28.44 -13.64 -12.78
N ILE B 238 -28.81 -14.52 -13.69
CA ILE B 238 -29.22 -14.09 -15.05
C ILE B 238 -30.33 -13.05 -14.94
N PRO B 239 -30.28 -11.98 -15.75
CA PRO B 239 -31.34 -10.99 -15.73
C PRO B 239 -32.73 -11.65 -15.94
N VAL B 240 -33.76 -11.13 -15.28
CA VAL B 240 -35.11 -11.69 -15.36
C VAL B 240 -35.97 -10.64 -16.02
N GLU B 241 -36.63 -11.04 -17.14
CA GLU B 241 -37.39 -10.10 -17.97
C GLU B 241 -38.71 -9.82 -17.31
N THR B 242 -39.03 -8.52 -17.15
CA THR B 242 -40.30 -8.07 -16.58
C THR B 242 -40.86 -6.99 -17.52
N PRO B 243 -42.16 -6.70 -17.41
CA PRO B 243 -42.69 -5.64 -18.25
C PRO B 243 -42.10 -4.26 -17.90
N GLU B 244 -41.56 -4.09 -16.69
CA GLU B 244 -40.96 -2.86 -16.22
C GLU B 244 -39.42 -2.83 -16.32
N GLY B 245 -38.90 -3.76 -17.11
CA GLY B 245 -37.43 -3.79 -17.39
C GLY B 245 -36.83 -5.15 -17.04
N TRP B 246 -35.53 -5.26 -17.23
CA TRP B 246 -34.79 -6.43 -16.81
C TRP B 246 -34.52 -6.25 -15.32
N LEU B 247 -34.90 -7.20 -14.51
CA LEU B 247 -34.59 -7.20 -13.09
C LEU B 247 -33.19 -7.78 -12.90
N LEU B 248 -32.26 -6.91 -12.51
CA LEU B 248 -30.91 -7.32 -12.19
C LEU B 248 -30.74 -7.45 -10.70
N ILE B 249 -30.35 -8.65 -10.27
N ILE B 249 -30.41 -8.67 -10.24
CA ILE B 249 -29.93 -8.86 -8.91
CA ILE B 249 -29.95 -8.88 -8.88
C ILE B 249 -28.41 -8.91 -8.87
C ILE B 249 -28.42 -8.86 -8.90
N TYR B 250 -27.81 -8.04 -8.06
CA TYR B 250 -26.37 -7.83 -8.13
C TYR B 250 -25.81 -7.67 -6.71
N HIS B 251 -24.54 -8.07 -6.51
CA HIS B 251 -23.84 -7.82 -5.27
C HIS B 251 -23.18 -6.47 -5.21
N GLY B 252 -23.04 -6.00 -3.96
CA GLY B 252 -22.27 -4.85 -3.71
C GLY B 252 -21.39 -5.07 -2.46
N VAL B 253 -20.33 -4.32 -2.41
CA VAL B 253 -19.33 -4.43 -1.35
C VAL B 253 -19.21 -3.11 -0.56
N LEU B 254 -19.16 -3.26 0.75
CA LEU B 254 -18.76 -2.26 1.78
C LEU B 254 -17.41 -2.68 2.37
N HIS B 255 -16.48 -1.74 2.40
CA HIS B 255 -15.12 -1.97 2.95
C HIS B 255 -15.04 -1.46 4.38
N SER B 256 -15.10 -2.36 5.33
CA SER B 256 -14.95 -2.00 6.73
C SER B 256 -13.48 -2.04 7.10
N CYS B 257 -13.13 -1.61 8.32
CA CYS B 257 -11.72 -1.76 8.79
C CYS B 257 -11.25 -3.24 8.79
N ASN B 258 -12.19 -4.20 8.88
CA ASN B 258 -11.83 -5.57 9.01
C ASN B 258 -12.13 -6.40 7.79
N GLY B 259 -12.42 -5.76 6.65
CA GLY B 259 -12.62 -6.53 5.41
C GLY B 259 -13.83 -6.10 4.61
N TYR B 260 -14.16 -6.89 3.62
CA TYR B 260 -15.30 -6.63 2.79
C TYR B 260 -16.57 -7.37 3.32
N VAL B 261 -17.70 -6.67 3.17
CA VAL B 261 -19.02 -7.21 3.45
C VAL B 261 -19.75 -7.22 2.12
N TYR B 262 -20.19 -8.41 1.69
CA TYR B 262 -20.98 -8.56 0.49
C TYR B 262 -22.47 -8.69 0.77
N SER B 263 -23.25 -7.76 0.22
CA SER B 263 -24.69 -7.82 0.28
C SER B 263 -25.18 -7.83 -1.14
N PHE B 264 -26.49 -7.97 -1.33
CA PHE B 264 -27.01 -7.86 -2.67
C PHE B 264 -28.36 -7.16 -2.70
N GLY B 265 -28.67 -6.64 -3.88
CA GLY B 265 -29.81 -5.77 -4.11
C GLY B 265 -30.32 -5.86 -5.52
N SER B 266 -31.13 -4.87 -5.94
CA SER B 266 -31.83 -4.97 -7.24
C SER B 266 -31.83 -3.64 -8.00
N ALA B 267 -31.77 -3.82 -9.31
CA ALA B 267 -31.99 -2.75 -10.26
C ALA B 267 -32.89 -3.20 -11.42
N LEU B 268 -33.49 -2.21 -12.11
CA LEU B 268 -34.27 -2.42 -13.31
C LEU B 268 -33.59 -1.72 -14.48
N LEU B 269 -33.29 -2.47 -15.53
CA LEU B 269 -32.64 -2.00 -16.73
C LEU B 269 -33.62 -1.87 -17.87
N ASP B 270 -33.40 -0.87 -18.72
CA ASP B 270 -34.24 -0.74 -19.92
C ASP B 270 -34.32 -2.03 -20.75
N LEU B 271 -35.49 -2.39 -21.25
CA LEU B 271 -35.62 -3.64 -21.94
C LEU B 271 -34.82 -3.72 -23.22
N ASP B 272 -34.82 -2.60 -23.95
CA ASP B 272 -34.23 -2.53 -25.30
C ASP B 272 -32.79 -2.12 -25.35
N GLU B 273 -32.35 -1.32 -24.38
CA GLU B 273 -31.02 -0.86 -24.19
C GLU B 273 -30.59 -1.11 -22.72
N PRO B 274 -30.13 -2.33 -22.44
CA PRO B 274 -30.08 -2.68 -21.00
C PRO B 274 -28.95 -2.10 -20.21
N TRP B 275 -28.03 -1.34 -20.85
CA TRP B 275 -27.10 -0.53 -20.15
C TRP B 275 -27.73 0.69 -19.58
N LYS B 276 -28.98 1.01 -19.91
CA LYS B 276 -29.61 2.17 -19.31
C LYS B 276 -30.36 1.70 -18.09
N VAL B 277 -29.96 2.22 -16.94
CA VAL B 277 -30.54 1.82 -15.66
C VAL B 277 -31.68 2.74 -15.35
N LYS B 278 -32.85 2.17 -15.15
CA LYS B 278 -34.03 2.94 -14.82
C LYS B 278 -34.26 3.18 -13.34
N PHE B 279 -34.00 2.17 -12.53
CA PHE B 279 -34.19 2.26 -11.05
C PHE B 279 -33.14 1.37 -10.41
N ARG B 280 -32.73 1.74 -9.22
CA ARG B 280 -31.57 1.07 -8.53
C ARG B 280 -31.78 1.17 -7.03
N SER B 281 -31.84 0.04 -6.32
CA SER B 281 -32.26 0.09 -4.95
C SER B 281 -31.28 0.79 -4.02
N GLY B 282 -31.82 1.51 -3.04
CA GLY B 282 -31.01 2.10 -1.94
C GLY B 282 -30.64 1.05 -0.92
N PRO B 283 -31.65 0.38 -0.36
CA PRO B 283 -31.37 -0.67 0.62
C PRO B 283 -30.94 -1.93 -0.12
N TYR B 284 -30.26 -2.81 0.62
CA TYR B 284 -30.00 -4.13 0.12
C TYR B 284 -31.29 -4.93 0.23
N LEU B 285 -31.35 -6.03 -0.54
CA LEU B 285 -32.34 -7.08 -0.33
C LEU B 285 -31.95 -8.07 0.74
N LEU B 286 -30.65 -8.37 0.82
CA LEU B 286 -30.14 -9.36 1.74
C LEU B 286 -28.69 -9.00 2.09
N ALA B 287 -28.32 -9.19 3.35
CA ALA B 287 -26.94 -8.95 3.83
C ALA B 287 -26.61 -10.01 4.87
N PRO B 288 -25.34 -10.19 5.16
CA PRO B 288 -24.93 -11.32 5.99
C PRO B 288 -25.40 -11.15 7.41
N ARG B 289 -26.15 -12.11 7.89
CA ARG B 289 -26.82 -12.01 9.18
C ARG B 289 -26.67 -13.31 9.97
N GLU B 290 -26.92 -14.40 9.28
CA GLU B 290 -26.90 -15.70 9.89
C GLU B 290 -25.51 -16.24 10.06
N PRO B 291 -25.43 -17.21 11.07
CA PRO B 291 -24.07 -17.71 11.30
C PRO B 291 -23.46 -18.30 10.04
N TYR B 292 -24.23 -18.95 9.21
CA TYR B 292 -23.65 -19.54 8.02
C TYR B 292 -23.24 -18.50 6.95
N GLU B 293 -23.64 -17.25 7.15
CA GLU B 293 -23.22 -16.17 6.25
C GLU B 293 -22.05 -15.37 6.84
N CYS B 294 -21.95 -15.41 8.15
CA CYS B 294 -21.03 -14.57 8.93
C CYS B 294 -19.81 -15.35 9.47
N MET B 295 -19.73 -16.64 9.21
CA MET B 295 -18.59 -17.43 9.68
C MET B 295 -18.28 -18.47 8.63
N GLY B 296 -17.01 -18.59 8.24
CA GLY B 296 -16.58 -19.58 7.26
C GLY B 296 -15.32 -19.13 6.56
N ASP B 297 -15.09 -19.65 5.38
CA ASP B 297 -13.84 -19.34 4.69
C ASP B 297 -13.63 -17.84 4.36
N VAL B 298 -14.72 -17.16 4.02
CA VAL B 298 -14.71 -15.76 3.85
C VAL B 298 -15.93 -15.18 4.58
N PRO B 299 -15.73 -14.66 5.80
CA PRO B 299 -16.85 -14.20 6.61
C PRO B 299 -17.60 -13.08 5.96
N ASN B 300 -18.88 -12.97 6.27
CA ASN B 300 -19.70 -11.80 5.85
C ASN B 300 -19.87 -11.65 4.33
N VAL B 301 -20.39 -12.72 3.72
CA VAL B 301 -20.61 -12.73 2.25
C VAL B 301 -21.97 -13.38 1.95
N CYS B 302 -22.82 -12.64 1.29
CA CYS B 302 -23.99 -13.19 0.58
C CYS B 302 -23.84 -12.85 -0.91
N PHE B 303 -23.58 -13.86 -1.73
CA PHE B 303 -23.17 -13.66 -3.10
C PHE B 303 -24.14 -14.40 -4.05
N PRO B 304 -25.06 -13.67 -4.69
CA PRO B 304 -26.10 -14.36 -5.47
C PRO B 304 -25.61 -14.74 -6.82
N CYS B 305 -25.98 -15.97 -7.20
N CYS B 305 -25.91 -15.97 -7.25
CA CYS B 305 -25.42 -16.64 -8.35
CA CYS B 305 -25.40 -16.43 -8.54
C CYS B 305 -26.46 -17.10 -9.39
C CYS B 305 -26.47 -17.08 -9.44
N ALA B 306 -27.70 -17.28 -8.97
CA ALA B 306 -28.73 -17.83 -9.85
C ALA B 306 -30.09 -17.52 -9.28
N ALA B 307 -31.07 -17.58 -10.15
CA ALA B 307 -32.48 -17.56 -9.68
C ALA B 307 -33.34 -18.44 -10.56
N LEU B 308 -34.39 -19.00 -9.97
CA LEU B 308 -35.47 -19.66 -10.72
C LEU B 308 -36.71 -18.78 -10.51
N HIS B 309 -37.55 -18.59 -11.54
CA HIS B 309 -38.74 -17.81 -11.35
C HIS B 309 -39.91 -18.32 -12.10
N ASP B 310 -41.10 -17.88 -11.70
CA ASP B 310 -42.38 -18.29 -12.36
C ASP B 310 -43.21 -17.04 -12.61
N ASN B 311 -43.33 -16.62 -13.85
CA ASN B 311 -44.01 -15.38 -14.12
C ASN B 311 -45.51 -15.41 -13.82
N GLU B 312 -46.09 -16.60 -13.76
CA GLU B 312 -47.52 -16.73 -13.50
C GLU B 312 -47.86 -16.37 -12.05
N THR B 313 -46.98 -16.75 -11.12
CA THR B 313 -47.26 -16.52 -9.73
C THR B 313 -46.45 -15.36 -9.19
N GLY B 314 -45.43 -14.91 -9.95
CA GLY B 314 -44.49 -13.89 -9.51
C GLY B 314 -43.42 -14.41 -8.57
N ARG B 315 -43.36 -15.71 -8.30
CA ARG B 315 -42.36 -16.27 -7.37
C ARG B 315 -40.94 -16.30 -7.96
N ILE B 316 -39.96 -15.95 -7.14
CA ILE B 316 -38.58 -16.06 -7.46
C ILE B 316 -37.82 -16.67 -6.29
N ALA B 317 -36.92 -17.61 -6.62
CA ALA B 317 -36.07 -18.28 -5.67
C ALA B 317 -34.64 -17.90 -6.06
N ILE B 318 -33.91 -17.23 -5.15
CA ILE B 318 -32.54 -16.79 -5.45
C ILE B 318 -31.48 -17.60 -4.67
N TYR B 319 -30.54 -18.16 -5.41
CA TYR B 319 -29.44 -18.99 -4.85
C TYR B 319 -28.29 -18.05 -4.56
N TYR B 320 -27.68 -18.18 -3.41
CA TYR B 320 -26.54 -17.31 -3.04
C TYR B 320 -25.51 -18.07 -2.19
N GLY B 321 -24.25 -17.78 -2.42
CA GLY B 321 -23.23 -18.36 -1.59
C GLY B 321 -23.10 -17.62 -0.30
N CYS B 322 -22.88 -18.39 0.76
CA CYS B 322 -22.80 -17.89 2.13
C CYS B 322 -21.39 -18.11 2.68
N ALA B 323 -20.70 -17.02 2.98
CA ALA B 323 -19.37 -17.01 3.58
C ALA B 323 -18.33 -17.77 2.74
N ASP B 324 -18.58 -17.83 1.43
CA ASP B 324 -17.82 -18.65 0.51
C ASP B 324 -17.64 -20.07 1.00
N THR B 325 -18.65 -20.61 1.65
CA THR B 325 -18.55 -21.93 2.23
C THR B 325 -19.70 -22.82 1.81
N VAL B 326 -20.92 -22.30 1.86
CA VAL B 326 -22.11 -23.12 1.64
C VAL B 326 -23.09 -22.37 0.72
N THR B 327 -24.18 -23.04 0.29
CA THR B 327 -25.17 -22.37 -0.57
C THR B 327 -26.52 -22.25 0.17
N GLY B 328 -27.10 -21.05 0.12
CA GLY B 328 -28.41 -20.77 0.62
C GLY B 328 -29.40 -20.36 -0.45
N LEU B 329 -30.69 -20.33 -0.05
CA LEU B 329 -31.76 -19.91 -0.85
C LEU B 329 -32.62 -18.85 -0.13
N ALA B 330 -33.17 -17.93 -0.89
CA ALA B 330 -34.06 -16.89 -0.43
C ALA B 330 -35.19 -16.72 -1.43
N PHE B 331 -36.36 -16.32 -0.94
CA PHE B 331 -37.57 -16.21 -1.76
C PHE B 331 -38.10 -14.82 -1.73
N GLY B 332 -38.76 -14.43 -2.81
CA GLY B 332 -39.63 -13.27 -2.80
C GLY B 332 -40.57 -13.28 -3.99
N TYR B 333 -41.27 -12.17 -4.15
CA TYR B 333 -42.17 -11.98 -5.28
C TYR B 333 -41.61 -10.90 -6.24
N ILE B 334 -41.53 -11.21 -7.52
CA ILE B 334 -41.05 -10.23 -8.52
C ILE B 334 -41.77 -8.87 -8.45
N PRO B 335 -43.11 -8.87 -8.44
CA PRO B 335 -43.77 -7.54 -8.31
C PRO B 335 -43.36 -6.77 -7.05
N GLU B 336 -43.15 -7.45 -5.95
CA GLU B 336 -42.71 -6.75 -4.73
C GLU B 336 -41.26 -6.23 -4.83
N ILE B 337 -40.40 -6.98 -5.50
CA ILE B 337 -39.06 -6.54 -5.75
C ILE B 337 -39.00 -5.33 -6.67
N ILE B 338 -39.81 -5.36 -7.74
CA ILE B 338 -39.95 -4.20 -8.66
C ILE B 338 -40.39 -2.98 -7.85
N GLU B 339 -41.42 -3.14 -7.02
CA GLU B 339 -41.95 -2.04 -6.23
C GLU B 339 -40.91 -1.51 -5.26
N PHE B 340 -40.14 -2.41 -4.64
CA PHE B 340 -39.08 -1.99 -3.70
C PHE B 340 -38.05 -1.19 -4.48
N THR B 341 -37.69 -1.65 -5.65
CA THR B 341 -36.60 -1.07 -6.42
C THR B 341 -36.94 0.33 -6.82
N LYS B 342 -38.20 0.56 -7.23
CA LYS B 342 -38.63 1.87 -7.63
C LYS B 342 -38.84 2.77 -6.42
N ARG B 343 -39.50 2.27 -5.41
CA ARG B 343 -39.81 3.04 -4.23
C ARG B 343 -38.55 3.60 -3.59
N THR B 344 -37.49 2.77 -3.59
CA THR B 344 -36.22 3.16 -2.94
C THR B 344 -35.12 3.61 -3.90
N SER B 345 -35.46 3.91 -5.15
CA SER B 345 -34.47 4.16 -6.13
C SER B 345 -33.55 5.31 -5.76
N ILE B 346 -32.29 5.11 -6.01
CA ILE B 346 -31.33 6.16 -5.82
C ILE B 346 -30.98 6.79 -7.15
N ILE B 347 -31.63 6.41 -8.25
CA ILE B 347 -31.32 6.89 -9.64
C ILE B 347 -32.04 8.19 -9.87
N ILE C 28 -32.21 5.56 39.23
CA ILE C 28 -31.66 4.23 39.50
C ILE C 28 -30.95 3.70 38.27
N ILE C 29 -29.65 3.57 38.33
CA ILE C 29 -28.95 3.06 37.17
C ILE C 29 -29.09 1.52 37.05
N PRO C 30 -29.07 1.02 35.81
CA PRO C 30 -29.11 -0.40 35.59
C PRO C 30 -27.96 -1.11 36.28
N TRP C 31 -28.25 -2.30 36.80
CA TRP C 31 -27.30 -3.00 37.59
C TRP C 31 -27.58 -4.46 37.66
N GLU C 32 -26.48 -5.24 37.62
CA GLU C 32 -26.46 -6.67 37.95
C GLU C 32 -25.24 -6.93 38.86
N GLU C 33 -25.45 -7.72 39.90
CA GLU C 33 -24.37 -8.07 40.81
C GLU C 33 -23.27 -8.86 40.11
N ARG C 34 -22.02 -8.66 40.51
CA ARG C 34 -20.93 -9.45 39.97
C ARG C 34 -21.19 -10.93 40.20
N PRO C 35 -21.11 -11.74 39.15
CA PRO C 35 -21.34 -13.17 39.25
C PRO C 35 -20.47 -13.81 40.33
N ALA C 36 -20.99 -14.87 40.92
CA ALA C 36 -20.24 -15.54 41.97
C ALA C 36 -18.90 -16.05 41.42
N GLY C 37 -17.82 -15.80 42.18
CA GLY C 37 -16.48 -16.24 41.81
C GLY C 37 -15.77 -15.40 40.74
N CYS C 38 -16.50 -14.47 40.10
CA CYS C 38 -15.92 -13.61 39.05
C CYS C 38 -14.96 -12.64 39.68
N LYS C 39 -13.74 -12.62 39.15
CA LYS C 39 -12.71 -11.78 39.71
C LYS C 39 -12.46 -10.55 38.86
N ASP C 40 -13.33 -10.29 37.88
CA ASP C 40 -13.05 -9.23 36.90
C ASP C 40 -13.55 -7.91 37.44
N VAL C 41 -12.87 -6.83 37.10
CA VAL C 41 -13.31 -5.46 37.43
C VAL C 41 -14.63 -5.07 36.72
N LEU C 42 -14.79 -5.48 35.46
CA LEU C 42 -16.04 -5.31 34.77
C LEU C 42 -16.64 -6.63 34.43
N TRP C 43 -17.96 -6.72 34.46
CA TRP C 43 -18.64 -7.92 34.05
C TRP C 43 -19.84 -7.59 33.15
N ARG C 44 -20.04 -8.42 32.15
CA ARG C 44 -21.08 -8.21 31.15
C ARG C 44 -22.46 -8.52 31.74
N SER C 45 -23.44 -7.78 31.28
CA SER C 45 -24.83 -8.14 31.54
C SER C 45 -25.21 -9.50 31.04
N VAL C 46 -25.95 -10.30 31.85
CA VAL C 46 -26.47 -11.58 31.34
C VAL C 46 -27.53 -11.39 30.26
N ALA C 47 -28.02 -10.17 30.06
CA ALA C 47 -29.09 -9.89 29.10
C ALA C 47 -28.51 -9.40 27.75
N ASN C 48 -27.18 -9.31 27.65
CA ASN C 48 -26.61 -8.83 26.38
C ASN C 48 -27.01 -9.69 25.19
N PRO C 49 -27.24 -9.09 24.04
CA PRO C 49 -27.23 -7.62 23.80
C PRO C 49 -28.49 -7.00 24.29
N ILE C 50 -28.44 -5.78 24.84
CA ILE C 50 -29.61 -5.10 25.32
C ILE C 50 -30.37 -4.38 24.25
N ILE C 51 -29.76 -4.09 23.10
CA ILE C 51 -30.44 -3.44 21.99
C ILE C 51 -30.13 -4.27 20.76
N PRO C 52 -31.16 -4.83 20.13
CA PRO C 52 -30.93 -5.67 18.96
C PRO C 52 -30.80 -4.90 17.66
N ARG C 53 -30.26 -5.54 16.63
CA ARG C 53 -29.90 -4.81 15.40
C ARG C 53 -31.14 -4.33 14.60
N ASP C 54 -32.31 -4.93 14.88
CA ASP C 54 -33.50 -4.77 14.03
C ASP C 54 -34.61 -4.20 14.85
N LEU C 55 -34.25 -3.39 15.83
CA LEU C 55 -35.25 -2.68 16.58
C LEU C 55 -36.20 -1.80 15.75
N LEU C 56 -35.69 -1.10 14.73
CA LEU C 56 -36.43 -0.26 13.87
C LEU C 56 -36.78 -0.98 12.55
N PRO C 57 -37.86 -0.53 11.86
CA PRO C 57 -38.22 -1.19 10.60
C PRO C 57 -37.09 -1.25 9.54
N THR C 58 -36.21 -0.24 9.50
CA THR C 58 -35.16 -0.18 8.52
C THR C 58 -33.77 -0.29 9.17
N SER C 59 -33.66 -0.62 10.46
CA SER C 59 -32.31 -0.69 11.06
C SER C 59 -31.55 -1.95 10.67
N ASN C 60 -30.29 -1.73 10.30
CA ASN C 60 -29.30 -2.73 10.05
C ASN C 60 -28.53 -3.08 11.33
N SER C 61 -28.29 -2.06 12.14
CA SER C 61 -27.39 -2.16 13.27
C SER C 61 -27.61 -0.97 14.18
N ILE C 62 -27.49 -1.21 15.48
CA ILE C 62 -27.64 -0.18 16.51
C ILE C 62 -26.58 -0.41 17.56
N PHE C 63 -25.50 0.37 17.55
N PHE C 63 -25.68 0.55 17.67
CA PHE C 63 -24.29 -0.03 18.30
CA PHE C 63 -24.46 0.41 18.46
C PHE C 63 -23.57 1.14 18.99
C PHE C 63 -23.86 1.79 18.71
N ASN C 64 -24.10 2.34 18.88
N ASN C 64 -22.69 1.84 19.37
CA ASN C 64 -23.70 3.42 19.78
CA ASN C 64 -21.89 3.05 19.49
C ASN C 64 -24.94 3.92 20.51
C ASN C 64 -22.79 4.23 19.91
N SER C 65 -24.85 4.02 21.84
N SER C 65 -23.61 4.06 20.94
CA SER C 65 -25.96 4.44 22.65
CA SER C 65 -24.68 5.03 21.31
C SER C 65 -25.48 5.53 23.56
C SER C 65 -24.61 5.72 22.68
N ALA C 66 -25.69 6.78 23.16
N ALA C 66 -25.38 6.79 22.83
CA ALA C 66 -25.19 7.89 23.94
CA ALA C 66 -25.19 7.71 23.93
C ALA C 66 -26.28 8.31 24.97
C ALA C 66 -26.44 7.74 24.82
N VAL C 67 -26.22 7.68 26.14
CA VAL C 67 -27.31 7.66 27.12
C VAL C 67 -27.03 8.61 28.31
N VAL C 68 -28.11 9.26 28.77
CA VAL C 68 -28.09 10.15 29.95
C VAL C 68 -29.39 9.98 30.77
N PRO C 69 -29.34 10.26 32.05
CA PRO C 69 -30.60 10.39 32.77
C PRO C 69 -31.38 11.57 32.25
N PHE C 70 -32.70 11.44 32.18
CA PHE C 70 -33.59 12.47 31.74
C PHE C 70 -34.99 12.29 32.30
N GLY C 71 -35.54 13.37 32.84
CA GLY C 71 -36.85 13.30 33.44
C GLY C 71 -36.85 12.24 34.51
N ASP C 72 -37.83 11.37 34.40
CA ASP C 72 -38.08 10.29 35.33
C ASP C 72 -37.49 9.01 34.77
N GLY C 73 -36.66 9.14 33.76
CA GLY C 73 -36.06 8.01 33.11
C GLY C 73 -34.72 8.35 32.49
N PHE C 74 -34.57 7.88 31.28
CA PHE C 74 -33.38 8.07 30.50
C PHE C 74 -33.66 8.46 29.06
N ALA C 75 -32.69 9.12 28.46
CA ALA C 75 -32.78 9.47 27.11
C ALA C 75 -31.45 9.19 26.43
N GLY C 76 -31.47 9.11 25.09
CA GLY C 76 -30.26 8.86 24.38
C GLY C 76 -30.27 9.28 22.93
N VAL C 77 -29.07 9.41 22.38
CA VAL C 77 -28.87 9.54 20.95
C VAL C 77 -28.17 8.28 20.46
N PHE C 78 -28.83 7.56 19.54
CA PHE C 78 -28.37 6.24 19.02
C PHE C 78 -27.90 6.30 17.58
N ARG C 79 -26.76 5.71 17.37
CA ARG C 79 -26.31 5.45 16.00
C ARG C 79 -27.08 4.23 15.50
N CYS C 80 -27.98 4.48 14.53
CA CYS C 80 -28.73 3.39 13.91
C CYS C 80 -28.39 3.41 12.46
N ASP C 81 -27.58 2.46 11.99
CA ASP C 81 -27.27 2.43 10.53
C ASP C 81 -28.42 1.65 9.86
N ASP C 82 -28.84 2.11 8.71
CA ASP C 82 -30.04 1.53 8.09
C ASP C 82 -29.68 0.47 7.06
N THR C 83 -30.70 -0.08 6.39
CA THR C 83 -30.51 -1.11 5.42
C THR C 83 -29.90 -0.63 4.10
N SER C 84 -29.68 0.67 4.00
CA SER C 84 -28.85 1.28 2.93
C SER C 84 -27.41 1.47 3.39
N ARG C 85 -27.14 1.05 4.61
CA ARG C 85 -25.87 1.25 5.29
C ARG C 85 -25.48 2.74 5.46
N ARG C 86 -26.51 3.59 5.53
CA ARG C 86 -26.30 4.96 5.91
C ARG C 86 -26.25 5.08 7.42
N MET C 87 -25.50 6.08 7.87
CA MET C 87 -25.23 6.29 9.28
C MET C 87 -26.07 7.44 9.74
N ARG C 88 -27.05 7.13 10.57
CA ARG C 88 -27.98 8.12 11.10
C ARG C 88 -28.07 8.10 12.61
N LEU C 89 -28.54 9.20 13.18
CA LEU C 89 -28.76 9.37 14.60
C LEU C 89 -30.25 9.42 14.88
N HIS C 90 -30.65 8.74 15.95
CA HIS C 90 -32.06 8.70 16.36
C HIS C 90 -32.14 8.92 17.86
N VAL C 91 -33.18 9.61 18.33
CA VAL C 91 -33.41 9.79 19.74
C VAL C 91 -34.12 8.58 20.24
N GLY C 92 -33.81 8.21 21.46
CA GLY C 92 -34.58 7.17 22.19
C GLY C 92 -34.84 7.50 23.63
N PHE C 93 -35.84 6.84 24.21
CA PHE C 93 -36.17 7.05 25.58
C PHE C 93 -36.35 5.70 26.29
N SER C 94 -36.13 5.67 27.59
CA SER C 94 -36.26 4.44 28.35
C SER C 94 -36.59 4.75 29.83
N LYS C 95 -37.38 3.86 30.42
CA LYS C 95 -37.60 3.97 31.84
C LYS C 95 -36.50 3.35 32.67
N ASP C 96 -35.97 2.25 32.20
CA ASP C 96 -35.04 1.49 32.98
C ASP C 96 -33.60 1.52 32.39
N ALA C 97 -33.40 2.21 31.27
CA ALA C 97 -32.07 2.33 30.59
C ALA C 97 -31.54 1.05 29.90
N ILE C 98 -32.43 0.06 29.84
CA ILE C 98 -32.13 -1.24 29.24
C ILE C 98 -33.00 -1.51 28.01
N ASN C 99 -34.32 -1.29 28.17
CA ASN C 99 -35.28 -1.51 27.09
C ASN C 99 -35.61 -0.19 26.49
N TRP C 100 -35.24 0.04 25.25
CA TRP C 100 -35.26 1.40 24.69
C TRP C 100 -36.37 1.58 23.68
N ASN C 101 -37.03 2.72 23.71
CA ASN C 101 -37.93 3.07 22.64
C ASN C 101 -37.26 4.10 21.75
N ILE C 102 -36.84 3.68 20.57
CA ILE C 102 -36.09 4.55 19.64
C ILE C 102 -37.00 5.06 18.57
N LYS C 103 -37.00 6.36 18.34
CA LYS C 103 -37.75 6.97 17.28
C LYS C 103 -37.37 6.42 15.90
N GLU C 104 -38.38 6.06 15.13
CA GLU C 104 -38.13 5.48 13.79
C GLU C 104 -37.50 6.44 12.84
N GLU C 105 -37.85 7.71 12.96
CA GLU C 105 -37.34 8.77 12.09
C GLU C 105 -36.02 9.32 12.61
N PRO C 106 -35.06 9.53 11.72
CA PRO C 106 -33.77 10.06 12.18
C PRO C 106 -33.94 11.44 12.74
N LEU C 107 -33.03 11.77 13.65
CA LEU C 107 -32.97 13.11 14.20
C LEU C 107 -32.49 14.09 13.15
N LYS C 108 -33.18 15.21 13.04
CA LYS C 108 -32.77 16.34 12.26
C LYS C 108 -32.40 17.49 13.19
N PHE C 109 -31.38 18.24 12.81
CA PHE C 109 -30.89 19.33 13.60
C PHE C 109 -31.33 20.65 13.00
N GLN C 110 -31.71 21.58 13.84
CA GLN C 110 -32.05 22.93 13.41
C GLN C 110 -30.75 23.72 13.31
N CYS C 111 -30.58 24.45 12.23
CA CYS C 111 -29.40 25.27 12.07
C CYS C 111 -29.70 26.48 11.20
N ASP C 112 -29.33 27.67 11.65
CA ASP C 112 -29.57 28.86 10.80
C ASP C 112 -28.50 29.02 9.73
N ASP C 113 -27.36 28.33 9.86
CA ASP C 113 -26.36 28.38 8.80
C ASP C 113 -26.56 27.19 7.90
N GLU C 114 -26.95 27.41 6.67
CA GLU C 114 -27.30 26.28 5.84
C GLU C 114 -26.07 25.47 5.41
N GLU C 115 -24.90 26.10 5.34
CA GLU C 115 -23.66 25.38 5.05
C GLU C 115 -23.32 24.34 6.17
N ILE C 116 -23.35 24.74 7.43
CA ILE C 116 -23.07 23.81 8.55
C ILE C 116 -24.23 22.90 8.84
N GLY C 117 -25.43 23.39 8.52
CA GLY C 117 -26.64 22.67 8.70
C GLY C 117 -26.91 21.57 7.70
N THR C 118 -26.06 21.42 6.67
CA THR C 118 -26.21 20.39 5.65
C THR C 118 -25.80 19.00 6.20
N TRP C 119 -26.73 18.04 6.10
CA TRP C 119 -26.48 16.69 6.59
C TRP C 119 -25.87 15.86 5.50
N VAL C 120 -24.72 15.24 5.80
CA VAL C 120 -24.06 14.29 4.91
C VAL C 120 -24.14 12.90 5.57
N TYR C 121 -23.61 12.78 6.78
CA TYR C 121 -23.71 11.53 7.59
C TYR C 121 -23.38 11.87 9.03
N GLY C 122 -23.68 10.96 9.95
CA GLY C 122 -23.33 11.16 11.32
C GLY C 122 -23.23 9.86 12.08
N TYR C 123 -22.21 9.70 12.87
CA TYR C 123 -22.04 8.50 13.70
C TYR C 123 -21.36 8.86 15.02
N ASP C 124 -21.28 7.86 15.86
N ASP C 124 -21.09 7.92 15.92
CA ASP C 124 -20.57 7.92 17.10
CA ASP C 124 -20.22 8.15 17.08
C ASP C 124 -20.89 9.10 18.07
C ASP C 124 -20.85 9.17 18.09
N PRO C 125 -22.15 9.17 18.34
CA PRO C 125 -22.61 10.22 19.23
C PRO C 125 -22.13 10.06 20.70
N ARG C 126 -22.02 11.19 21.40
CA ARG C 126 -21.79 11.19 22.83
C ARG C 126 -22.68 12.32 23.36
N VAL C 127 -23.21 12.17 24.57
CA VAL C 127 -24.21 13.12 25.11
C VAL C 127 -23.87 13.39 26.57
N CYS C 128 -23.87 14.65 26.97
CA CYS C 128 -23.76 14.96 28.39
C CYS C 128 -24.43 16.28 28.71
N PHE C 129 -24.86 16.42 29.95
CA PHE C 129 -25.41 17.67 30.44
C PHE C 129 -24.26 18.59 30.89
N ILE C 130 -24.24 19.84 30.40
CA ILE C 130 -23.26 20.85 30.89
C ILE C 130 -24.01 22.09 31.35
N GLU C 131 -24.19 22.19 32.67
CA GLU C 131 -24.72 23.39 33.35
C GLU C 131 -26.20 23.64 33.15
N ASP C 132 -26.64 23.81 31.92
CA ASP C 132 -28.04 24.27 31.64
C ASP C 132 -28.74 23.55 30.52
N ARG C 133 -28.08 22.62 29.85
CA ARG C 133 -28.67 21.91 28.74
C ARG C 133 -27.86 20.67 28.42
N TYR C 134 -28.40 19.81 27.56
CA TYR C 134 -27.67 18.65 27.06
C TYR C 134 -26.91 18.98 25.79
N TYR C 135 -25.65 18.56 25.66
CA TYR C 135 -24.91 18.69 24.43
C TYR C 135 -24.70 17.32 23.75
N VAL C 136 -24.75 17.32 22.44
CA VAL C 136 -24.50 16.16 21.63
C VAL C 136 -23.34 16.45 20.78
N THR C 137 -22.34 15.55 20.81
CA THR C 137 -21.29 15.59 19.78
C THR C 137 -21.37 14.30 18.96
N TRP C 138 -20.95 14.41 17.75
CA TRP C 138 -20.94 13.23 16.87
C TRP C 138 -19.89 13.38 15.83
N CYS C 139 -19.56 12.29 15.13
CA CYS C 139 -18.70 12.41 13.97
C CYS C 139 -19.54 12.81 12.77
N ASN C 140 -19.44 14.06 12.39
CA ASN C 140 -20.26 14.70 11.39
C ASN C 140 -19.54 14.91 10.07
N GLY C 141 -20.14 14.49 8.97
CA GLY C 141 -19.53 14.77 7.68
C GLY C 141 -19.56 16.21 7.26
N TYR C 142 -18.39 16.82 7.11
CA TYR C 142 -18.24 18.16 6.58
C TYR C 142 -16.95 18.16 5.80
N HIS C 143 -17.06 17.74 4.55
CA HIS C 143 -15.86 17.49 3.74
C HIS C 143 -14.91 16.48 4.38
N GLY C 144 -15.51 15.45 4.94
CA GLY C 144 -14.77 14.49 5.78
C GLY C 144 -15.22 14.50 7.24
N PRO C 145 -14.75 13.57 8.02
CA PRO C 145 -15.17 13.45 9.41
C PRO C 145 -14.67 14.56 10.24
N THR C 146 -15.58 15.21 10.94
CA THR C 146 -15.21 16.13 11.95
C THR C 146 -16.11 15.97 13.13
N ILE C 147 -15.99 16.85 14.15
N ILE C 147 -16.01 16.87 14.12
CA ILE C 147 -16.89 16.74 15.33
CA ILE C 147 -16.87 16.76 15.30
C ILE C 147 -18.02 17.77 15.29
C ILE C 147 -17.99 17.79 15.16
N GLY C 148 -19.21 17.29 15.03
CA GLY C 148 -20.41 18.10 15.10
C GLY C 148 -20.83 18.31 16.53
N VAL C 149 -21.49 19.45 16.77
CA VAL C 149 -21.92 19.87 18.09
C VAL C 149 -23.34 20.39 18.03
N ALA C 150 -24.17 20.01 18.99
CA ALA C 150 -25.55 20.53 19.04
C ALA C 150 -25.97 20.48 20.51
N TYR C 151 -27.03 21.21 20.86
CA TYR C 151 -27.66 21.13 22.16
C TYR C 151 -29.12 20.89 22.10
N THR C 152 -29.66 20.44 23.23
CA THR C 152 -31.11 20.30 23.39
C THR C 152 -31.43 20.56 24.85
N PHE C 153 -32.60 21.17 25.06
CA PHE C 153 -33.19 21.31 26.37
C PHE C 153 -34.20 20.21 26.65
N ASP C 154 -34.70 19.54 25.63
CA ASP C 154 -35.83 18.62 25.82
C ASP C 154 -35.76 17.30 25.10
N PHE C 155 -34.69 17.02 24.34
CA PHE C 155 -34.60 15.80 23.55
C PHE C 155 -35.69 15.67 22.47
N GLU C 156 -36.27 16.82 22.12
CA GLU C 156 -37.23 16.90 21.00
C GLU C 156 -36.60 17.71 19.90
N THR C 157 -36.21 18.95 20.20
CA THR C 157 -35.53 19.80 19.24
C THR C 157 -34.07 19.94 19.58
N PHE C 158 -33.23 19.75 18.55
CA PHE C 158 -31.79 19.84 18.68
C PHE C 158 -31.30 20.99 17.83
N HIS C 159 -30.41 21.79 18.38
CA HIS C 159 -29.93 22.96 17.72
C HIS C 159 -28.45 22.83 17.48
N GLN C 160 -28.06 22.90 16.21
CA GLN C 160 -26.71 22.60 15.83
C GLN C 160 -25.87 23.85 15.94
N LEU C 161 -24.66 23.67 16.47
CA LEU C 161 -23.64 24.69 16.58
C LEU C 161 -22.55 24.44 15.54
N GLU C 162 -21.50 25.29 15.57
CA GLU C 162 -20.40 25.08 14.66
C GLU C 162 -19.71 23.73 14.92
N ASN C 163 -19.22 23.09 13.87
CA ASN C 163 -18.36 21.94 14.02
C ASN C 163 -17.14 22.46 14.79
N ALA C 164 -16.68 21.70 15.75
CA ALA C 164 -15.66 22.20 16.68
C ALA C 164 -14.30 22.30 16.07
N PHE C 165 -14.02 21.49 15.07
CA PHE C 165 -12.67 21.34 14.48
C PHE C 165 -12.75 21.24 12.98
N ILE C 166 -11.61 21.39 12.36
CA ILE C 166 -11.51 21.11 10.95
C ILE C 166 -11.34 19.58 10.81
N PRO C 167 -11.77 18.99 9.71
CA PRO C 167 -11.49 17.56 9.47
C PRO C 167 -9.97 17.35 9.46
N PHE C 168 -9.46 16.16 9.78
CA PHE C 168 -10.22 14.90 10.01
C PHE C 168 -10.13 14.56 11.51
N ASN C 169 -11.26 14.29 12.15
CA ASN C 169 -11.29 14.20 13.62
C ASN C 169 -12.54 13.41 13.97
N ARG C 170 -12.46 12.58 15.03
CA ARG C 170 -13.55 11.64 15.43
C ARG C 170 -13.34 11.42 16.97
N ASN C 171 -14.28 10.75 17.60
CA ASN C 171 -14.17 10.47 19.02
C ASN C 171 -14.10 11.77 19.86
N GLY C 172 -14.94 12.72 19.48
CA GLY C 172 -15.15 13.94 20.28
C GLY C 172 -16.01 13.63 21.50
N VAL C 173 -15.53 14.02 22.69
CA VAL C 173 -16.21 13.67 23.93
C VAL C 173 -16.04 14.84 24.89
N LEU C 174 -17.14 15.53 25.20
CA LEU C 174 -17.15 16.67 26.12
C LEU C 174 -16.98 16.27 27.55
N PHE C 175 -16.35 17.11 28.34
CA PHE C 175 -16.43 17.01 29.81
C PHE C 175 -17.82 17.49 30.30
N PRO C 176 -18.34 16.84 31.41
CA PRO C 176 -19.69 17.05 31.92
C PRO C 176 -19.81 18.31 32.77
N ARG C 177 -18.73 19.09 32.85
CA ARG C 177 -18.72 20.42 33.45
C ARG C 177 -17.64 21.23 32.82
N LYS C 178 -17.67 22.54 33.09
CA LYS C 178 -16.59 23.44 32.64
C LYS C 178 -15.32 23.15 33.47
N ILE C 179 -14.16 23.35 32.85
CA ILE C 179 -12.84 23.18 33.44
C ILE C 179 -12.26 24.57 33.52
N ASN C 180 -12.12 25.06 34.75
CA ASN C 180 -11.71 26.47 34.98
C ASN C 180 -12.45 27.48 34.09
N GLY C 181 -13.76 27.28 33.97
CA GLY C 181 -14.62 28.21 33.27
C GLY C 181 -14.72 28.06 31.78
N ARG C 182 -14.11 27.02 31.21
CA ARG C 182 -14.21 26.75 29.82
C ARG C 182 -14.82 25.39 29.53
N PHE C 183 -15.55 25.30 28.41
CA PHE C 183 -15.98 24.01 27.91
C PHE C 183 -14.68 23.28 27.54
N ALA C 184 -14.68 21.97 27.70
CA ALA C 184 -13.54 21.16 27.29
C ALA C 184 -13.99 19.90 26.57
N MET C 185 -13.16 19.49 25.60
CA MET C 185 -13.50 18.36 24.81
C MET C 185 -12.26 17.52 24.47
N LEU C 186 -12.42 16.21 24.62
CA LEU C 186 -11.42 15.30 24.08
C LEU C 186 -11.72 15.04 22.60
N SER C 187 -10.65 14.86 21.80
CA SER C 187 -10.83 14.49 20.39
C SER C 187 -9.75 13.54 19.92
N ARG C 188 -9.73 13.29 18.62
CA ARG C 188 -8.86 12.26 18.07
C ARG C 188 -8.56 12.50 16.60
N PRO C 189 -7.45 13.16 16.34
CA PRO C 189 -7.13 13.46 14.97
C PRO C 189 -7.11 12.16 14.17
N SER C 190 -7.68 12.18 12.99
CA SER C 190 -7.80 11.00 12.17
C SER C 190 -7.39 11.31 10.73
N ASP C 191 -7.77 10.44 9.81
CA ASP C 191 -7.65 10.66 8.37
C ASP C 191 -9.02 10.40 7.74
N ASN C 192 -9.05 10.19 6.42
CA ASN C 192 -10.39 9.97 5.76
C ASN C 192 -10.55 8.53 5.37
N GLY C 193 -10.07 7.60 6.20
CA GLY C 193 -10.28 6.19 5.98
C GLY C 193 -10.39 5.44 7.28
N HIS C 194 -9.92 4.19 7.25
CA HIS C 194 -9.90 3.38 8.46
C HIS C 194 -8.57 3.68 9.15
N THR C 195 -8.57 4.73 9.90
CA THR C 195 -7.32 5.36 10.34
C THR C 195 -6.34 4.44 11.04
N PRO C 196 -5.10 4.43 10.60
CA PRO C 196 -4.13 3.49 11.15
C PRO C 196 -3.29 4.05 12.31
N PHE C 197 -3.76 5.10 12.93
CA PHE C 197 -3.09 5.80 14.00
C PHE C 197 -4.16 6.54 14.82
N GLY C 198 -3.79 7.08 15.99
CA GLY C 198 -4.70 7.90 16.71
C GLY C 198 -4.28 8.24 18.12
N ASP C 199 -3.97 9.51 18.38
CA ASP C 199 -3.71 10.04 19.72
C ASP C 199 -4.96 10.74 20.23
N ILE C 200 -5.20 10.70 21.52
CA ILE C 200 -6.21 11.49 22.16
C ILE C 200 -5.65 12.89 22.48
N PHE C 201 -6.44 13.89 22.09
CA PHE C 201 -6.20 15.30 22.29
C PHE C 201 -7.28 15.91 23.17
N TYR C 202 -6.97 17.10 23.68
CA TYR C 202 -7.83 17.89 24.57
C TYR C 202 -7.86 19.30 24.09
N SER C 203 -9.06 19.90 24.08
CA SER C 203 -9.23 21.30 23.64
C SER C 203 -10.22 22.02 24.49
N GLU C 204 -10.15 23.35 24.52
CA GLU C 204 -11.09 24.14 25.31
C GLU C 204 -11.80 25.20 24.48
N SER C 205 -12.92 25.70 25.02
CA SER C 205 -13.64 26.75 24.35
C SER C 205 -14.29 27.62 25.34
N PRO C 206 -14.20 28.94 25.18
CA PRO C 206 -14.98 29.79 26.07
C PRO C 206 -16.47 29.86 25.73
N ASP C 207 -16.89 29.43 24.57
CA ASP C 207 -18.22 29.81 24.05
C ASP C 207 -18.92 28.80 23.18
N MET C 208 -18.38 27.60 23.07
CA MET C 208 -18.97 26.54 22.21
C MET C 208 -18.96 26.94 20.77
N GLU C 209 -18.03 27.79 20.37
CA GLU C 209 -17.90 28.15 18.95
C GLU C 209 -16.43 28.15 18.52
N PHE C 210 -15.58 28.80 19.32
CA PHE C 210 -14.16 28.92 19.02
C PHE C 210 -13.36 28.04 20.03
N TRP C 211 -12.49 27.20 19.49
CA TRP C 211 -11.75 26.17 20.21
C TRP C 211 -10.23 26.37 20.09
N GLY C 212 -9.52 25.97 21.13
CA GLY C 212 -8.08 26.13 21.18
C GLY C 212 -7.43 25.56 22.44
N ARG C 213 -6.19 26.00 22.71
CA ARG C 213 -5.43 25.48 23.80
C ARG C 213 -5.34 23.99 23.69
N HIS C 214 -4.96 23.54 22.51
CA HIS C 214 -4.96 22.12 22.16
C HIS C 214 -3.79 21.46 22.85
N ARG C 215 -4.03 20.37 23.49
CA ARG C 215 -3.01 19.60 24.22
C ARG C 215 -3.16 18.06 23.94
N HIS C 216 -2.00 17.47 23.77
CA HIS C 216 -1.88 16.04 23.61
C HIS C 216 -2.15 15.38 24.95
N VAL C 217 -2.98 14.37 24.96
CA VAL C 217 -3.35 13.71 26.19
C VAL C 217 -2.56 12.39 26.24
N MET C 218 -2.79 11.51 25.28
CA MET C 218 -1.93 10.32 25.20
C MET C 218 -1.88 9.71 23.81
N SER C 219 -0.83 8.93 23.63
CA SER C 219 -0.60 8.14 22.41
C SER C 219 -0.83 6.66 22.67
N PRO C 220 -0.97 5.88 21.60
CA PRO C 220 -0.96 4.43 21.72
C PRO C 220 0.27 3.94 22.47
N ALA C 221 0.07 2.91 23.27
CA ALA C 221 1.22 2.35 24.00
C ALA C 221 2.11 1.56 23.05
N ALA C 222 3.31 1.25 23.51
CA ALA C 222 4.21 0.35 22.80
C ALA C 222 3.63 -1.07 22.74
N PHE C 223 3.79 -1.68 21.57
CA PHE C 223 3.39 -3.07 21.37
C PHE C 223 3.89 -4.01 22.50
N GLU C 224 5.14 -3.83 22.94
N GLU C 224 5.14 -3.81 22.91
CA GLU C 224 5.69 -4.77 23.91
CA GLU C 224 5.79 -4.64 23.91
C GLU C 224 5.20 -4.50 25.34
C GLU C 224 5.18 -4.49 25.31
N VAL C 225 4.53 -3.34 25.54
CA VAL C 225 4.02 -2.94 26.84
C VAL C 225 2.54 -3.26 26.98
N SER C 226 1.73 -2.83 26.00
CA SER C 226 0.28 -3.00 26.12
C SER C 226 -0.32 -2.97 24.72
N ALA C 227 -0.39 -4.14 24.11
CA ALA C 227 -0.68 -4.24 22.67
C ALA C 227 -2.16 -4.07 22.35
N TRP C 228 -3.05 -4.20 23.32
CA TRP C 228 -4.48 -3.92 22.99
C TRP C 228 -4.73 -2.44 22.60
N GLN C 229 -3.77 -1.55 22.90
CA GLN C 229 -3.90 -0.14 22.73
C GLN C 229 -2.65 0.40 22.03
N CYS C 230 -2.07 -0.42 21.13
CA CYS C 230 -0.84 0.00 20.46
C CYS C 230 -0.97 0.54 19.06
N THR C 231 -2.13 0.39 18.43
CA THR C 231 -2.34 0.97 17.06
C THR C 231 -2.91 2.38 17.10
N LYS C 232 -3.99 2.50 17.84
CA LYS C 232 -4.73 3.74 18.02
C LYS C 232 -5.62 3.64 19.27
N ILE C 233 -5.99 4.81 19.80
CA ILE C 233 -6.85 4.99 20.93
C ILE C 233 -7.89 6.05 20.67
N GLY C 234 -9.01 6.02 21.40
CA GLY C 234 -9.99 7.09 21.30
C GLY C 234 -10.81 7.14 22.54
N ALA C 235 -11.28 8.32 22.94
CA ALA C 235 -12.12 8.42 24.10
C ALA C 235 -13.49 7.75 23.85
N GLY C 236 -14.07 7.25 24.92
CA GLY C 236 -15.30 6.51 24.86
C GLY C 236 -16.44 7.28 25.50
N PRO C 237 -16.93 6.84 26.68
CA PRO C 237 -17.91 7.59 27.42
C PRO C 237 -17.45 8.94 27.91
N ILE C 238 -18.42 9.78 28.27
CA ILE C 238 -18.13 11.06 28.94
C ILE C 238 -17.23 10.80 30.14
N PRO C 239 -16.19 11.58 30.32
CA PRO C 239 -15.36 11.41 31.52
C PRO C 239 -16.22 11.48 32.81
N VAL C 240 -15.82 10.65 33.79
CA VAL C 240 -16.50 10.50 35.05
C VAL C 240 -15.61 11.10 36.13
N GLU C 241 -16.11 12.14 36.77
CA GLU C 241 -15.36 12.80 37.82
C GLU C 241 -15.24 11.93 39.05
N THR C 242 -14.03 11.85 39.60
CA THR C 242 -13.79 11.18 40.88
C THR C 242 -12.85 12.05 41.69
N PRO C 243 -12.78 11.82 43.02
CA PRO C 243 -11.83 12.56 43.85
C PRO C 243 -10.38 12.35 43.42
N GLU C 244 -10.11 11.31 42.67
CA GLU C 244 -8.70 10.98 42.26
C GLU C 244 -8.41 11.27 40.77
N GLY C 245 -9.26 12.07 40.13
CA GLY C 245 -9.09 12.42 38.74
C GLY C 245 -10.32 12.08 37.91
N TRP C 246 -10.25 12.46 36.64
CA TRP C 246 -11.25 12.10 35.68
C TRP C 246 -11.05 10.66 35.23
N LEU C 247 -12.03 9.81 35.43
CA LEU C 247 -11.92 8.47 34.94
C LEU C 247 -12.38 8.48 33.47
N LEU C 248 -11.41 8.17 32.60
CA LEU C 248 -11.57 8.10 31.23
C LEU C 248 -11.64 6.65 30.82
N ILE C 249 -12.77 6.23 30.26
N ILE C 249 -12.77 6.23 30.24
CA ILE C 249 -12.86 4.91 29.62
CA ILE C 249 -12.87 4.90 29.63
C ILE C 249 -12.63 5.13 28.11
C ILE C 249 -12.67 5.09 28.11
N TYR C 250 -11.71 4.36 27.51
CA TYR C 250 -11.30 4.59 26.13
C TYR C 250 -11.06 3.30 25.43
N HIS C 251 -11.22 3.30 24.10
CA HIS C 251 -10.90 2.10 23.25
C HIS C 251 -9.50 2.16 22.83
N GLY C 252 -8.96 0.97 22.63
CA GLY C 252 -7.69 0.73 22.06
C GLY C 252 -7.78 -0.36 21.02
N VAL C 253 -6.93 -0.21 20.04
CA VAL C 253 -6.86 -1.12 18.90
C VAL C 253 -5.54 -1.86 18.87
N LEU C 254 -5.64 -3.13 18.53
CA LEU C 254 -4.54 -4.00 18.20
C LEU C 254 -4.75 -4.42 16.73
N HIS C 255 -3.68 -4.33 15.95
CA HIS C 255 -3.72 -4.65 14.49
C HIS C 255 -3.18 -6.06 14.30
N SER C 256 -4.07 -7.01 14.08
CA SER C 256 -3.68 -8.38 13.80
C SER C 256 -3.52 -8.54 12.28
N CYS C 257 -3.08 -9.74 11.85
CA CYS C 257 -2.96 -9.96 10.42
C CYS C 257 -4.35 -9.90 9.76
N ASN C 258 -5.41 -10.16 10.49
CA ASN C 258 -6.76 -10.15 9.99
C ASN C 258 -7.60 -8.92 10.28
N GLY C 259 -6.98 -7.85 10.78
CA GLY C 259 -7.69 -6.62 11.02
C GLY C 259 -7.50 -6.02 12.41
N TYR C 260 -8.44 -5.23 12.82
CA TYR C 260 -8.36 -4.50 14.08
C TYR C 260 -9.17 -5.24 15.15
N VAL C 261 -8.70 -5.26 16.40
CA VAL C 261 -9.45 -5.79 17.51
C VAL C 261 -9.61 -4.60 18.46
N TYR C 262 -10.85 -4.24 18.72
CA TYR C 262 -11.15 -3.09 19.63
C TYR C 262 -11.44 -3.63 20.98
N SER C 263 -10.60 -3.22 21.93
CA SER C 263 -10.79 -3.50 23.39
C SER C 263 -10.98 -2.14 24.12
N PHE C 264 -11.26 -2.16 25.39
CA PHE C 264 -11.32 -0.87 26.13
C PHE C 264 -10.79 -0.97 27.55
N GLY C 265 -10.31 0.16 28.09
CA GLY C 265 -9.65 0.20 29.36
C GLY C 265 -9.84 1.59 29.97
N SER C 266 -9.00 1.88 30.97
CA SER C 266 -9.25 3.06 31.85
C SER C 266 -8.01 3.80 32.13
N ALA C 267 -8.15 5.13 32.29
CA ALA C 267 -7.04 6.00 32.66
C ALA C 267 -7.61 7.06 33.63
N LEU C 268 -6.75 7.70 34.42
CA LEU C 268 -7.13 8.80 35.31
C LEU C 268 -6.41 10.06 34.85
N LEU C 269 -7.14 11.15 34.64
CA LEU C 269 -6.61 12.43 34.13
C LEU C 269 -6.62 13.40 35.30
N ASP C 270 -5.64 14.29 35.38
CA ASP C 270 -5.71 15.40 36.36
C ASP C 270 -7.04 16.16 36.31
N LEU C 271 -7.59 16.49 37.48
CA LEU C 271 -8.89 17.24 37.54
C LEU C 271 -8.86 18.60 36.90
N ASP C 272 -7.74 19.31 37.10
CA ASP C 272 -7.60 20.73 36.76
C ASP C 272 -7.00 20.92 35.38
N GLU C 273 -6.15 19.99 34.97
CA GLU C 273 -5.49 20.05 33.70
C GLU C 273 -5.60 18.66 33.06
N PRO C 274 -6.75 18.37 32.47
CA PRO C 274 -7.03 16.95 32.13
C PRO C 274 -6.27 16.37 30.99
N TRP C 275 -5.44 17.16 30.31
CA TRP C 275 -4.52 16.58 29.40
C TRP C 275 -3.35 15.89 30.09
N LYS C 276 -3.21 16.02 31.40
CA LYS C 276 -2.15 15.34 32.13
C LYS C 276 -2.63 14.01 32.66
N VAL C 277 -2.03 12.93 32.18
CA VAL C 277 -2.50 11.56 32.53
C VAL C 277 -1.78 11.13 33.80
N LYS C 278 -2.50 10.74 34.86
CA LYS C 278 -1.86 10.39 36.10
C LYS C 278 -1.64 8.90 36.20
N PHE C 279 -2.56 8.09 35.66
CA PHE C 279 -2.42 6.61 35.62
C PHE C 279 -3.08 6.01 34.32
N SER C 281 -4.41 2.18 32.45
N SER C 281 -3.42 2.47 32.70
CA SER C 281 -4.23 0.72 32.67
CA SER C 281 -3.89 0.98 32.72
C SER C 281 -3.38 -0.02 31.65
C SER C 281 -3.14 0.17 31.71
N GLY C 282 -2.52 -0.94 32.13
CA GLY C 282 -1.87 -1.90 31.24
C GLY C 282 -2.81 -2.93 30.64
N PRO C 283 -3.52 -3.69 31.47
CA PRO C 283 -4.53 -4.59 30.94
C PRO C 283 -5.77 -3.81 30.48
N TYR C 284 -6.49 -4.42 29.58
CA TYR C 284 -7.80 -3.99 29.23
C TYR C 284 -8.80 -4.23 30.36
N LEU C 285 -9.89 -3.45 30.33
CA LEU C 285 -11.10 -3.83 31.10
C LEU C 285 -12.03 -4.86 30.39
N LEU C 286 -12.14 -4.78 29.07
CA LEU C 286 -13.05 -5.66 28.33
C LEU C 286 -12.48 -5.78 26.95
N ALA C 287 -12.59 -6.96 26.39
CA ALA C 287 -12.11 -7.27 25.09
C ALA C 287 -13.06 -8.31 24.42
N PRO C 288 -13.10 -8.36 23.10
CA PRO C 288 -14.15 -9.15 22.44
C PRO C 288 -14.00 -10.63 22.71
N ARG C 289 -15.06 -11.23 23.22
CA ARG C 289 -15.05 -12.60 23.72
C ARG C 289 -16.33 -13.33 23.27
N GLU C 290 -17.44 -12.68 23.49
CA GLU C 290 -18.73 -13.27 23.20
C GLU C 290 -19.08 -13.28 21.73
N PRO C 291 -20.01 -14.26 21.38
CA PRO C 291 -20.31 -14.29 19.94
C PRO C 291 -20.84 -12.95 19.42
N TYR C 292 -21.60 -12.24 20.21
CA TYR C 292 -22.17 -10.96 19.78
C TYR C 292 -21.12 -9.83 19.69
N GLU C 293 -19.94 -10.03 20.28
CA GLU C 293 -18.79 -9.13 20.10
C GLU C 293 -17.85 -9.57 18.99
N CYS C 294 -17.84 -10.88 18.68
CA CYS C 294 -16.88 -11.40 17.70
C CYS C 294 -17.42 -11.56 16.28
N MET C 295 -18.75 -11.73 16.15
CA MET C 295 -19.40 -11.95 14.87
C MET C 295 -20.41 -10.85 14.62
N GLY C 296 -20.41 -10.33 13.40
CA GLY C 296 -21.35 -9.26 13.02
C GLY C 296 -20.72 -8.40 11.92
N ASP C 297 -21.25 -7.19 11.73
CA ASP C 297 -20.83 -6.37 10.57
C ASP C 297 -19.30 -6.04 10.59
N VAL C 298 -18.75 -5.86 11.80
CA VAL C 298 -17.31 -5.61 11.99
C VAL C 298 -16.93 -6.55 13.20
N PRO C 299 -16.32 -7.68 12.88
CA PRO C 299 -15.97 -8.60 13.91
C PRO C 299 -14.92 -8.06 14.91
N ASN C 300 -15.04 -8.53 16.16
CA ASN C 300 -14.04 -8.26 17.18
C ASN C 300 -13.95 -6.81 17.62
N VAL C 301 -15.11 -6.28 18.02
CA VAL C 301 -15.22 -4.89 18.47
C VAL C 301 -16.07 -4.80 19.75
N CYS C 302 -15.47 -4.18 20.75
CA CYS C 302 -16.14 -3.68 21.93
C CYS C 302 -15.83 -2.18 21.99
N PHE C 303 -16.83 -1.34 21.77
CA PHE C 303 -16.60 0.08 21.55
C PHE C 303 -17.43 0.89 22.54
N PRO C 304 -16.81 1.31 23.65
CA PRO C 304 -17.67 1.95 24.66
C PRO C 304 -18.03 3.39 24.34
N CYS C 305 -19.31 3.69 24.59
N CYS C 305 -19.32 3.79 24.40
CA CYS C 305 -19.98 4.84 23.98
CA CYS C 305 -19.71 5.21 24.11
C CYS C 305 -20.69 5.75 25.02
C CYS C 305 -20.52 5.93 25.18
N ALA C 306 -20.94 5.24 26.24
CA ALA C 306 -21.65 5.94 27.29
C ALA C 306 -21.58 5.16 28.58
N ALA C 307 -21.76 5.87 29.70
CA ALA C 307 -21.85 5.24 30.99
C ALA C 307 -22.83 6.05 31.85
N LEU C 308 -23.52 5.30 32.71
CA LEU C 308 -24.32 5.87 33.80
C LEU C 308 -23.67 5.49 35.11
N HIS C 309 -23.65 6.41 36.05
CA HIS C 309 -23.00 6.05 37.32
C HIS C 309 -23.69 6.72 38.50
N ASP C 310 -23.47 6.14 39.69
CA ASP C 310 -24.02 6.66 40.96
C ASP C 310 -22.89 6.78 41.96
N ASN C 311 -22.46 7.99 42.27
CA ASN C 311 -21.37 8.16 43.23
C ASN C 311 -21.61 7.62 44.62
N GLU C 312 -22.85 7.59 45.06
CA GLU C 312 -23.09 7.10 46.41
C GLU C 312 -22.92 5.58 46.54
N THR C 313 -23.24 4.81 45.52
CA THR C 313 -23.05 3.37 45.63
C THR C 313 -21.75 2.95 44.94
N GLY C 314 -21.10 3.84 44.21
CA GLY C 314 -19.96 3.46 43.36
C GLY C 314 -20.33 2.73 42.04
N ARG C 315 -21.59 2.43 41.77
CA ARG C 315 -21.95 1.66 40.56
C ARG C 315 -21.75 2.47 39.27
N ILE C 316 -21.29 1.78 38.26
CA ILE C 316 -21.20 2.31 36.91
C ILE C 316 -21.66 1.23 35.98
N ALA C 317 -22.43 1.64 34.99
CA ALA C 317 -22.89 0.78 33.89
C ALA C 317 -22.40 1.39 32.60
N ILE C 318 -21.70 0.60 31.81
CA ILE C 318 -20.99 1.09 30.61
C ILE C 318 -21.68 0.43 29.41
N TYR C 319 -22.14 1.28 28.48
CA TYR C 319 -22.73 0.85 27.21
C TYR C 319 -21.64 0.75 26.16
N TYR C 320 -21.65 -0.35 25.39
CA TYR C 320 -20.66 -0.52 24.39
C TYR C 320 -21.20 -1.19 23.14
N GLY C 321 -20.77 -0.70 21.98
CA GLY C 321 -21.12 -1.35 20.75
C GLY C 321 -20.36 -2.68 20.59
N CYS C 322 -21.11 -3.68 20.13
CA CYS C 322 -20.62 -5.04 19.94
C CYS C 322 -20.63 -5.41 18.46
N ALA C 323 -19.42 -5.64 17.90
CA ALA C 323 -19.20 -6.04 16.50
C ALA C 323 -19.85 -5.05 15.48
N ASP C 324 -20.00 -3.81 15.89
CA ASP C 324 -20.71 -2.78 15.10
C ASP C 324 -22.11 -3.29 14.68
N THR C 325 -22.77 -4.06 15.52
CA THR C 325 -24.08 -4.66 15.21
C THR C 325 -25.16 -4.39 16.24
N VAL C 326 -24.83 -4.58 17.53
CA VAL C 326 -25.75 -4.45 18.63
C VAL C 326 -25.14 -3.69 19.78
N THR C 327 -25.91 -3.49 20.84
CA THR C 327 -25.41 -2.75 21.99
C THR C 327 -25.45 -3.64 23.23
N GLY C 328 -24.33 -3.67 23.96
CA GLY C 328 -24.21 -4.40 25.22
C GLY C 328 -23.98 -3.45 26.40
N LEU C 329 -24.11 -4.01 27.60
CA LEU C 329 -23.85 -3.35 28.86
C LEU C 329 -22.88 -4.19 29.69
N ALA C 330 -22.06 -3.50 30.47
CA ALA C 330 -21.16 -4.11 31.42
C ALA C 330 -21.17 -3.25 32.68
N PHE C 331 -20.89 -3.85 33.83
CA PHE C 331 -21.02 -3.22 35.12
C PHE C 331 -19.73 -3.28 35.88
N GLY C 332 -19.52 -2.31 36.75
CA GLY C 332 -18.39 -2.38 37.69
C GLY C 332 -18.61 -1.38 38.79
N TYR C 333 -17.66 -1.27 39.70
CA TYR C 333 -17.65 -0.28 40.73
C TYR C 333 -16.53 0.73 40.48
N ILE C 334 -16.84 2.01 40.61
CA ILE C 334 -15.88 3.06 40.33
C ILE C 334 -14.61 2.97 41.21
N PRO C 335 -14.76 2.72 42.53
CA PRO C 335 -13.57 2.50 43.37
C PRO C 335 -12.66 1.39 42.93
N GLU C 336 -13.25 0.30 42.50
CA GLU C 336 -12.46 -0.85 41.97
C GLU C 336 -11.74 -0.51 40.65
N ILE C 337 -12.40 0.25 39.79
CA ILE C 337 -11.81 0.66 38.52
C ILE C 337 -10.67 1.64 38.78
N ILE C 338 -10.83 2.56 39.71
CA ILE C 338 -9.73 3.46 40.13
C ILE C 338 -8.54 2.58 40.61
N GLU C 339 -8.84 1.63 41.48
CA GLU C 339 -7.80 0.86 42.12
C GLU C 339 -7.04 0.03 41.03
N PHE C 340 -7.81 -0.46 40.07
CA PHE C 340 -7.25 -1.28 39.00
C PHE C 340 -6.35 -0.43 38.14
N THR C 341 -6.81 0.78 37.83
CA THR C 341 -6.10 1.70 36.92
C THR C 341 -4.75 2.08 37.56
N LYS C 342 -4.76 2.36 38.84
CA LYS C 342 -3.56 2.77 39.53
C LYS C 342 -2.60 1.56 39.73
N ARG C 343 -3.09 0.43 40.21
CA ARG C 343 -2.19 -0.65 40.54
C ARG C 343 -1.55 -1.34 39.32
N THR C 344 -2.27 -1.27 38.18
CA THR C 344 -1.73 -1.77 36.92
C THR C 344 -1.17 -0.69 35.98
N SER C 345 -1.00 0.54 36.45
CA SER C 345 -0.62 1.64 35.56
C SER C 345 0.72 1.42 34.82
N ILE C 346 0.73 1.81 33.55
CA ILE C 346 1.97 1.73 32.78
C ILE C 346 2.66 3.03 32.78
N ILE C 347 2.11 3.99 33.49
CA ILE C 347 2.87 5.15 33.79
C ILE C 347 2.89 5.37 35.31
N ILE D 28 10.50 10.03 -48.98
CA ILE D 28 11.89 10.17 -48.48
C ILE D 28 11.82 10.29 -46.93
N ILE D 29 11.99 9.18 -46.24
CA ILE D 29 12.01 9.24 -44.78
C ILE D 29 13.28 9.90 -44.16
N PRO D 30 13.14 10.46 -42.95
CA PRO D 30 14.26 11.10 -42.31
C PRO D 30 15.39 10.12 -42.02
N TRP D 31 16.63 10.59 -42.03
CA TRP D 31 17.78 9.70 -41.86
C TRP D 31 19.01 10.48 -41.47
N GLU D 32 19.78 9.89 -40.56
CA GLU D 32 21.08 10.37 -40.19
C GLU D 32 21.92 9.15 -40.16
N GLU D 33 23.08 9.16 -40.81
N GLU D 33 23.07 9.18 -40.81
CA GLU D 33 23.94 7.99 -40.80
CA GLU D 33 23.95 8.03 -40.90
C GLU D 33 24.50 7.75 -39.43
C GLU D 33 24.56 7.75 -39.51
N ARG D 34 24.71 6.49 -39.13
CA ARG D 34 25.43 6.08 -37.90
C ARG D 34 26.80 6.75 -37.78
N PRO D 35 27.09 7.41 -36.64
CA PRO D 35 28.41 8.01 -36.50
C PRO D 35 29.48 6.96 -36.67
N ALA D 36 30.58 7.27 -37.37
CA ALA D 36 31.67 6.27 -37.54
C ALA D 36 32.15 5.76 -36.16
N GLY D 37 32.44 4.47 -36.09
CA GLY D 37 32.80 3.83 -34.83
C GLY D 37 31.69 3.61 -33.81
N CYS D 38 30.49 4.17 -34.03
CA CYS D 38 29.35 3.84 -33.16
C CYS D 38 28.94 2.41 -33.39
N LYS D 39 28.85 1.66 -32.31
CA LYS D 39 28.55 0.26 -32.39
C LYS D 39 27.09 -0.03 -32.01
N ASP D 40 26.26 1.00 -31.84
CA ASP D 40 24.88 0.74 -31.35
C ASP D 40 23.96 0.39 -32.49
N VAL D 41 22.95 -0.43 -32.19
CA VAL D 41 21.95 -0.78 -33.18
C VAL D 41 21.05 0.43 -33.49
N LEU D 42 20.76 1.25 -32.50
CA LEU D 42 20.01 2.48 -32.69
C LEU D 42 20.80 3.69 -32.25
N TRP D 43 20.65 4.83 -32.93
CA TRP D 43 21.35 6.02 -32.52
C TRP D 43 20.42 7.27 -32.59
N ARG D 44 20.60 8.15 -31.61
CA ARG D 44 19.75 9.34 -31.51
C ARG D 44 20.02 10.36 -32.60
N SER D 45 18.97 11.00 -33.07
CA SER D 45 19.16 12.16 -33.92
C SER D 45 19.98 13.23 -33.20
N VAL D 46 20.87 13.90 -33.92
CA VAL D 46 21.60 15.00 -33.32
C VAL D 46 20.69 16.23 -33.15
N ALA D 47 19.58 16.27 -33.84
CA ALA D 47 18.63 17.36 -33.69
C ALA D 47 17.65 17.17 -32.55
N ASN D 48 17.77 16.15 -31.70
CA ASN D 48 16.79 15.95 -30.65
C ASN D 48 16.85 17.07 -29.61
N PRO D 49 15.74 17.42 -29.00
CA PRO D 49 14.42 16.91 -29.36
C PRO D 49 13.93 17.52 -30.68
N ILE D 50 13.23 16.76 -31.48
CA ILE D 50 12.73 17.29 -32.74
C ILE D 50 11.42 18.07 -32.56
N ILE D 51 10.70 17.85 -31.45
CA ILE D 51 9.52 18.67 -31.19
C ILE D 51 9.64 19.20 -29.77
N PRO D 52 9.60 20.53 -29.62
CA PRO D 52 9.79 21.17 -28.32
C PRO D 52 8.48 21.19 -27.56
N ARG D 53 8.57 21.33 -26.24
CA ARG D 53 7.36 21.22 -25.40
C ARG D 53 6.37 22.39 -25.64
N ASP D 54 6.88 23.51 -26.18
CA ASP D 54 6.09 24.73 -26.23
C ASP D 54 5.77 25.17 -27.62
N LEU D 55 5.68 24.21 -28.52
CA LEU D 55 5.41 24.51 -29.88
C LEU D 55 4.05 25.21 -30.04
N LEU D 56 3.05 24.86 -29.25
CA LEU D 56 1.71 25.48 -29.32
C LEU D 56 1.59 26.57 -28.26
N PRO D 57 0.67 27.51 -28.45
CA PRO D 57 0.53 28.55 -27.42
C PRO D 57 0.15 28.01 -26.02
N THR D 58 -0.58 26.89 -25.95
CA THR D 58 -0.99 26.33 -24.67
C THR D 58 -0.36 25.00 -24.33
N SER D 59 0.64 24.55 -25.10
CA SER D 59 1.23 23.25 -24.88
C SER D 59 2.20 23.23 -23.68
N ASN D 60 2.04 22.23 -22.83
CA ASN D 60 2.95 21.97 -21.71
C ASN D 60 4.00 20.92 -22.10
N SER D 61 3.62 20.01 -22.97
CA SER D 61 4.48 18.92 -23.40
C SER D 61 3.91 18.31 -24.66
N ILE D 62 4.80 17.78 -25.50
CA ILE D 62 4.41 17.10 -26.74
C ILE D 62 5.31 15.90 -26.91
N PHE D 63 4.78 14.70 -26.70
N PHE D 63 4.70 14.71 -26.90
CA PHE D 63 5.67 13.57 -26.50
CA PHE D 63 5.44 13.46 -26.81
C PHE D 63 5.19 12.23 -27.04
C PHE D 63 4.53 12.32 -27.19
N ASN D 64 4.07 12.24 -27.75
N ASN D 64 5.03 11.07 -27.20
CA ASN D 64 3.71 11.13 -28.62
CA ASN D 64 4.16 9.90 -27.36
C ASN D 64 3.41 11.67 -29.98
C ASN D 64 3.23 10.01 -28.64
N SER D 65 4.01 11.05 -31.00
N SER D 65 3.77 10.41 -29.79
CA SER D 65 3.93 11.50 -32.39
CA SER D 65 2.95 10.77 -30.94
C SER D 65 3.64 10.30 -33.25
C SER D 65 3.00 9.75 -32.11
N ALA D 66 2.35 10.06 -33.51
N ALA D 66 2.13 9.92 -33.11
CA ALA D 66 1.92 8.94 -34.33
CA ALA D 66 2.01 8.96 -34.22
C ALA D 66 1.91 9.37 -35.81
C ALA D 66 2.28 9.69 -35.56
N VAL D 67 3.01 9.04 -36.48
CA VAL D 67 3.42 9.64 -37.74
C VAL D 67 3.27 8.66 -38.87
N VAL D 68 2.82 9.16 -40.04
CA VAL D 68 2.76 8.33 -41.25
C VAL D 68 3.08 9.17 -42.48
N PRO D 69 3.45 8.49 -43.58
CA PRO D 69 3.52 9.24 -44.81
C PRO D 69 2.13 9.64 -45.25
N PHE D 70 2.03 10.79 -45.91
CA PHE D 70 0.73 11.31 -46.40
C PHE D 70 0.92 12.29 -47.57
N GLY D 71 0.28 11.99 -48.69
CA GLY D 71 0.48 12.79 -49.90
C GLY D 71 1.94 13.14 -50.13
N ASP D 72 2.22 14.45 -50.12
CA ASP D 72 3.54 15.02 -50.50
C ASP D 72 4.55 14.97 -49.34
N GLY D 73 4.14 14.47 -48.17
CA GLY D 73 4.96 14.64 -46.99
C GLY D 73 4.40 13.71 -45.93
N PHE D 74 4.13 14.26 -44.74
CA PHE D 74 3.87 13.40 -43.59
C PHE D 74 2.78 14.02 -42.78
N ALA D 75 2.01 13.16 -42.12
CA ALA D 75 1.01 13.64 -41.23
C ALA D 75 1.14 12.86 -39.94
N GLY D 76 0.49 13.40 -38.93
CA GLY D 76 0.36 12.65 -37.68
C GLY D 76 -0.67 13.15 -36.70
N VAL D 77 -0.83 12.33 -35.64
CA VAL D 77 -1.66 12.67 -34.51
C VAL D 77 -0.76 12.72 -33.32
N PHE D 78 -0.76 13.86 -32.65
CA PHE D 78 0.17 14.15 -31.55
C PHE D 78 -0.50 14.29 -30.21
N ARG D 79 0.10 13.70 -29.19
CA ARG D 79 -0.31 13.97 -27.83
C ARG D 79 0.34 15.27 -27.41
N CYS D 80 -0.49 16.29 -27.20
CA CYS D 80 -0.07 17.54 -26.64
C CYS D 80 -0.83 17.75 -25.35
N ASP D 81 -0.14 17.75 -24.20
CA ASP D 81 -0.82 18.02 -22.96
C ASP D 81 -0.71 19.53 -22.72
N ASP D 82 -1.78 20.12 -22.28
CA ASP D 82 -1.80 21.59 -22.17
C ASP D 82 -1.37 22.08 -20.80
N THR D 83 -1.41 23.39 -20.59
CA THR D 83 -1.02 23.99 -19.37
C THR D 83 -2.04 23.74 -18.21
N SER D 84 -3.16 23.07 -18.49
CA SER D 84 -4.12 22.60 -17.45
C SER D 84 -3.80 21.14 -17.16
N ARG D 85 -2.78 20.63 -17.83
CA ARG D 85 -2.37 19.22 -17.76
C ARG D 85 -3.44 18.27 -18.25
N ARG D 86 -4.25 18.76 -19.21
CA ARG D 86 -5.22 17.91 -19.88
C ARG D 86 -4.52 17.25 -21.07
N MET D 87 -5.00 16.05 -21.37
CA MET D 87 -4.42 15.19 -22.43
C MET D 87 -5.28 15.26 -23.66
N ARG D 88 -4.72 15.80 -24.73
CA ARG D 88 -5.46 16.04 -25.97
C ARG D 88 -4.64 15.57 -27.17
N LEU D 89 -5.32 15.24 -28.26
CA LEU D 89 -4.72 14.89 -29.52
C LEU D 89 -4.83 16.10 -30.48
N HIS D 90 -3.80 16.32 -31.28
CA HIS D 90 -3.78 17.35 -32.32
C HIS D 90 -3.22 16.77 -33.60
N VAL D 91 -3.72 17.24 -34.74
CA VAL D 91 -3.20 16.80 -36.05
C VAL D 91 -2.02 17.66 -36.41
N GLY D 92 -1.08 17.08 -37.12
CA GLY D 92 0.14 17.78 -37.55
C GLY D 92 0.54 17.30 -38.97
N PHE D 93 1.29 18.17 -39.67
CA PHE D 93 1.82 17.90 -40.99
C PHE D 93 3.24 18.38 -41.05
N SER D 94 4.03 17.70 -41.87
CA SER D 94 5.43 18.03 -42.08
C SER D 94 5.86 17.65 -43.49
N LYS D 95 6.79 18.42 -44.08
CA LYS D 95 7.40 18.05 -45.35
C LYS D 95 8.46 16.98 -45.20
N ASP D 96 9.19 17.05 -44.08
CA ASP D 96 10.36 16.18 -43.86
C ASP D 96 10.24 15.14 -42.71
N ALA D 97 9.14 15.23 -41.96
CA ALA D 97 8.85 14.36 -40.79
C ALA D 97 9.67 14.72 -39.56
N ILE D 98 10.37 15.85 -39.63
CA ILE D 98 11.26 16.34 -38.57
C ILE D 98 10.73 17.61 -37.93
N ASN D 99 10.43 18.57 -38.77
CA ASN D 99 9.86 19.86 -38.37
C ASN D 99 8.37 19.85 -38.60
N TRP D 100 7.64 20.01 -37.52
CA TRP D 100 6.21 19.75 -37.59
C TRP D 100 5.36 21.01 -37.43
N ASN D 101 4.32 21.10 -38.22
CA ASN D 101 3.28 22.14 -38.07
C ASN D 101 2.13 21.45 -37.45
N ILE D 102 1.94 21.71 -36.18
CA ILE D 102 0.83 21.06 -35.44
C ILE D 102 -0.28 22.08 -35.22
N LYS D 103 -1.51 21.67 -35.46
CA LYS D 103 -2.67 22.49 -35.28
C LYS D 103 -2.83 22.88 -33.85
N GLU D 104 -3.18 24.13 -33.62
CA GLU D 104 -3.19 24.68 -32.25
C GLU D 104 -4.34 24.12 -31.49
N GLU D 105 -5.42 23.82 -32.19
CA GLU D 105 -6.65 23.38 -31.52
C GLU D 105 -6.76 21.85 -31.56
N PRO D 106 -7.08 21.21 -30.40
CA PRO D 106 -7.24 19.76 -30.40
C PRO D 106 -8.18 19.22 -31.46
N LEU D 107 -7.83 18.03 -31.93
N LEU D 107 -7.82 18.03 -31.93
CA LEU D 107 -8.60 17.21 -32.81
CA LEU D 107 -8.60 17.21 -32.80
C LEU D 107 -9.91 16.83 -32.15
C LEU D 107 -9.92 16.84 -32.14
N LYS D 108 -11.00 16.93 -32.92
CA LYS D 108 -12.36 16.62 -32.45
C LYS D 108 -12.92 15.58 -33.41
N PHE D 109 -13.61 14.61 -32.87
CA PHE D 109 -14.13 13.52 -33.69
C PHE D 109 -15.61 13.67 -34.03
N GLN D 110 -15.95 13.22 -35.22
CA GLN D 110 -17.36 13.05 -35.57
C GLN D 110 -17.78 11.68 -35.06
N CYS D 111 -18.93 11.57 -34.46
CA CYS D 111 -19.40 10.24 -34.03
C CYS D 111 -20.94 10.21 -34.00
N ASP D 112 -21.58 9.25 -34.63
CA ASP D 112 -23.04 9.29 -34.60
C ASP D 112 -23.59 8.88 -33.21
N ASP D 113 -22.80 8.14 -32.43
CA ASP D 113 -23.26 7.70 -31.09
C ASP D 113 -22.80 8.69 -30.05
N GLU D 114 -23.73 9.38 -29.43
CA GLU D 114 -23.44 10.38 -28.45
C GLU D 114 -22.73 9.83 -27.17
N GLU D 115 -22.99 8.58 -26.83
CA GLU D 115 -22.43 7.98 -25.63
C GLU D 115 -20.92 7.76 -25.87
N ILE D 116 -20.54 7.22 -27.02
CA ILE D 116 -19.14 6.96 -27.28
C ILE D 116 -18.44 8.22 -27.73
N GLY D 117 -19.17 9.13 -28.39
CA GLY D 117 -18.59 10.36 -28.92
C GLY D 117 -18.26 11.38 -27.83
N THR D 118 -18.65 11.13 -26.60
CA THR D 118 -18.31 12.08 -25.49
C THR D 118 -16.81 12.09 -25.20
N TRP D 119 -16.21 13.26 -25.22
CA TRP D 119 -14.77 13.38 -25.00
C TRP D 119 -14.50 13.55 -23.53
N VAL D 120 -13.63 12.69 -23.00
CA VAL D 120 -13.16 12.82 -21.61
C VAL D 120 -11.67 13.19 -21.63
N TYR D 121 -10.86 12.32 -22.20
CA TYR D 121 -9.42 12.61 -22.41
C TYR D 121 -8.91 11.66 -23.49
N GLY D 122 -7.70 11.90 -23.95
CA GLY D 122 -7.10 11.05 -24.95
C GLY D 122 -5.61 11.22 -24.96
N TYR D 123 -4.90 10.10 -24.94
CA TYR D 123 -3.45 10.09 -25.06
C TYR D 123 -2.95 8.86 -25.84
N ASP D 124 -1.64 8.91 -26.04
N ASP D 124 -1.67 8.64 -25.98
CA ASP D 124 -0.80 7.91 -26.71
CA ASP D 124 -1.21 7.36 -26.54
C ASP D 124 -1.47 7.29 -27.95
C ASP D 124 -1.62 7.10 -28.04
N PRO D 125 -1.63 8.13 -28.97
CA PRO D 125 -2.12 7.72 -30.29
C PRO D 125 -1.16 6.81 -31.05
N ARG D 126 -1.75 6.00 -31.90
CA ARG D 126 -1.06 5.28 -32.97
C ARG D 126 -1.86 5.40 -34.27
N VAL D 127 -1.14 5.52 -35.37
CA VAL D 127 -1.77 5.70 -36.66
C VAL D 127 -1.17 4.78 -37.73
N CYS D 128 -2.05 4.15 -38.49
CA CYS D 128 -1.63 3.43 -39.66
C CYS D 128 -2.69 3.35 -40.79
N PHE D 129 -2.25 3.21 -42.03
CA PHE D 129 -3.16 2.97 -43.17
C PHE D 129 -3.51 1.51 -43.23
N ILE D 130 -4.80 1.19 -43.28
CA ILE D 130 -5.18 -0.17 -43.58
C ILE D 130 -6.17 -0.21 -44.76
N GLU D 131 -5.73 -0.81 -45.87
CA GLU D 131 -6.52 -1.03 -47.07
C GLU D 131 -6.96 0.24 -47.79
N ASP D 132 -7.75 1.08 -47.15
CA ASP D 132 -8.34 2.19 -47.83
C ASP D 132 -8.43 3.48 -47.09
N ARG D 133 -7.89 3.50 -45.88
CA ARG D 133 -8.00 4.66 -45.03
C ARG D 133 -7.03 4.60 -43.88
N TYR D 134 -6.86 5.70 -43.19
CA TYR D 134 -6.00 5.74 -42.02
C TYR D 134 -6.84 5.47 -40.78
N TYR D 135 -6.35 4.59 -39.92
CA TYR D 135 -7.00 4.33 -38.66
C TYR D 135 -6.15 4.91 -37.54
N VAL D 136 -6.81 5.52 -36.58
CA VAL D 136 -6.21 6.02 -35.37
C VAL D 136 -6.74 5.29 -34.13
N THR D 137 -5.82 4.85 -33.29
CA THR D 137 -6.17 4.35 -31.96
C THR D 137 -5.60 5.27 -30.93
N TRP D 138 -6.24 5.32 -29.77
CA TRP D 138 -5.60 6.06 -28.71
C TRP D 138 -6.14 5.57 -27.38
N CYS D 139 -5.51 5.99 -26.30
CA CYS D 139 -6.07 5.64 -24.97
C CYS D 139 -7.15 6.69 -24.66
N ASN D 140 -8.42 6.24 -24.71
CA ASN D 140 -9.60 7.07 -24.70
C ASN D 140 -10.33 6.84 -23.39
N GLY D 141 -10.65 7.94 -22.72
CA GLY D 141 -11.44 7.83 -21.53
C GLY D 141 -12.89 7.46 -21.73
N TYR D 142 -13.30 6.27 -21.24
CA TYR D 142 -14.70 5.89 -21.21
C TYR D 142 -14.88 5.12 -19.90
N HIS D 143 -15.22 5.81 -18.80
CA HIS D 143 -15.21 5.21 -17.51
C HIS D 143 -13.87 4.52 -17.19
N GLY D 144 -12.80 5.21 -17.53
CA GLY D 144 -11.46 4.77 -17.39
C GLY D 144 -10.80 4.55 -18.77
N PRO D 145 -9.51 4.14 -18.74
CA PRO D 145 -8.79 4.02 -19.99
C PRO D 145 -9.21 2.80 -20.79
N THR D 146 -9.49 3.03 -22.07
CA THR D 146 -9.69 1.95 -22.98
C THR D 146 -9.13 2.37 -24.33
N ILE D 147 -9.34 1.55 -25.37
N ILE D 147 -9.40 1.58 -25.38
CA ILE D 147 -8.78 1.88 -26.66
CA ILE D 147 -8.80 1.88 -26.66
C ILE D 147 -9.87 2.45 -27.57
C ILE D 147 -9.83 2.42 -27.63
N GLY D 148 -9.74 3.73 -27.89
CA GLY D 148 -10.61 4.39 -28.81
C GLY D 148 -10.10 4.10 -30.23
N VAL D 149 -11.04 4.12 -31.19
CA VAL D 149 -10.76 3.88 -32.57
C VAL D 149 -11.47 4.89 -33.42
N ALA D 150 -10.78 5.30 -34.49
CA ALA D 150 -11.41 6.19 -35.47
C ALA D 150 -10.72 6.01 -36.81
N TYR D 151 -11.30 6.56 -37.86
CA TYR D 151 -10.61 6.58 -39.17
C TYR D 151 -10.67 7.99 -39.80
N THR D 152 -9.77 8.19 -40.74
CA THR D 152 -9.75 9.40 -41.59
C THR D 152 -9.22 9.00 -42.97
N PHE D 153 -9.81 9.62 -44.00
CA PHE D 153 -9.30 9.54 -45.35
C PHE D 153 -8.35 10.72 -45.65
N ASP D 154 -8.45 11.83 -44.92
CA ASP D 154 -7.74 13.05 -45.33
C ASP D 154 -7.00 13.81 -44.26
N PHE D 155 -7.05 13.29 -43.04
CA PHE D 155 -6.46 13.99 -41.90
C PHE D 155 -7.12 15.32 -41.63
N GLU D 156 -8.34 15.49 -42.12
CA GLU D 156 -9.10 16.67 -41.79
C GLU D 156 -10.33 16.27 -40.96
N THR D 157 -11.09 15.32 -41.47
CA THR D 157 -12.29 14.83 -40.82
C THR D 157 -11.94 13.46 -40.25
N PHE D 158 -12.21 13.28 -38.96
CA PHE D 158 -11.99 12.00 -38.23
C PHE D 158 -13.32 11.46 -37.71
N HIS D 159 -13.59 10.21 -38.06
CA HIS D 159 -14.86 9.55 -37.75
C HIS D 159 -14.55 8.50 -36.66
N GLN D 160 -15.17 8.68 -35.52
CA GLN D 160 -15.00 7.82 -34.34
C GLN D 160 -15.85 6.56 -34.41
N LEU D 161 -15.20 5.44 -34.13
CA LEU D 161 -15.87 4.13 -34.10
C LEU D 161 -15.99 3.63 -32.69
N GLU D 162 -16.49 2.42 -32.53
CA GLU D 162 -16.62 1.88 -31.19
C GLU D 162 -15.27 1.73 -30.50
N ASN D 163 -15.25 2.00 -29.19
CA ASN D 163 -14.07 1.67 -28.41
C ASN D 163 -13.86 0.14 -28.56
N ALA D 164 -12.63 -0.33 -28.77
CA ALA D 164 -12.41 -1.72 -29.18
C ALA D 164 -12.65 -2.71 -28.03
N PHE D 165 -12.37 -2.26 -26.82
CA PHE D 165 -12.41 -3.11 -25.64
C PHE D 165 -13.06 -2.43 -24.47
N ILE D 166 -13.39 -3.23 -23.47
CA ILE D 166 -13.80 -2.68 -22.20
C ILE D 166 -12.58 -2.18 -21.46
N PRO D 167 -12.73 -1.12 -20.63
CA PRO D 167 -11.62 -0.70 -19.81
C PRO D 167 -11.25 -1.87 -18.84
N PHE D 168 -10.05 -1.95 -18.33
CA PHE D 168 -8.93 -0.98 -18.49
C PHE D 168 -7.88 -1.52 -19.46
N ASN D 169 -7.49 -0.71 -20.44
CA ASN D 169 -6.63 -1.13 -21.49
C ASN D 169 -6.00 0.09 -22.13
N ARG D 170 -4.73 -0.08 -22.55
CA ARG D 170 -3.93 0.99 -23.13
C ARG D 170 -2.93 0.33 -24.11
N ASN D 171 -2.11 1.12 -24.82
CA ASN D 171 -1.12 0.63 -25.72
C ASN D 171 -1.77 -0.22 -26.83
N GLY D 172 -2.85 0.30 -27.36
CA GLY D 172 -3.57 -0.36 -28.51
C GLY D 172 -2.82 0.06 -29.78
N VAL D 173 -2.41 -0.94 -30.56
CA VAL D 173 -1.63 -0.68 -31.76
C VAL D 173 -2.11 -1.66 -32.83
N LEU D 174 -2.62 -1.14 -33.95
CA LEU D 174 -3.10 -1.97 -35.06
C LEU D 174 -1.99 -2.47 -35.93
N PHE D 175 -2.26 -3.59 -36.55
CA PHE D 175 -1.44 -4.07 -37.64
C PHE D 175 -1.80 -3.29 -38.88
N PRO D 176 -0.81 -3.06 -39.73
CA PRO D 176 -1.02 -2.28 -40.95
C PRO D 176 -1.68 -3.02 -42.15
N ARG D 177 -2.14 -4.25 -41.97
CA ARG D 177 -2.97 -4.91 -42.95
C ARG D 177 -3.76 -5.94 -42.21
N LYS D 178 -4.71 -6.56 -42.89
CA LYS D 178 -5.48 -7.60 -42.24
C LYS D 178 -4.61 -8.79 -42.14
N ILE D 179 -4.87 -9.59 -41.13
CA ILE D 179 -4.21 -10.86 -40.94
C ILE D 179 -5.25 -11.91 -41.20
N ASN D 180 -5.12 -12.63 -42.30
CA ASN D 180 -6.04 -13.71 -42.61
C ASN D 180 -7.48 -13.21 -42.71
N GLY D 181 -7.66 -11.97 -43.14
CA GLY D 181 -8.95 -11.45 -43.47
C GLY D 181 -9.61 -10.74 -42.31
N ARG D 182 -8.89 -10.57 -41.21
CA ARG D 182 -9.39 -9.83 -40.08
C ARG D 182 -8.45 -8.70 -39.69
N PHE D 183 -9.04 -7.58 -39.27
CA PHE D 183 -8.28 -6.55 -38.64
C PHE D 183 -7.66 -7.16 -37.32
N ALA D 184 -6.52 -6.62 -36.91
CA ALA D 184 -5.80 -7.18 -35.74
C ALA D 184 -5.13 -6.06 -34.95
N MET D 185 -5.16 -6.20 -33.61
CA MET D 185 -4.64 -5.15 -32.77
C MET D 185 -3.96 -5.74 -31.56
N LEU D 186 -2.79 -5.18 -31.28
CA LEU D 186 -2.17 -5.42 -29.99
C LEU D 186 -2.76 -4.53 -28.92
N SER D 187 -2.80 -5.01 -27.68
CA SER D 187 -3.29 -4.14 -26.58
C SER D 187 -2.59 -4.53 -25.30
N ARG D 188 -3.00 -3.92 -24.19
CA ARG D 188 -2.28 -4.03 -22.91
C ARG D 188 -3.21 -3.84 -21.76
N PRO D 189 -3.79 -4.93 -21.26
CA PRO D 189 -4.68 -4.78 -20.13
C PRO D 189 -4.01 -4.03 -18.95
N SER D 190 -4.77 -3.14 -18.31
CA SER D 190 -4.22 -2.19 -17.37
C SER D 190 -5.14 -2.10 -16.15
N ASP D 191 -4.92 -1.07 -15.32
CA ASP D 191 -5.83 -0.72 -14.23
C ASP D 191 -6.11 0.75 -14.38
N ASN D 192 -6.63 1.40 -13.35
CA ASN D 192 -7.00 2.80 -13.50
C ASN D 192 -6.03 3.66 -12.72
N GLY D 193 -4.74 3.26 -12.71
CA GLY D 193 -3.71 4.08 -12.04
C GLY D 193 -2.44 3.94 -12.82
N HIS D 194 -1.31 4.07 -12.12
CA HIS D 194 -0.03 3.87 -12.72
C HIS D 194 0.29 2.40 -12.68
N THR D 195 -0.11 1.71 -13.71
CA THR D 195 -0.28 0.29 -13.63
C THR D 195 1.04 -0.45 -13.30
N PRO D 196 0.91 -1.34 -12.21
CA PRO D 196 2.16 -2.01 -11.82
C PRO D 196 2.36 -3.38 -12.47
N PHE D 197 1.75 -3.58 -13.59
CA PHE D 197 1.86 -4.81 -14.31
C PHE D 197 1.53 -4.54 -15.80
N GLY D 198 1.82 -5.48 -16.66
CA GLY D 198 1.37 -5.36 -18.03
C GLY D 198 1.85 -6.36 -19.04
N ASP D 199 0.95 -7.17 -19.56
CA ASP D 199 1.21 -8.14 -20.63
C ASP D 199 0.70 -7.56 -21.96
N ILE D 200 1.41 -7.81 -23.02
CA ILE D 200 0.89 -7.54 -24.34
C ILE D 200 -0.08 -8.64 -24.81
N PHE D 201 -1.23 -8.23 -25.31
CA PHE D 201 -2.23 -9.12 -25.91
C PHE D 201 -2.46 -8.79 -27.40
N TYR D 202 -3.13 -9.71 -28.08
CA TYR D 202 -3.48 -9.65 -29.49
C TYR D 202 -4.92 -10.02 -29.66
N SER D 203 -5.63 -9.28 -30.50
CA SER D 203 -7.05 -9.53 -30.74
C SER D 203 -7.36 -9.25 -32.21
N GLU D 204 -8.46 -9.81 -32.70
CA GLU D 204 -8.89 -9.63 -34.09
C GLU D 204 -10.33 -9.16 -34.19
N SER D 205 -10.70 -8.61 -35.35
CA SER D 205 -12.04 -8.14 -35.61
C SER D 205 -12.35 -8.33 -37.11
N PRO D 206 -13.52 -8.92 -37.44
CA PRO D 206 -13.93 -8.98 -38.85
C PRO D 206 -14.36 -7.62 -39.41
N ASP D 207 -14.68 -6.64 -38.56
CA ASP D 207 -15.46 -5.48 -39.00
C ASP D 207 -15.16 -4.11 -38.33
N MET D 208 -14.09 -4.03 -37.55
CA MET D 208 -13.76 -2.82 -36.80
C MET D 208 -14.85 -2.41 -35.84
N GLU D 209 -15.63 -3.39 -35.37
CA GLU D 209 -16.66 -3.08 -34.37
C GLU D 209 -16.64 -4.11 -33.27
N PHE D 210 -16.62 -5.39 -33.63
CA PHE D 210 -16.60 -6.47 -32.65
C PHE D 210 -15.25 -7.15 -32.64
N TRP D 211 -14.71 -7.37 -31.44
CA TRP D 211 -13.34 -7.83 -31.26
C TRP D 211 -13.30 -9.10 -30.50
N GLY D 212 -12.28 -9.91 -30.74
CA GLY D 212 -12.29 -11.21 -30.13
C GLY D 212 -11.06 -12.05 -30.51
N ARG D 213 -11.12 -13.35 -30.23
N ARG D 213 -11.14 -13.34 -30.20
CA ARG D 213 -9.96 -14.24 -30.45
CA ARG D 213 -10.01 -14.25 -30.40
C ARG D 213 -8.71 -13.70 -29.74
C ARG D 213 -8.74 -13.72 -29.74
N HIS D 214 -8.87 -13.38 -28.45
CA HIS D 214 -7.81 -12.75 -27.69
C HIS D 214 -6.71 -13.78 -27.40
N ARG D 215 -5.49 -13.34 -27.58
CA ARG D 215 -4.34 -14.21 -27.32
C ARG D 215 -3.25 -13.44 -26.62
N HIS D 216 -2.69 -14.09 -25.61
CA HIS D 216 -1.54 -13.53 -24.88
C HIS D 216 -0.31 -13.54 -25.80
N VAL D 217 0.39 -12.44 -25.89
CA VAL D 217 1.61 -12.34 -26.69
C VAL D 217 2.84 -12.53 -25.79
N MET D 218 3.02 -11.63 -24.81
CA MET D 218 4.14 -11.80 -23.90
C MET D 218 3.95 -11.01 -22.60
N SER D 219 4.66 -11.52 -21.59
CA SER D 219 4.64 -11.01 -20.23
C SER D 219 5.99 -10.32 -20.01
N PRO D 220 6.05 -9.45 -18.97
CA PRO D 220 7.33 -8.96 -18.54
C PRO D 220 8.28 -10.16 -18.30
N ALA D 221 9.52 -9.95 -18.59
CA ALA D 221 10.63 -10.84 -18.24
C ALA D 221 10.89 -10.89 -16.73
N ALA D 222 11.57 -11.95 -16.32
CA ALA D 222 12.08 -12.07 -14.96
C ALA D 222 13.18 -11.01 -14.70
N PHE D 223 13.17 -10.46 -13.50
CA PHE D 223 14.13 -9.42 -13.08
C PHE D 223 15.58 -9.89 -13.35
N GLU D 224 15.87 -11.17 -13.09
N GLU D 224 15.86 -11.17 -13.06
CA GLU D 224 17.26 -11.64 -13.24
CA GLU D 224 17.23 -11.70 -13.19
C GLU D 224 17.69 -11.86 -14.68
C GLU D 224 17.66 -11.96 -14.64
N VAL D 225 16.72 -11.90 -15.58
CA VAL D 225 16.98 -12.11 -17.00
C VAL D 225 17.08 -10.80 -17.75
N SER D 226 16.11 -9.92 -17.57
CA SER D 226 16.09 -8.69 -18.38
C SER D 226 15.28 -7.63 -17.65
N ALA D 227 15.95 -6.85 -16.81
CA ALA D 227 15.21 -6.03 -15.83
C ALA D 227 14.63 -4.81 -16.43
N TRP D 228 15.11 -4.39 -17.58
CA TRP D 228 14.46 -3.20 -18.22
C TRP D 228 12.99 -3.46 -18.61
N GLN D 229 12.55 -4.71 -18.61
CA GLN D 229 11.24 -5.09 -19.11
C GLN D 229 10.59 -6.06 -18.13
N CYS D 230 10.92 -5.89 -16.85
CA CYS D 230 10.43 -6.84 -15.82
C CYS D 230 9.21 -6.39 -15.01
N THR D 231 8.78 -5.13 -15.10
CA THR D 231 7.60 -4.70 -14.38
C THR D 231 6.34 -4.78 -15.24
N LYS D 232 6.43 -4.17 -16.42
CA LYS D 232 5.37 -4.22 -17.38
C LYS D 232 5.99 -3.92 -18.79
N ILE D 233 5.22 -4.26 -19.85
CA ILE D 233 5.59 -3.96 -21.22
C ILE D 233 4.37 -3.45 -21.99
N GLY D 234 4.62 -2.82 -23.12
CA GLY D 234 3.53 -2.29 -23.94
C GLY D 234 4.01 -2.06 -25.37
N ALA D 235 3.17 -2.34 -26.34
CA ALA D 235 3.54 -2.12 -27.74
C ALA D 235 3.77 -0.65 -28.05
N GLY D 236 4.65 -0.40 -29.01
CA GLY D 236 5.01 0.96 -29.41
C GLY D 236 4.54 1.32 -30.80
N PRO D 237 5.47 1.48 -31.73
CA PRO D 237 5.14 1.79 -33.13
C PRO D 237 4.28 0.70 -33.74
N ILE D 238 3.61 1.01 -34.86
CA ILE D 238 2.89 0.01 -35.63
C ILE D 238 3.85 -1.12 -35.98
N PRO D 239 3.39 -2.38 -35.90
CA PRO D 239 4.30 -3.46 -36.29
C PRO D 239 4.81 -3.28 -37.74
N VAL D 240 6.07 -3.65 -37.94
CA VAL D 240 6.74 -3.59 -39.23
C VAL D 240 6.94 -4.95 -39.83
N GLU D 241 6.35 -5.17 -41.03
CA GLU D 241 6.38 -6.46 -41.65
C GLU D 241 7.78 -6.70 -42.27
N THR D 242 8.32 -7.86 -41.99
CA THR D 242 9.60 -8.29 -42.57
C THR D 242 9.40 -9.75 -42.99
N PRO D 243 10.32 -10.28 -43.81
CA PRO D 243 10.26 -11.65 -44.22
C PRO D 243 10.35 -12.65 -43.07
N GLU D 244 10.97 -12.27 -41.97
CA GLU D 244 11.13 -13.17 -40.83
C GLU D 244 10.09 -12.95 -39.71
N GLY D 245 8.99 -12.23 -40.00
CA GLY D 245 8.01 -11.90 -38.97
C GLY D 245 7.73 -10.41 -38.84
N TRP D 246 6.84 -10.09 -37.90
CA TRP D 246 6.52 -8.71 -37.58
C TRP D 246 7.55 -8.18 -36.60
N LEU D 247 8.23 -7.11 -36.96
CA LEU D 247 9.12 -6.44 -36.01
C LEU D 247 8.29 -5.55 -35.08
N LEU D 248 8.31 -5.87 -33.77
CA LEU D 248 7.60 -5.14 -32.74
C LEU D 248 8.62 -4.39 -31.90
N ILE D 249 8.45 -3.07 -31.85
CA ILE D 249 9.23 -2.24 -30.95
C ILE D 249 8.31 -1.94 -29.79
N TYR D 250 8.78 -2.21 -28.60
CA TYR D 250 7.93 -2.13 -27.43
C TYR D 250 8.70 -1.54 -26.24
N HIS D 251 7.96 -0.87 -25.36
CA HIS D 251 8.58 -0.35 -24.10
C HIS D 251 8.53 -1.41 -23.01
N GLY D 252 9.46 -1.23 -22.07
CA GLY D 252 9.56 -2.09 -20.86
C GLY D 252 9.86 -1.17 -19.72
N VAL D 253 9.37 -1.55 -18.55
CA VAL D 253 9.61 -0.77 -17.34
C VAL D 253 10.41 -1.56 -16.33
N LEU D 254 11.33 -0.83 -15.69
CA LEU D 254 12.07 -1.25 -14.50
C LEU D 254 11.63 -0.39 -13.35
N HIS D 255 11.37 -1.04 -12.21
CA HIS D 255 10.87 -0.33 -11.01
C HIS D 255 12.02 -0.14 -10.05
N SER D 256 12.56 1.07 -10.01
CA SER D 256 13.63 1.41 -9.06
C SER D 256 13.07 1.93 -7.75
N CYS D 257 13.91 2.16 -6.75
CA CYS D 257 13.38 2.72 -5.51
C CYS D 257 12.77 4.07 -5.72
N ASN D 258 13.17 4.75 -6.78
CA ASN D 258 12.76 6.09 -7.09
C ASN D 258 11.80 6.24 -8.24
N GLY D 259 11.29 5.15 -8.80
CA GLY D 259 10.31 5.27 -9.84
C GLY D 259 10.45 4.23 -10.93
N TYR D 260 9.77 4.51 -12.03
CA TYR D 260 9.81 3.66 -13.15
C TYR D 260 10.85 4.22 -14.09
N VAL D 261 11.58 3.33 -14.74
CA VAL D 261 12.42 3.72 -15.85
C VAL D 261 11.83 3.06 -17.11
N TYR D 262 11.61 3.84 -18.18
CA TYR D 262 11.06 3.28 -19.40
C TYR D 262 12.15 3.22 -20.46
N SER D 263 12.47 2.01 -20.91
CA SER D 263 13.36 1.79 -22.03
C SER D 263 12.58 1.11 -23.14
N PHE D 264 13.23 0.86 -24.26
CA PHE D 264 12.55 0.11 -25.31
C PHE D 264 13.43 -0.82 -26.08
N GLY D 265 12.82 -1.88 -26.61
CA GLY D 265 13.58 -2.94 -27.30
C GLY D 265 12.77 -3.58 -28.40
N SER D 266 13.14 -4.79 -28.80
CA SER D 266 12.56 -5.38 -29.99
C SER D 266 12.29 -6.83 -29.86
N ALA D 267 11.21 -7.26 -30.53
CA ALA D 267 10.83 -8.67 -30.67
C ALA D 267 10.38 -8.93 -32.13
N LEU D 268 10.40 -10.19 -32.51
CA LEU D 268 9.87 -10.70 -33.79
C LEU D 268 8.71 -11.65 -33.59
N LEU D 269 7.57 -11.31 -34.17
CA LEU D 269 6.35 -12.10 -34.02
C LEU D 269 6.09 -12.91 -35.30
N ASP D 270 5.51 -14.10 -35.15
CA ASP D 270 5.14 -14.90 -36.29
C ASP D 270 4.27 -14.09 -37.27
N LEU D 271 4.45 -14.25 -38.59
CA LEU D 271 3.64 -13.45 -39.55
C LEU D 271 2.19 -13.78 -39.56
N ASP D 272 1.87 -15.07 -39.51
CA ASP D 272 0.50 -15.52 -39.64
C ASP D 272 -0.22 -15.57 -38.32
N GLU D 273 0.51 -15.77 -37.22
CA GLU D 273 -0.14 -15.88 -35.93
C GLU D 273 0.65 -15.01 -34.97
N PRO D 274 0.39 -13.70 -34.96
CA PRO D 274 1.42 -12.80 -34.34
C PRO D 274 1.49 -12.79 -32.83
N TRP D 275 0.60 -13.52 -32.17
CA TRP D 275 0.71 -13.74 -30.76
C TRP D 275 1.79 -14.75 -30.45
N LYS D 276 2.27 -15.47 -31.44
CA LYS D 276 3.42 -16.33 -31.23
C LYS D 276 4.75 -15.60 -31.45
N VAL D 277 5.52 -15.50 -30.38
CA VAL D 277 6.76 -14.75 -30.40
C VAL D 277 7.94 -15.63 -30.85
N LYS D 278 8.65 -15.20 -31.88
CA LYS D 278 9.81 -15.94 -32.37
C LYS D 278 11.13 -15.61 -31.67
N PHE D 279 11.36 -14.33 -31.39
CA PHE D 279 12.59 -13.86 -30.77
C PHE D 279 12.20 -12.60 -30.00
N ARG D 280 12.93 -12.34 -28.92
CA ARG D 280 12.68 -11.24 -28.05
C ARG D 280 14.02 -10.80 -27.45
N SER D 281 14.43 -9.54 -27.67
N SER D 281 14.43 -9.56 -27.69
CA SER D 281 15.72 -9.05 -27.16
CA SER D 281 15.70 -9.08 -27.15
C SER D 281 15.89 -9.01 -25.64
C SER D 281 15.84 -9.16 -25.62
N GLY D 282 17.05 -9.49 -25.20
CA GLY D 282 17.49 -9.33 -23.81
C GLY D 282 17.86 -7.90 -23.48
N PRO D 283 18.80 -7.33 -24.25
CA PRO D 283 19.11 -5.93 -24.06
C PRO D 283 18.07 -5.02 -24.65
N TYR D 284 18.05 -3.82 -24.16
CA TYR D 284 17.21 -2.81 -24.73
C TYR D 284 17.90 -2.27 -25.97
N LEU D 285 17.14 -1.53 -26.79
CA LEU D 285 17.66 -0.76 -27.92
C LEU D 285 17.98 0.66 -27.52
N LEU D 286 17.15 1.22 -26.66
CA LEU D 286 17.36 2.56 -26.18
C LEU D 286 16.84 2.67 -24.72
N ALA D 287 17.56 3.46 -23.93
CA ALA D 287 17.22 3.80 -22.53
C ALA D 287 17.59 5.26 -22.21
N PRO D 288 16.94 5.84 -21.18
CA PRO D 288 17.07 7.25 -20.84
C PRO D 288 18.51 7.56 -20.42
N ARG D 289 19.15 8.44 -21.18
N ARG D 289 19.17 8.41 -21.20
CA ARG D 289 20.56 8.78 -21.02
CA ARG D 289 20.59 8.76 -21.00
C ARG D 289 20.75 10.31 -21.10
C ARG D 289 20.88 10.26 -21.21
N GLU D 290 20.17 10.93 -22.13
CA GLU D 290 20.34 12.38 -22.36
C GLU D 290 19.51 13.23 -21.40
N PRO D 291 19.94 14.47 -21.16
CA PRO D 291 19.15 15.31 -20.26
C PRO D 291 17.69 15.43 -20.64
N TYR D 292 17.40 15.38 -21.92
CA TYR D 292 16.00 15.58 -22.37
C TYR D 292 15.19 14.31 -22.14
N GLU D 293 15.89 13.21 -21.87
CA GLU D 293 15.25 11.96 -21.52
C GLU D 293 15.13 11.71 -20.01
N CYS D 294 16.03 12.34 -19.28
CA CYS D 294 16.19 12.11 -17.88
C CYS D 294 15.61 13.23 -17.03
N MET D 295 15.31 14.37 -17.58
CA MET D 295 14.75 15.48 -16.81
C MET D 295 13.54 15.99 -17.53
N GLY D 296 12.42 16.15 -16.79
CA GLY D 296 11.16 16.60 -17.36
C GLY D 296 9.99 16.29 -16.48
N ASP D 297 8.80 16.35 -17.06
CA ASP D 297 7.58 16.12 -16.34
C ASP D 297 7.59 14.72 -15.76
N VAL D 298 8.15 13.74 -16.49
CA VAL D 298 8.31 12.37 -15.96
C VAL D 298 9.71 11.87 -16.26
N PRO D 299 10.60 11.94 -15.23
CA PRO D 299 11.99 11.60 -15.50
C PRO D 299 12.21 10.18 -15.92
N ASN D 300 13.21 9.99 -16.78
CA ASN D 300 13.70 8.63 -17.16
C ASN D 300 12.71 7.83 -18.00
N VAL D 301 12.27 8.49 -19.10
CA VAL D 301 11.31 7.87 -20.01
C VAL D 301 11.80 8.00 -21.47
N CYS D 302 11.85 6.88 -22.19
CA CYS D 302 11.97 6.82 -23.63
C CYS D 302 10.78 5.94 -24.08
N PHE D 303 9.80 6.50 -24.76
CA PHE D 303 8.56 5.80 -24.99
C PHE D 303 8.23 5.85 -26.49
N PRO D 304 8.48 4.76 -27.20
CA PRO D 304 8.31 4.77 -28.68
C PRO D 304 6.82 4.66 -29.10
N CYS D 305 6.47 5.48 -30.09
N CYS D 305 6.26 5.57 -29.94
CA CYS D 305 5.12 5.82 -30.42
CA CYS D 305 4.87 5.38 -30.47
C CYS D 305 4.81 5.62 -31.94
C CYS D 305 4.79 5.33 -32.02
N ALA D 306 5.85 5.65 -32.75
CA ALA D 306 5.76 5.51 -34.23
C ALA D 306 7.08 5.23 -34.83
N ALA D 307 7.04 4.73 -36.06
CA ALA D 307 8.19 4.62 -36.89
C ALA D 307 7.86 4.76 -38.38
N LEU D 308 8.85 5.24 -39.14
CA LEU D 308 8.79 5.25 -40.60
C LEU D 308 9.91 4.36 -41.07
N HIS D 309 9.70 3.63 -42.16
CA HIS D 309 10.77 2.77 -42.66
C HIS D 309 10.74 2.62 -44.16
N ASP D 310 11.85 2.11 -44.69
CA ASP D 310 12.03 1.97 -46.16
C ASP D 310 12.64 0.64 -46.39
N ASN D 311 11.89 -0.26 -46.99
CA ASN D 311 12.38 -1.64 -47.12
C ASN D 311 13.55 -1.72 -48.11
N GLU D 312 13.61 -0.78 -49.03
CA GLU D 312 14.66 -0.80 -50.06
C GLU D 312 16.00 -0.64 -49.42
N THR D 313 16.12 0.26 -48.45
CA THR D 313 17.38 0.58 -47.80
C THR D 313 17.55 -0.05 -46.44
N GLY D 314 16.46 -0.54 -45.86
CA GLY D 314 16.47 -1.06 -44.49
C GLY D 314 16.43 0.02 -43.43
N ARG D 315 16.36 1.29 -43.82
CA ARG D 315 16.32 2.34 -42.84
C ARG D 315 14.99 2.31 -42.05
N ILE D 316 15.12 2.61 -40.75
CA ILE D 316 13.95 2.87 -39.90
C ILE D 316 14.23 4.09 -39.03
N ALA D 317 13.20 4.91 -38.86
CA ALA D 317 13.26 6.08 -38.03
C ALA D 317 12.17 5.92 -36.96
N ILE D 318 12.60 5.86 -35.69
CA ILE D 318 11.70 5.66 -34.55
C ILE D 318 11.50 6.94 -33.75
N TYR D 319 10.23 7.30 -33.61
CA TYR D 319 9.77 8.47 -32.83
C TYR D 319 9.53 7.98 -31.41
N TYR D 320 9.99 8.75 -30.43
CA TYR D 320 9.79 8.36 -29.06
C TYR D 320 9.62 9.56 -28.17
N GLY D 321 8.73 9.45 -27.18
CA GLY D 321 8.59 10.51 -26.20
C GLY D 321 9.71 10.48 -25.17
N CYS D 322 10.17 11.66 -24.77
CA CYS D 322 11.32 11.86 -23.88
C CYS D 322 10.88 12.54 -22.61
N ALA D 323 10.95 11.82 -21.47
CA ALA D 323 10.60 12.36 -20.15
C ALA D 323 9.18 12.92 -20.09
N ASP D 324 8.31 12.38 -20.95
CA ASP D 324 6.95 12.89 -21.19
C ASP D 324 6.92 14.42 -21.34
N THR D 325 7.91 14.94 -22.06
CA THR D 325 8.04 16.36 -22.23
C THR D 325 8.19 16.81 -23.69
N VAL D 326 9.06 16.12 -24.43
CA VAL D 326 9.41 16.43 -25.80
C VAL D 326 9.44 15.17 -26.64
N THR D 327 9.59 15.33 -27.94
CA THR D 327 9.67 14.18 -28.86
C THR D 327 11.11 14.09 -29.47
N GLY D 328 11.62 12.88 -29.52
CA GLY D 328 12.93 12.59 -30.12
C GLY D 328 12.80 11.58 -31.24
N LEU D 329 13.90 11.47 -31.98
CA LEU D 329 13.98 10.53 -33.07
C LEU D 329 15.25 9.72 -32.91
N ALA D 330 15.19 8.46 -33.32
CA ALA D 330 16.38 7.62 -33.34
C ALA D 330 16.36 6.77 -34.64
N PHE D 331 17.50 6.24 -35.09
CA PHE D 331 17.60 5.64 -36.42
C PHE D 331 18.26 4.35 -36.25
N GLY D 332 17.94 3.44 -37.14
CA GLY D 332 18.60 2.13 -37.18
C GLY D 332 18.37 1.48 -38.55
N TYR D 333 18.92 0.27 -38.69
CA TYR D 333 18.66 -0.59 -39.87
C TYR D 333 17.83 -1.82 -39.49
N ILE D 334 16.74 -2.04 -40.18
CA ILE D 334 15.90 -3.21 -39.94
C ILE D 334 16.66 -4.53 -39.89
N PRO D 335 17.53 -4.83 -40.89
CA PRO D 335 18.27 -6.11 -40.77
C PRO D 335 19.19 -6.21 -39.54
N GLU D 336 19.83 -5.10 -39.18
CA GLU D 336 20.64 -5.12 -37.94
C GLU D 336 19.77 -5.32 -36.67
N ILE D 337 18.61 -4.70 -36.66
CA ILE D 337 17.70 -4.91 -35.53
C ILE D 337 17.25 -6.37 -35.45
N ILE D 338 16.89 -6.94 -36.57
CA ILE D 338 16.48 -8.35 -36.62
C ILE D 338 17.62 -9.27 -36.11
N GLU D 339 18.83 -9.01 -36.59
N GLU D 339 18.83 -9.04 -36.58
CA GLU D 339 20.02 -9.79 -36.18
CA GLU D 339 19.93 -9.92 -36.17
C GLU D 339 20.24 -9.72 -34.68
C GLU D 339 20.28 -9.72 -34.68
N PHE D 340 20.18 -8.49 -34.18
CA PHE D 340 20.33 -8.23 -32.73
C PHE D 340 19.27 -8.98 -31.89
N THR D 341 18.05 -8.90 -32.37
CA THR D 341 16.90 -9.50 -31.69
C THR D 341 17.12 -11.02 -31.64
N LYS D 342 17.54 -11.60 -32.76
CA LYS D 342 17.86 -13.08 -32.73
C LYS D 342 19.05 -13.46 -31.87
N ARG D 343 20.13 -12.71 -32.03
CA ARG D 343 21.39 -13.04 -31.38
C ARG D 343 21.25 -12.97 -29.86
N THR D 344 20.50 -11.99 -29.39
CA THR D 344 20.36 -11.77 -27.95
C THR D 344 19.05 -12.30 -27.38
N SER D 345 18.34 -13.14 -28.14
CA SER D 345 16.99 -13.55 -27.76
C SER D 345 16.98 -14.25 -26.40
N ILE D 346 15.95 -13.94 -25.60
CA ILE D 346 15.72 -14.55 -24.27
C ILE D 346 14.67 -15.58 -24.39
N ILE D 347 14.18 -15.81 -25.58
CA ILE D 347 13.43 -17.03 -25.83
C ILE D 347 14.08 -17.80 -27.00
N ILE E 27 52.48 2.25 -1.38
CA ILE E 27 51.14 2.56 -2.03
C ILE E 27 50.93 4.07 -2.12
N ILE E 28 50.71 4.59 -3.31
CA ILE E 28 50.40 6.01 -3.48
C ILE E 28 48.89 6.23 -3.69
N ILE E 29 48.15 6.66 -2.67
CA ILE E 29 46.69 6.69 -2.87
C ILE E 29 46.33 7.96 -3.68
N PRO E 30 45.24 7.93 -4.41
CA PRO E 30 44.84 9.12 -5.14
C PRO E 30 44.50 10.26 -4.18
N TRP E 31 44.75 11.50 -4.59
CA TRP E 31 44.65 12.68 -3.70
C TRP E 31 44.50 13.96 -4.46
N GLU E 32 43.59 14.83 -4.02
CA GLU E 32 43.53 16.19 -4.42
C GLU E 32 43.43 17.03 -3.20
N GLU E 33 44.17 18.12 -3.18
CA GLU E 33 44.13 18.94 -1.97
C GLU E 33 42.80 19.65 -1.88
N ARG E 34 42.47 20.04 -0.70
CA ARG E 34 41.24 20.73 -0.45
C ARG E 34 41.16 22.00 -1.31
N PRO E 35 40.02 22.25 -1.97
CA PRO E 35 39.92 23.48 -2.74
C PRO E 35 40.13 24.69 -1.86
N ALA E 36 40.84 25.69 -2.35
CA ALA E 36 40.96 26.95 -1.63
C ALA E 36 39.58 27.44 -1.20
N GLY E 37 39.46 27.82 0.06
CA GLY E 37 38.22 28.37 0.60
C GLY E 37 37.26 27.31 1.13
N CYS E 38 37.51 26.05 0.79
CA CYS E 38 36.57 24.97 1.12
C CYS E 38 36.69 24.62 2.58
N LYS E 39 35.57 24.65 3.27
CA LYS E 39 35.48 24.33 4.68
C LYS E 39 34.92 22.94 4.94
N ASP E 40 34.64 22.17 3.90
CA ASP E 40 33.91 20.89 4.08
C ASP E 40 34.93 19.86 4.46
N VAL E 41 34.49 18.86 5.23
CA VAL E 41 35.34 17.76 5.68
C VAL E 41 35.73 16.80 4.57
N LEU E 42 34.83 16.64 3.62
CA LEU E 42 35.16 15.88 2.38
C LEU E 42 34.95 16.74 1.18
N TRP E 43 35.77 16.55 0.17
CA TRP E 43 35.61 17.28 -1.06
C TRP E 43 35.69 16.34 -2.27
N ARG E 44 34.81 16.59 -3.24
CA ARG E 44 34.72 15.80 -4.44
C ARG E 44 35.93 16.07 -5.34
N SER E 45 36.39 15.02 -5.98
CA SER E 45 37.38 15.15 -7.04
C SER E 45 36.88 16.05 -8.10
N VAL E 46 37.78 16.85 -8.64
CA VAL E 46 37.43 17.65 -9.77
C VAL E 46 37.33 16.84 -11.05
N ALA E 47 37.81 15.60 -11.09
CA ALA E 47 37.69 14.75 -12.27
C ALA E 47 36.42 13.88 -12.23
N ASN E 48 35.57 14.06 -11.24
CA ASN E 48 34.35 13.19 -11.22
C ASN E 48 33.44 13.39 -12.46
N PRO E 49 32.82 12.32 -12.96
CA PRO E 49 32.94 10.90 -12.44
C PRO E 49 34.23 10.32 -12.88
N ILE E 50 34.85 9.47 -12.07
CA ILE E 50 36.14 8.88 -12.45
C ILE E 50 35.95 7.62 -13.23
N ILE E 51 34.76 7.03 -13.18
CA ILE E 51 34.45 5.91 -14.04
C ILE E 51 33.13 6.15 -14.72
N PRO E 52 33.11 6.17 -16.06
CA PRO E 52 31.89 6.43 -16.84
C PRO E 52 31.04 5.18 -17.07
N ARG E 53 29.78 5.42 -17.43
CA ARG E 53 28.78 4.34 -17.48
C ARG E 53 29.03 3.33 -18.62
N ASP E 54 29.70 3.79 -19.65
CA ASP E 54 29.91 3.03 -20.88
C ASP E 54 31.36 2.61 -21.08
N LEU E 55 32.03 2.31 -19.99
CA LEU E 55 33.38 1.80 -20.11
C LEU E 55 33.50 0.45 -20.83
N LEU E 56 32.52 -0.42 -20.69
CA LEU E 56 32.52 -1.72 -21.33
C LEU E 56 31.57 -1.68 -22.50
N PRO E 57 31.77 -2.56 -23.50
CA PRO E 57 30.88 -2.55 -24.67
C PRO E 57 29.39 -2.75 -24.33
N THR E 58 29.05 -3.47 -23.27
CA THR E 58 27.69 -3.69 -22.90
C THR E 58 27.30 -3.07 -21.54
N SER E 59 28.15 -2.25 -20.96
CA SER E 59 27.80 -1.69 -19.67
C SER E 59 26.75 -0.56 -19.80
N ASN E 60 25.75 -0.67 -18.95
CA ASN E 60 24.76 0.36 -18.76
C ASN E 60 25.15 1.34 -17.67
N SER E 61 25.89 0.88 -16.66
CA SER E 61 26.23 1.67 -15.46
C SER E 61 27.30 0.96 -14.67
N ILE E 62 28.17 1.75 -14.05
CA ILE E 62 29.30 1.24 -13.26
C ILE E 62 29.41 2.07 -12.03
N PHE E 63 29.10 1.45 -10.89
N PHE E 63 28.99 1.53 -10.86
CA PHE E 63 29.00 2.14 -9.62
CA PHE E 63 28.66 2.43 -9.73
C PHE E 63 29.32 1.06 -8.55
C PHE E 63 28.77 1.97 -8.29
N ASN E 64 29.48 1.37 -7.29
N ASN E 64 29.04 0.75 -7.94
CA ASN E 64 30.24 0.34 -6.57
CA ASN E 64 28.81 0.59 -6.44
C ASN E 64 31.53 -0.07 -7.26
C ASN E 64 29.92 -0.40 -6.07
N SER E 65 32.62 0.38 -6.67
N SER E 65 31.16 0.09 -6.14
CA SER E 65 33.97 -0.01 -7.05
CA SER E 65 32.32 -0.76 -6.38
C SER E 65 34.67 -0.49 -5.80
C SER E 65 33.43 -0.72 -5.32
N ALA E 66 34.78 -1.80 -5.61
N ALA E 66 34.24 -1.78 -5.36
CA ALA E 66 35.38 -2.39 -4.41
CA ALA E 66 35.23 -2.13 -4.36
C ALA E 66 36.91 -2.48 -4.57
C ALA E 66 36.67 -2.05 -4.95
N VAL E 67 37.58 -1.38 -4.20
CA VAL E 67 38.98 -1.13 -4.57
C VAL E 67 39.89 -1.35 -3.37
N VAL E 68 41.01 -1.94 -3.70
CA VAL E 68 42.14 -2.16 -2.79
C VAL E 68 43.49 -1.96 -3.48
N PRO E 69 44.55 -1.69 -2.69
CA PRO E 69 45.94 -1.75 -3.20
C PRO E 69 46.22 -3.18 -3.61
N PHE E 70 47.01 -3.36 -4.68
CA PHE E 70 47.38 -4.69 -5.12
C PHE E 70 48.65 -4.58 -5.94
N GLY E 71 49.66 -5.34 -5.57
CA GLY E 71 50.99 -5.20 -6.22
C GLY E 71 51.44 -3.74 -6.31
N ASP E 72 51.86 -3.39 -7.55
CA ASP E 72 52.31 -2.07 -7.99
C ASP E 72 51.21 -1.02 -7.98
N GLY E 73 49.95 -1.45 -8.03
CA GLY E 73 48.89 -0.51 -8.30
C GLY E 73 47.69 -0.88 -7.47
N PHE E 74 46.57 -1.04 -8.16
CA PHE E 74 45.27 -1.26 -7.48
C PHE E 74 44.43 -2.26 -8.24
N ALA E 75 43.56 -2.95 -7.50
CA ALA E 75 42.61 -3.89 -8.10
C ALA E 75 41.25 -3.64 -7.44
N GLY E 76 40.24 -4.20 -8.07
CA GLY E 76 38.89 -3.98 -7.62
C GLY E 76 37.90 -4.98 -8.21
N VAL E 77 36.74 -5.06 -7.53
CA VAL E 77 35.59 -5.79 -8.05
C VAL E 77 34.48 -4.79 -8.23
N PHE E 78 33.97 -4.71 -9.46
CA PHE E 78 33.10 -3.60 -9.85
C PHE E 78 31.75 -4.10 -10.18
N ARG E 79 30.73 -3.42 -9.67
CA ARG E 79 29.38 -3.70 -10.13
C ARG E 79 29.13 -2.98 -11.48
N CYS E 80 28.97 -3.75 -12.53
CA CYS E 80 28.71 -3.21 -13.86
C CYS E 80 27.37 -3.80 -14.29
N ASP E 81 26.35 -2.97 -14.31
CA ASP E 81 25.07 -3.46 -14.79
C ASP E 81 25.09 -3.31 -16.33
N ASP E 82 24.58 -4.32 -17.02
CA ASP E 82 24.60 -4.35 -18.45
C ASP E 82 23.35 -3.75 -19.10
N THR E 83 23.34 -3.80 -20.45
CA THR E 83 22.23 -3.27 -21.22
C THR E 83 20.96 -4.17 -21.21
N SER E 84 21.02 -5.32 -20.54
CA SER E 84 19.84 -6.08 -20.14
C SER E 84 19.39 -5.76 -18.70
N ARG E 85 20.07 -4.82 -18.08
CA ARG E 85 19.94 -4.39 -16.68
C ARG E 85 20.15 -5.54 -15.75
N ARG E 86 20.97 -6.51 -16.20
CA ARG E 86 21.46 -7.55 -15.26
C ARG E 86 22.60 -6.96 -14.41
N MET E 87 22.68 -7.43 -13.17
CA MET E 87 23.70 -7.04 -12.22
C MET E 87 24.82 -8.09 -12.19
N ARG E 88 26.00 -7.65 -12.60
CA ARG E 88 27.18 -8.48 -12.69
C ARG E 88 28.38 -7.81 -11.99
N LEU E 89 29.34 -8.64 -11.56
CA LEU E 89 30.62 -8.17 -10.99
C LEU E 89 31.72 -8.43 -12.02
N HIS E 90 32.65 -7.48 -12.11
CA HIS E 90 33.78 -7.54 -13.02
C HIS E 90 35.06 -7.15 -12.27
N VAL E 91 36.17 -7.83 -12.54
CA VAL E 91 37.46 -7.45 -11.96
C VAL E 91 38.07 -6.28 -12.74
N GLY E 92 38.72 -5.38 -12.04
CA GLY E 92 39.46 -4.30 -12.76
C GLY E 92 40.82 -4.02 -12.08
N PHE E 93 41.72 -3.35 -12.80
CA PHE E 93 43.05 -3.03 -12.31
C PHE E 93 43.37 -1.60 -12.76
N SER E 94 44.25 -0.94 -12.02
CA SER E 94 44.59 0.47 -12.30
C SER E 94 45.93 0.77 -11.73
N LYS E 95 46.69 1.60 -12.40
CA LYS E 95 47.93 2.05 -11.80
C LYS E 95 47.72 3.13 -10.76
N ASP E 96 46.76 4.03 -10.98
CA ASP E 96 46.60 5.25 -10.16
C ASP E 96 45.31 5.28 -9.34
N ALA E 97 44.50 4.23 -9.47
CA ALA E 97 43.22 4.06 -8.72
C ALA E 97 42.10 5.01 -9.22
N ILE E 98 42.37 5.74 -10.30
CA ILE E 98 41.43 6.67 -10.91
C ILE E 98 40.96 6.20 -12.29
N ASN E 99 41.92 5.74 -13.11
CA ASN E 99 41.70 5.28 -14.50
C ASN E 99 41.77 3.80 -14.51
N TRP E 100 40.59 3.18 -14.70
CA TRP E 100 40.45 1.75 -14.48
C TRP E 100 40.32 0.99 -15.78
N ASN E 101 40.91 -0.20 -15.76
CA ASN E 101 40.84 -1.16 -16.86
C ASN E 101 40.06 -2.32 -16.32
N ILE E 102 38.80 -2.37 -16.72
CA ILE E 102 37.85 -3.36 -16.16
C ILE E 102 37.64 -4.47 -17.19
N LYS E 103 37.68 -5.72 -16.73
CA LYS E 103 37.50 -6.83 -17.66
C LYS E 103 36.13 -6.83 -18.30
N GLU E 104 36.06 -7.12 -19.61
CA GLU E 104 34.74 -7.13 -20.32
C GLU E 104 33.84 -8.26 -19.84
N GLU E 105 34.41 -9.40 -19.52
CA GLU E 105 33.63 -10.55 -19.16
C GLU E 105 33.42 -10.55 -17.65
N PRO E 106 32.19 -10.85 -17.21
CA PRO E 106 31.92 -10.93 -15.76
C PRO E 106 32.75 -11.95 -15.07
N LEU E 107 33.05 -11.63 -13.82
CA LEU E 107 33.68 -12.55 -12.92
C LEU E 107 32.84 -13.80 -12.66
N LYS E 108 33.44 -14.98 -12.69
CA LYS E 108 32.75 -16.22 -12.29
C LYS E 108 33.43 -16.77 -11.04
N PHE E 109 32.67 -17.38 -10.17
CA PHE E 109 33.24 -17.88 -8.94
C PHE E 109 33.37 -19.38 -9.06
N GLN E 110 34.45 -19.91 -8.50
N GLN E 110 34.48 -19.98 -8.61
CA GLN E 110 34.63 -21.32 -8.37
CA GLN E 110 34.45 -21.46 -8.50
C GLN E 110 33.96 -21.79 -7.09
C GLN E 110 33.89 -21.78 -7.15
N CYS E 111 33.24 -22.92 -7.15
CA CYS E 111 32.61 -23.46 -5.94
C CYS E 111 32.39 -24.97 -6.14
N ASP E 112 32.69 -25.80 -5.17
CA ASP E 112 32.41 -27.23 -5.30
C ASP E 112 30.95 -27.56 -5.00
N ASP E 113 30.22 -26.66 -4.36
CA ASP E 113 28.83 -26.96 -4.05
C ASP E 113 27.98 -26.29 -5.11
N GLU E 114 27.26 -27.11 -5.83
CA GLU E 114 26.53 -26.63 -6.98
C GLU E 114 25.37 -25.74 -6.56
N GLU E 115 24.73 -26.09 -5.45
CA GLU E 115 23.63 -25.32 -4.92
C GLU E 115 24.02 -23.83 -4.63
N ILE E 116 25.10 -23.62 -3.90
CA ILE E 116 25.58 -22.30 -3.52
C ILE E 116 26.32 -21.67 -4.69
N GLY E 117 26.97 -22.49 -5.52
CA GLY E 117 27.66 -21.92 -6.66
C GLY E 117 26.82 -21.50 -7.85
N THR E 118 25.50 -21.68 -7.81
CA THR E 118 24.61 -21.19 -8.86
C THR E 118 24.47 -19.66 -8.84
N TRP E 119 24.75 -19.04 -9.97
CA TRP E 119 24.65 -17.60 -10.11
C TRP E 119 23.26 -17.19 -10.52
N VAL E 120 22.70 -16.25 -9.78
CA VAL E 120 21.41 -15.65 -10.10
C VAL E 120 21.67 -14.18 -10.40
N TYR E 121 22.26 -13.49 -9.46
CA TYR E 121 22.72 -12.10 -9.67
C TYR E 121 23.67 -11.67 -8.56
N GLY E 122 24.35 -10.55 -8.73
CA GLY E 122 25.24 -10.06 -7.65
C GLY E 122 25.47 -8.58 -7.77
N TYR E 123 25.47 -7.88 -6.66
CA TYR E 123 25.75 -6.44 -6.62
C TYR E 123 26.41 -6.01 -5.33
N ASP E 124 26.87 -4.74 -5.39
N ASP E 124 26.54 -4.74 -4.97
CA ASP E 124 27.39 -3.92 -4.28
CA ASP E 124 27.06 -4.43 -3.62
C ASP E 124 28.52 -4.65 -3.49
C ASP E 124 28.45 -5.13 -3.29
N PRO E 125 29.49 -5.16 -4.23
CA PRO E 125 30.69 -5.80 -3.69
C PRO E 125 31.50 -4.95 -2.67
N ARG E 126 32.15 -5.63 -1.74
CA ARG E 126 33.16 -5.03 -0.89
C ARG E 126 34.33 -5.96 -0.81
N VAL E 127 35.54 -5.39 -0.80
CA VAL E 127 36.76 -6.21 -0.79
C VAL E 127 37.76 -5.75 0.26
N CYS E 128 38.33 -6.71 1.01
CA CYS E 128 39.46 -6.42 1.85
C CYS E 128 40.40 -7.62 2.03
N PHE E 129 41.66 -7.36 2.35
CA PHE E 129 42.63 -8.37 2.70
C PHE E 129 42.45 -8.72 4.18
N ILE E 130 42.32 -10.00 4.49
CA ILE E 130 42.36 -10.47 5.85
C ILE E 130 43.40 -11.59 5.99
N GLU E 131 44.50 -11.24 6.66
CA GLU E 131 45.58 -12.16 7.03
C GLU E 131 46.44 -12.75 5.92
N ASP E 132 45.82 -13.49 5.02
CA ASP E 132 46.53 -14.14 3.96
C ASP E 132 45.90 -14.10 2.57
N ARG E 133 44.80 -13.38 2.43
CA ARG E 133 44.10 -13.35 1.16
C ARG E 133 43.09 -12.25 1.12
N TYR E 134 42.55 -12.01 -0.05
CA TYR E 134 41.55 -11.02 -0.20
C TYR E 134 40.20 -11.70 -0.11
N TYR E 135 39.29 -11.13 0.65
CA TYR E 135 37.92 -11.63 0.62
C TYR E 135 36.97 -10.65 -0.08
N VAL E 136 35.96 -11.19 -0.74
CA VAL E 136 34.92 -10.39 -1.42
C VAL E 136 33.59 -10.75 -0.81
N THR E 137 32.80 -9.75 -0.40
CA THR E 137 31.40 -10.00 -0.12
C THR E 137 30.59 -9.22 -1.15
N TRP E 138 29.36 -9.66 -1.38
CA TRP E 138 28.48 -8.99 -2.32
C TRP E 138 27.04 -9.37 -1.98
N CYS E 139 26.08 -8.62 -2.50
CA CYS E 139 24.68 -9.02 -2.36
C CYS E 139 24.43 -10.07 -3.45
N ASN E 140 24.29 -11.33 -3.00
CA ASN E 140 24.18 -12.47 -3.86
C ASN E 140 22.75 -13.02 -3.84
N GLY E 141 22.22 -13.37 -5.01
CA GLY E 141 20.88 -13.93 -5.03
C GLY E 141 20.89 -15.40 -4.73
N TYR E 142 20.19 -15.78 -3.67
CA TYR E 142 19.97 -17.14 -3.28
C TYR E 142 18.61 -17.15 -2.69
N HIS E 143 17.60 -17.36 -3.54
CA HIS E 143 16.24 -17.18 -3.12
C HIS E 143 15.99 -15.79 -2.49
N GLY E 144 16.55 -14.73 -3.14
CA GLY E 144 16.49 -13.41 -2.59
C GLY E 144 17.87 -12.89 -2.19
N PRO E 145 17.91 -11.65 -1.73
CA PRO E 145 19.23 -11.08 -1.41
C PRO E 145 19.81 -11.67 -0.10
N THR E 146 21.06 -12.15 -0.18
CA THR E 146 21.88 -12.41 0.96
C THR E 146 23.33 -12.02 0.70
N ILE E 147 24.17 -12.31 1.69
CA ILE E 147 25.55 -11.92 1.57
C ILE E 147 26.39 -13.10 1.05
N GLY E 148 26.90 -12.99 -0.18
CA GLY E 148 27.82 -13.96 -0.70
C GLY E 148 29.19 -13.64 -0.21
N VAL E 149 30.05 -14.67 -0.21
CA VAL E 149 31.41 -14.58 0.32
C VAL E 149 32.34 -15.35 -0.58
N ALA E 150 33.47 -14.74 -0.90
CA ALA E 150 34.50 -15.48 -1.64
C ALA E 150 35.88 -14.94 -1.30
N TYR E 151 36.91 -15.68 -1.73
CA TYR E 151 38.32 -15.23 -1.57
C TYR E 151 39.13 -15.36 -2.86
N THR E 152 40.19 -14.59 -2.94
CA THR E 152 41.12 -14.73 -4.04
C THR E 152 42.48 -14.41 -3.47
N PHE E 153 43.48 -15.09 -4.01
CA PHE E 153 44.89 -14.73 -3.81
C PHE E 153 45.47 -13.80 -4.88
N ASP E 154 44.88 -13.72 -6.06
CA ASP E 154 45.54 -13.05 -7.19
C ASP E 154 44.64 -12.22 -8.06
N PHE E 155 43.39 -12.03 -7.65
CA PHE E 155 42.40 -11.32 -8.43
C PHE E 155 42.19 -11.89 -9.81
N GLU E 156 42.46 -13.18 -9.99
CA GLU E 156 42.16 -13.91 -11.23
C GLU E 156 41.19 -15.00 -10.97
N THR E 157 41.50 -15.85 -10.01
CA THR E 157 40.57 -16.92 -9.62
C THR E 157 39.93 -16.61 -8.25
N PHE E 158 38.62 -16.76 -8.22
CA PHE E 158 37.86 -16.44 -7.01
C PHE E 158 37.13 -17.69 -6.60
N HIS E 159 37.26 -18.00 -5.32
CA HIS E 159 36.72 -19.18 -4.70
C HIS E 159 35.60 -18.80 -3.73
N GLN E 160 34.41 -19.30 -4.05
CA GLN E 160 33.18 -18.99 -3.32
C GLN E 160 32.98 -19.88 -2.10
N LEU E 161 32.61 -19.26 -1.03
CA LEU E 161 32.34 -19.90 0.22
C LEU E 161 30.83 -19.84 0.50
N GLU E 162 30.44 -20.39 1.65
CA GLU E 162 29.00 -20.27 2.08
C GLU E 162 28.49 -18.84 2.11
N ASN E 163 27.25 -18.65 1.62
CA ASN E 163 26.54 -17.42 1.97
C ASN E 163 26.57 -17.24 3.49
N ALA E 164 26.90 -16.05 3.96
CA ALA E 164 27.13 -15.90 5.41
C ALA E 164 25.84 -15.95 6.21
N PHE E 165 24.74 -15.55 5.61
CA PHE E 165 23.41 -15.42 6.27
C PHE E 165 22.27 -15.94 5.44
N ILE E 166 21.16 -16.18 6.11
CA ILE E 166 19.94 -16.46 5.41
C ILE E 166 19.42 -15.16 4.83
N PRO E 167 18.77 -15.19 3.67
CA PRO E 167 18.07 -13.98 3.13
C PRO E 167 17.05 -13.48 4.16
N PHE E 168 16.69 -12.19 4.18
CA PHE E 168 17.13 -11.16 3.28
C PHE E 168 18.14 -10.26 3.98
N ASN E 169 19.28 -10.03 3.33
CA ASN E 169 20.37 -9.25 3.89
C ASN E 169 21.19 -8.67 2.77
N ARG E 170 21.76 -7.51 3.02
CA ARG E 170 22.77 -6.94 2.11
C ARG E 170 23.62 -5.90 2.83
N ASN E 171 24.47 -5.14 2.13
CA ASN E 171 25.45 -4.29 2.79
C ASN E 171 26.33 -5.07 3.79
N GLY E 172 26.82 -6.25 3.38
CA GLY E 172 27.74 -7.05 4.17
C GLY E 172 29.10 -6.47 3.96
N VAL E 173 29.79 -6.16 5.03
CA VAL E 173 31.12 -5.54 4.96
C VAL E 173 32.03 -6.14 6.01
N LEU E 174 33.09 -6.80 5.59
CA LEU E 174 34.03 -7.39 6.52
C LEU E 174 34.96 -6.38 7.19
N PHE E 175 35.36 -6.68 8.40
CA PHE E 175 36.49 -6.04 9.04
C PHE E 175 37.80 -6.59 8.46
N PRO E 176 38.80 -5.70 8.33
CA PRO E 176 40.04 -6.04 7.68
C PRO E 176 41.06 -6.80 8.52
N ARG E 177 40.67 -7.31 9.69
CA ARG E 177 41.49 -8.25 10.42
C ARG E 177 40.49 -8.99 11.32
N LYS E 178 40.95 -10.05 11.95
CA LYS E 178 40.10 -10.70 12.96
C LYS E 178 39.94 -9.80 14.21
N ILE E 179 38.81 -9.98 14.87
CA ILE E 179 38.51 -9.30 16.10
C ILE E 179 38.52 -10.38 17.16
N ASN E 180 39.44 -10.26 18.12
CA ASN E 180 39.72 -11.31 19.10
C ASN E 180 39.63 -12.75 18.57
N GLY E 181 40.30 -13.01 17.48
CA GLY E 181 40.40 -14.36 16.95
C GLY E 181 39.29 -14.83 16.05
N ARG E 182 38.29 -13.97 15.76
CA ARG E 182 37.22 -14.34 14.79
C ARG E 182 37.07 -13.35 13.67
N PHE E 183 36.62 -13.84 12.51
CA PHE E 183 36.24 -12.99 11.41
C PHE E 183 35.05 -12.21 11.85
N ALA E 184 34.89 -11.01 11.31
CA ALA E 184 33.75 -10.20 11.69
C ALA E 184 33.18 -9.47 10.45
N MET E 185 31.88 -9.28 10.45
CA MET E 185 31.15 -8.66 9.35
C MET E 185 29.98 -7.78 9.81
N LEU E 186 29.91 -6.56 9.25
CA LEU E 186 28.71 -5.81 9.36
C LEU E 186 27.70 -6.31 8.31
N SER E 187 26.41 -6.21 8.61
CA SER E 187 25.37 -6.53 7.63
C SER E 187 24.12 -5.69 7.93
N ARG E 188 23.06 -6.00 7.20
CA ARG E 188 21.92 -5.15 7.13
C ARG E 188 20.70 -5.96 6.72
N PRO E 189 19.98 -6.47 7.71
CA PRO E 189 18.74 -7.18 7.38
C PRO E 189 17.80 -6.37 6.52
N SER E 190 17.22 -7.04 5.53
CA SER E 190 16.51 -6.34 4.47
C SER E 190 15.21 -7.09 4.20
N ASP E 191 14.55 -6.74 3.09
CA ASP E 191 13.40 -7.51 2.56
C ASP E 191 13.69 -7.87 1.10
N ASN E 192 12.68 -8.30 0.34
CA ASN E 192 12.95 -8.59 -1.06
C ASN E 192 12.42 -7.51 -2.00
N GLY E 193 12.48 -6.26 -1.55
CA GLY E 193 12.08 -5.14 -2.37
C GLY E 193 12.99 -3.95 -2.12
N HIS E 194 12.47 -2.79 -2.43
CA HIS E 194 13.20 -1.55 -2.08
C HIS E 194 13.00 -1.25 -0.57
N THR E 195 13.83 -1.86 0.24
CA THR E 195 13.48 -2.07 1.65
C THR E 195 13.19 -0.73 2.39
N PRO E 196 12.09 -0.61 3.11
CA PRO E 196 11.73 0.67 3.73
C PRO E 196 12.23 0.76 5.18
N PHE E 197 13.24 0.00 5.54
CA PHE E 197 13.84 -0.01 6.85
C PHE E 197 15.28 -0.54 6.72
N GLY E 198 16.10 -0.42 7.77
CA GLY E 198 17.37 -1.10 7.81
C GLY E 198 18.28 -0.71 8.97
N ASP E 199 18.58 -1.64 9.84
CA ASP E 199 19.50 -1.43 10.93
C ASP E 199 20.82 -2.11 10.54
N ILE E 200 21.94 -1.57 10.99
CA ILE E 200 23.21 -2.25 10.80
C ILE E 200 23.43 -3.24 11.93
N PHE E 201 23.83 -4.45 11.59
CA PHE E 201 24.20 -5.54 12.51
C PHE E 201 25.67 -5.94 12.36
N TYR E 202 26.17 -6.66 13.34
CA TYR E 202 27.56 -7.14 13.47
C TYR E 202 27.44 -8.62 13.82
N SER E 203 28.27 -9.42 13.20
CA SER E 203 28.31 -10.87 13.38
C SER E 203 29.77 -11.35 13.30
N GLU E 204 30.02 -12.55 13.87
CA GLU E 204 31.36 -13.14 13.92
C GLU E 204 31.34 -14.56 13.42
N SER E 205 32.53 -15.08 13.05
CA SER E 205 32.70 -16.42 12.60
C SER E 205 34.10 -16.89 12.95
N PRO E 206 34.19 -18.11 13.45
CA PRO E 206 35.52 -18.62 13.72
C PRO E 206 36.18 -19.14 12.48
N ASP E 207 35.42 -19.33 11.42
CA ASP E 207 35.88 -20.17 10.28
C ASP E 207 35.45 -19.76 8.89
N MET E 208 34.86 -18.58 8.69
CA MET E 208 34.35 -18.16 7.40
C MET E 208 33.25 -19.09 6.84
N GLU E 209 32.57 -19.85 7.70
CA GLU E 209 31.56 -20.79 7.30
C GLU E 209 30.32 -20.68 8.18
N PHE E 210 30.51 -20.76 9.50
CA PHE E 210 29.39 -20.55 10.41
C PHE E 210 29.45 -19.21 11.11
N TRP E 211 28.29 -18.55 11.24
CA TRP E 211 28.24 -17.14 11.69
C TRP E 211 27.34 -17.00 12.89
N GLY E 212 27.60 -15.99 13.71
CA GLY E 212 26.84 -15.96 14.98
C GLY E 212 27.30 -14.82 15.86
N ARG E 213 26.83 -14.85 17.11
CA ARG E 213 27.04 -13.77 18.06
C ARG E 213 26.60 -12.44 17.46
N HIS E 214 25.39 -12.46 16.95
CA HIS E 214 24.87 -11.30 16.25
C HIS E 214 24.55 -10.20 17.24
N ARG E 215 24.95 -9.00 16.93
CA ARG E 215 24.69 -7.84 17.73
C ARG E 215 24.26 -6.63 16.92
N HIS E 216 23.28 -5.93 17.45
CA HIS E 216 22.76 -4.73 16.82
C HIS E 216 23.79 -3.59 16.94
N VAL E 217 24.11 -2.89 15.85
CA VAL E 217 25.04 -1.77 15.88
C VAL E 217 24.30 -0.45 15.99
N MET E 218 23.50 -0.11 14.97
CA MET E 218 22.65 1.07 15.08
C MET E 218 21.44 0.99 14.18
N SER E 219 20.47 1.87 14.52
CA SER E 219 19.19 2.02 13.86
C SER E 219 19.22 3.39 13.14
N PRO E 220 18.36 3.57 12.14
CA PRO E 220 18.14 4.93 11.62
C PRO E 220 17.87 5.89 12.74
N ALA E 221 18.32 7.15 12.55
CA ALA E 221 18.01 8.20 13.50
C ALA E 221 16.58 8.64 13.40
N ALA E 222 16.13 9.32 14.46
CA ALA E 222 14.89 10.03 14.41
C ALA E 222 14.92 11.10 13.32
N PHE E 223 13.77 11.27 12.65
CA PHE E 223 13.59 12.30 11.61
C PHE E 223 13.95 13.69 12.14
N GLU E 224 13.60 13.98 13.38
CA GLU E 224 13.81 15.35 13.89
C GLU E 224 15.27 15.59 14.34
N VAL E 225 16.04 14.52 14.40
CA VAL E 225 17.41 14.57 14.85
C VAL E 225 18.36 14.60 13.65
N SER E 226 18.17 13.66 12.71
CA SER E 226 19.06 13.58 11.57
C SER E 226 18.36 12.85 10.41
N ALA E 227 17.65 13.62 9.58
CA ALA E 227 16.74 13.00 8.63
C ALA E 227 17.45 12.34 7.43
N TRP E 228 18.69 12.72 7.12
CA TRP E 228 19.43 12.00 6.04
C TRP E 228 19.64 10.54 6.29
N GLN E 229 19.45 10.14 7.53
CA GLN E 229 19.70 8.76 7.93
C GLN E 229 18.51 8.21 8.78
N CYS E 230 17.31 8.64 8.44
CA CYS E 230 16.13 8.26 9.24
C CYS E 230 15.26 7.15 8.70
N THR E 231 15.42 6.74 7.44
CA THR E 231 14.60 5.66 6.87
C THR E 231 15.32 4.34 7.04
N LYS E 232 16.56 4.30 6.62
CA LYS E 232 17.41 3.15 6.72
C LYS E 232 18.87 3.55 6.59
N ILE E 233 19.75 2.65 7.05
CA ILE E 233 21.19 2.88 6.96
C ILE E 233 21.86 1.58 6.54
N GLY E 234 23.12 1.68 6.07
CA GLY E 234 23.88 0.49 5.69
C GLY E 234 25.35 0.82 5.64
N ALA E 235 26.19 -0.16 5.98
CA ALA E 235 27.66 0.05 5.92
C ALA E 235 28.12 0.26 4.52
N GLY E 236 29.12 1.09 4.36
CA GLY E 236 29.69 1.38 3.06
C GLY E 236 31.07 0.72 2.84
N PRO E 237 32.14 1.51 2.85
CA PRO E 237 33.50 1.00 2.77
C PRO E 237 33.90 0.12 3.94
N ILE E 238 34.92 -0.65 3.73
CA ILE E 238 35.53 -1.46 4.80
C ILE E 238 35.85 -0.54 5.99
N PRO E 239 35.55 -0.98 7.23
CA PRO E 239 35.88 -0.15 8.39
C PRO E 239 37.39 0.18 8.42
N VAL E 240 37.70 1.38 8.86
CA VAL E 240 39.12 1.88 8.86
C VAL E 240 39.55 1.98 10.32
N GLU E 241 40.61 1.27 10.68
CA GLU E 241 41.05 1.18 12.07
C GLU E 241 41.82 2.47 12.40
N THR E 242 41.44 3.12 13.49
CA THR E 242 42.13 4.28 14.02
C THR E 242 42.39 3.97 15.47
N PRO E 243 43.30 4.75 16.09
CA PRO E 243 43.35 4.63 17.56
C PRO E 243 42.00 4.98 18.25
N GLU E 244 41.16 5.83 17.66
CA GLU E 244 39.96 6.32 18.35
C GLU E 244 38.74 5.33 18.18
N GLY E 245 38.98 4.13 17.62
CA GLY E 245 37.89 3.24 17.13
C GLY E 245 37.95 2.90 15.63
N TRP E 246 37.00 2.09 15.21
CA TRP E 246 36.80 1.85 13.77
C TRP E 246 36.02 3.00 13.16
N LEU E 247 36.58 3.58 12.12
CA LEU E 247 35.87 4.61 11.33
C LEU E 247 34.96 3.92 10.35
N LEU E 248 33.65 4.12 10.56
CA LEU E 248 32.61 3.53 9.70
C LEU E 248 32.05 4.61 8.85
N ILE E 249 32.17 4.45 7.55
CA ILE E 249 31.49 5.32 6.62
C ILE E 249 30.25 4.56 6.15
N TYR E 250 29.08 5.19 6.25
CA TYR E 250 27.86 4.47 5.95
C TYR E 250 26.85 5.35 5.24
N HIS E 251 25.96 4.69 4.47
CA HIS E 251 24.89 5.43 3.84
C HIS E 251 23.65 5.53 4.73
N GLY E 252 22.88 6.58 4.44
CA GLY E 252 21.59 6.83 5.07
C GLY E 252 20.62 7.31 4.04
N VAL E 253 19.37 6.94 4.26
CA VAL E 253 18.27 7.32 3.42
C VAL E 253 17.25 8.24 4.10
N LEU E 254 16.88 9.29 3.35
CA LEU E 254 15.79 10.15 3.66
C LEU E 254 14.68 9.80 2.63
N HIS E 255 13.45 9.62 3.10
CA HIS E 255 12.31 9.35 2.24
C HIS E 255 11.51 10.65 1.94
N SER E 256 11.68 11.19 0.76
CA SER E 256 10.89 12.35 0.32
C SER E 256 9.60 11.92 -0.38
N CYS E 257 8.76 12.90 -0.79
CA CYS E 257 7.50 12.56 -1.46
C CYS E 257 7.84 11.90 -2.79
N ASN E 258 9.04 12.19 -3.31
CA ASN E 258 9.44 11.73 -4.65
C ASN E 258 10.47 10.60 -4.66
N GLY E 259 10.78 10.00 -3.50
CA GLY E 259 11.66 8.87 -3.46
C GLY E 259 12.71 8.97 -2.35
N TYR E 260 13.71 8.13 -2.47
CA TYR E 260 14.77 8.06 -1.52
C TYR E 260 15.93 8.93 -1.96
N VAL E 261 16.51 9.64 -1.00
CA VAL E 261 17.78 10.37 -1.20
C VAL E 261 18.82 9.64 -0.37
N TYR E 262 19.90 9.20 -1.00
CA TYR E 262 21.03 8.54 -0.32
C TYR E 262 22.17 9.51 -0.12
N SER E 263 22.45 9.80 1.14
CA SER E 263 23.60 10.56 1.58
C SER E 263 24.55 9.63 2.36
N PHE E 264 25.76 10.12 2.73
CA PHE E 264 26.62 9.28 3.57
C PHE E 264 27.35 10.12 4.63
N GLY E 265 27.64 9.46 5.74
CA GLY E 265 28.28 10.09 6.87
C GLY E 265 29.16 9.11 7.65
N SER E 266 29.50 9.44 8.90
CA SER E 266 30.57 8.75 9.62
C SER E 266 30.17 8.45 11.08
N ALA E 267 30.60 7.28 11.53
CA ALA E 267 30.55 6.88 12.92
C ALA E 267 31.89 6.25 13.35
N LEU E 268 32.09 6.17 14.67
CA LEU E 268 33.25 5.55 15.26
C LEU E 268 32.77 4.44 16.17
N LEU E 269 33.27 3.22 15.92
CA LEU E 269 32.92 2.02 16.69
C LEU E 269 34.03 1.62 17.65
N ASP E 270 33.66 1.03 18.77
CA ASP E 270 34.67 0.51 19.74
C ASP E 270 35.54 -0.47 19.05
N LEU E 271 36.85 -0.44 19.32
CA LEU E 271 37.76 -1.34 18.61
C LEU E 271 37.50 -2.81 18.89
N ASP E 272 37.16 -3.10 20.12
CA ASP E 272 37.10 -4.50 20.63
C ASP E 272 35.73 -5.10 20.50
N GLU E 273 34.68 -4.27 20.62
CA GLU E 273 33.32 -4.72 20.49
C GLU E 273 32.63 -3.74 19.56
N PRO E 274 32.79 -3.96 18.25
CA PRO E 274 32.46 -2.94 17.27
C PRO E 274 30.98 -2.72 17.06
N TRP E 275 30.12 -3.51 17.70
CA TRP E 275 28.71 -3.13 17.80
C TRP E 275 28.41 -1.98 18.77
N LYS E 276 29.36 -1.61 19.60
CA LYS E 276 29.21 -0.46 20.48
C LYS E 276 29.64 0.81 19.77
N VAL E 277 28.69 1.70 19.51
CA VAL E 277 28.96 2.89 18.75
C VAL E 277 29.39 3.94 19.75
N LYS E 278 30.53 4.59 19.50
CA LYS E 278 31.03 5.67 20.36
C LYS E 278 30.61 7.06 19.95
N PHE E 279 30.61 7.35 18.64
CA PHE E 279 30.21 8.64 18.09
C PHE E 279 29.56 8.38 16.75
N ARG E 280 28.59 9.22 16.42
CA ARG E 280 27.83 9.11 15.21
C ARG E 280 27.45 10.47 14.70
N SER E 281 27.82 10.84 13.48
CA SER E 281 27.62 12.21 13.01
C SER E 281 26.14 12.59 12.84
N GLY E 282 25.78 13.81 13.25
CA GLY E 282 24.48 14.38 12.96
C GLY E 282 24.40 14.77 11.47
N PRO E 283 25.30 15.63 11.00
CA PRO E 283 25.32 16.00 9.62
C PRO E 283 25.87 14.89 8.77
N TYR E 284 25.53 14.92 7.49
CA TYR E 284 26.14 14.01 6.52
C TYR E 284 27.58 14.54 6.25
N LEU E 285 28.39 13.70 5.65
CA LEU E 285 29.62 14.11 5.01
C LEU E 285 29.43 14.49 3.52
N LEU E 286 28.46 13.88 2.83
CA LEU E 286 28.26 14.12 1.40
C LEU E 286 26.88 13.75 1.03
N ALA E 287 26.23 14.57 0.19
CA ALA E 287 24.86 14.33 -0.22
C ALA E 287 24.74 14.68 -1.70
N PRO E 288 23.69 14.21 -2.36
CA PRO E 288 23.65 14.40 -3.82
C PRO E 288 23.48 15.85 -4.17
N ARG E 289 24.45 16.39 -4.95
CA ARG E 289 24.49 17.82 -5.28
C ARG E 289 24.78 18.03 -6.76
N GLU E 290 25.70 17.26 -7.30
CA GLU E 290 26.15 17.46 -8.67
C GLU E 290 25.21 16.76 -9.65
N PRO E 291 25.21 17.20 -10.90
CA PRO E 291 24.33 16.58 -11.85
C PRO E 291 24.58 15.10 -12.00
N TYR E 292 25.82 14.66 -11.84
CA TYR E 292 26.12 13.24 -12.00
C TYR E 292 25.65 12.45 -10.76
N GLU E 293 25.32 13.16 -9.68
CA GLU E 293 24.71 12.55 -8.49
C GLU E 293 23.18 12.60 -8.49
N CYS E 294 22.64 13.59 -9.18
CA CYS E 294 21.24 13.88 -9.15
C CYS E 294 20.45 13.31 -10.30
N MET E 295 21.05 13.11 -11.45
CA MET E 295 20.38 12.63 -12.63
C MET E 295 21.02 11.32 -13.08
N GLY E 296 20.21 10.37 -13.50
CA GLY E 296 20.75 9.05 -13.93
C GLY E 296 19.75 7.96 -13.66
N ASP E 297 20.21 6.70 -13.64
CA ASP E 297 19.30 5.59 -13.45
C ASP E 297 18.47 5.62 -12.17
N VAL E 298 19.06 6.12 -11.10
CA VAL E 298 18.37 6.29 -9.80
C VAL E 298 18.81 7.67 -9.31
N PRO E 299 17.92 8.66 -9.44
CA PRO E 299 18.29 10.01 -9.07
C PRO E 299 18.59 10.14 -7.60
N ASN E 300 19.55 10.98 -7.28
CA ASN E 300 19.81 11.47 -5.92
C ASN E 300 20.41 10.40 -5.03
N VAL E 301 21.51 9.81 -5.51
CA VAL E 301 22.23 8.75 -4.80
C VAL E 301 23.71 9.07 -4.75
N CYS E 302 24.26 9.13 -3.53
CA CYS E 302 25.65 9.01 -3.26
C CYS E 302 25.87 7.80 -2.35
N PHE E 303 26.48 6.72 -2.87
CA PHE E 303 26.53 5.44 -2.22
C PHE E 303 27.98 4.96 -2.05
N PRO E 304 28.54 5.10 -0.83
CA PRO E 304 29.98 4.80 -0.69
C PRO E 304 30.22 3.32 -0.54
N CYS E 305 31.21 2.88 -1.28
N CYS E 305 31.09 2.69 -1.35
CA CYS E 305 31.41 1.48 -1.60
CA CYS E 305 31.43 1.25 -1.18
C CYS E 305 32.84 1.02 -1.29
C CYS E 305 32.92 0.96 -0.94
N ALA E 306 33.81 1.95 -1.10
CA ALA E 306 35.21 1.63 -0.79
C ALA E 306 35.98 2.88 -0.43
N ALA E 307 37.13 2.67 0.21
CA ALA E 307 38.08 3.74 0.54
C ALA E 307 39.50 3.23 0.51
N LEU E 308 40.41 4.14 0.14
CA LEU E 308 41.85 3.90 0.31
C LEU E 308 42.34 4.90 1.32
N HIS E 309 43.28 4.50 2.19
CA HIS E 309 43.80 5.44 3.15
C HIS E 309 45.26 5.22 3.42
N ASP E 310 45.88 6.28 3.93
CA ASP E 310 47.29 6.27 4.27
C ASP E 310 47.42 6.77 5.71
N ASN E 311 47.73 5.86 6.65
CA ASN E 311 47.89 6.30 8.04
C ASN E 311 49.03 7.29 8.28
N GLU E 312 50.09 7.23 7.50
CA GLU E 312 51.17 8.21 7.69
C GLU E 312 50.65 9.65 7.56
N THR E 313 49.82 9.92 6.56
CA THR E 313 49.42 11.28 6.24
C THR E 313 48.02 11.57 6.68
N GLY E 314 47.28 10.54 7.08
CA GLY E 314 45.85 10.70 7.36
C GLY E 314 44.92 10.86 6.18
N ARG E 315 45.45 10.82 4.97
CA ARG E 315 44.64 10.98 3.75
C ARG E 315 43.67 9.80 3.60
N ILE E 316 42.43 10.11 3.19
CA ILE E 316 41.50 9.06 2.77
C ILE E 316 40.81 9.49 1.49
N ALA E 317 40.66 8.52 0.61
CA ALA E 317 39.93 8.71 -0.66
C ALA E 317 38.73 7.75 -0.68
N ILE E 318 37.49 8.29 -0.81
CA ILE E 318 36.27 7.46 -0.68
C ILE E 318 35.62 7.34 -2.06
N TYR E 319 35.43 6.12 -2.52
CA TYR E 319 34.71 5.83 -3.76
C TYR E 319 33.21 5.75 -3.49
N TYR E 320 32.39 6.32 -4.36
CA TYR E 320 30.96 6.27 -4.18
C TYR E 320 30.20 6.23 -5.50
N GLY E 321 29.16 5.42 -5.56
CA GLY E 321 28.23 5.38 -6.69
C GLY E 321 27.39 6.64 -6.76
N CYS E 322 27.25 7.17 -7.98
CA CYS E 322 26.56 8.42 -8.24
C CYS E 322 25.34 8.12 -9.11
N ALA E 323 24.15 8.33 -8.54
CA ALA E 323 22.87 8.09 -9.24
C ALA E 323 22.77 6.68 -9.85
N ASP E 324 23.40 5.70 -9.23
CA ASP E 324 23.45 4.35 -9.74
C ASP E 324 23.86 4.29 -11.21
N THR E 325 24.79 5.17 -11.61
CA THR E 325 25.11 5.29 -13.00
C THR E 325 26.64 5.28 -13.23
N VAL E 326 27.34 6.08 -12.45
CA VAL E 326 28.85 6.27 -12.60
C VAL E 326 29.48 6.22 -11.20
N THR E 327 30.81 6.22 -11.15
CA THR E 327 31.56 6.29 -9.89
C THR E 327 32.32 7.59 -9.72
N GLY E 328 32.25 8.13 -8.50
CA GLY E 328 33.01 9.25 -8.07
C GLY E 328 33.94 9.00 -6.92
N LEU E 329 34.82 9.99 -6.70
CA LEU E 329 35.77 10.02 -5.61
C LEU E 329 35.63 11.26 -4.79
N ALA E 330 35.84 11.14 -3.47
CA ALA E 330 35.87 12.31 -2.55
C ALA E 330 37.03 12.13 -1.60
N PHE E 331 37.60 13.24 -1.11
CA PHE E 331 38.80 13.15 -0.33
C PHE E 331 38.60 13.84 0.99
N GLY E 332 39.36 13.41 1.97
CA GLY E 332 39.45 14.13 3.23
C GLY E 332 40.54 13.58 4.14
N TYR E 333 40.63 14.12 5.35
CA TYR E 333 41.66 13.67 6.32
C TYR E 333 40.95 12.90 7.40
N ILE E 334 41.48 11.73 7.74
CA ILE E 334 40.97 10.93 8.84
C ILE E 334 40.85 11.67 10.15
N PRO E 335 41.90 12.41 10.57
CA PRO E 335 41.72 13.12 11.82
C PRO E 335 40.61 14.19 11.80
N GLU E 336 40.38 14.80 10.65
CA GLU E 336 39.37 15.84 10.58
C GLU E 336 37.99 15.22 10.59
N ILE E 337 37.89 14.05 9.96
CA ILE E 337 36.66 13.27 9.96
C ILE E 337 36.32 12.81 11.38
N ILE E 338 37.31 12.32 12.11
CA ILE E 338 37.12 11.92 13.52
C ILE E 338 36.66 13.14 14.36
N GLU E 339 37.33 14.30 14.25
N GLU E 339 37.35 14.25 14.23
CA GLU E 339 36.87 15.51 15.01
CA GLU E 339 37.01 15.44 14.97
C GLU E 339 35.43 15.78 14.70
C GLU E 339 35.54 15.91 14.67
N PHE E 340 35.13 15.81 13.41
CA PHE E 340 33.77 16.14 12.95
C PHE E 340 32.75 15.18 13.55
N THR E 341 33.06 13.90 13.52
CA THR E 341 32.17 12.89 14.07
C THR E 341 31.94 13.06 15.56
N LYS E 342 32.99 13.40 16.30
CA LYS E 342 32.83 13.64 17.72
C LYS E 342 32.09 14.92 18.01
N ARG E 343 32.53 16.03 17.39
CA ARG E 343 31.90 17.34 17.63
C ARG E 343 30.40 17.31 17.38
N THR E 344 29.99 16.63 16.33
CA THR E 344 28.62 16.71 15.84
C THR E 344 27.85 15.47 16.28
N SER E 345 28.48 14.67 17.14
CA SER E 345 27.89 13.36 17.48
C SER E 345 26.50 13.47 18.02
N ILE E 346 25.63 12.56 17.59
CA ILE E 346 24.25 12.54 18.13
C ILE E 346 24.08 11.45 19.19
N ILE E 347 25.20 10.85 19.56
CA ILE E 347 25.31 10.09 20.81
C ILE E 347 26.53 10.59 21.64
N ILE F 28 9.67 49.85 -2.71
CA ILE F 28 10.42 49.60 -3.99
C ILE F 28 10.57 48.08 -4.17
N ILE F 29 9.55 47.44 -4.75
CA ILE F 29 9.53 45.98 -4.87
C ILE F 29 10.35 45.54 -6.08
N PRO F 30 10.97 44.36 -6.00
CA PRO F 30 11.80 43.97 -7.14
C PRO F 30 10.96 43.80 -8.37
N TRP F 31 11.53 44.06 -9.54
CA TRP F 31 10.78 44.00 -10.81
C TRP F 31 11.65 43.71 -12.02
N GLU F 32 11.15 42.89 -12.95
CA GLU F 32 11.75 42.68 -14.25
C GLU F 32 10.63 42.66 -15.26
N GLU F 33 10.79 43.37 -16.39
CA GLU F 33 9.71 43.52 -17.32
C GLU F 33 9.56 42.23 -18.15
N ARG F 34 8.37 41.98 -18.65
CA ARG F 34 8.10 40.79 -19.41
C ARG F 34 9.01 40.68 -20.60
N PRO F 35 9.55 39.41 -20.77
CA PRO F 35 10.54 39.30 -21.86
C PRO F 35 9.95 39.53 -23.23
N ALA F 36 10.79 39.83 -24.21
CA ALA F 36 10.28 40.22 -25.49
C ALA F 36 9.48 39.10 -26.01
N GLY F 37 8.28 39.42 -26.42
CA GLY F 37 7.45 38.44 -27.05
C GLY F 37 6.78 37.46 -26.11
N CYS F 38 7.12 37.49 -24.83
CA CYS F 38 6.58 36.50 -23.90
C CYS F 38 5.12 36.69 -23.65
N LYS F 39 4.40 35.60 -23.83
CA LYS F 39 2.99 35.63 -23.77
C LYS F 39 2.44 35.24 -22.36
N ASP F 40 3.32 34.86 -21.48
CA ASP F 40 2.94 34.32 -20.20
C ASP F 40 2.40 35.33 -19.20
N VAL F 41 1.46 34.91 -18.39
CA VAL F 41 0.97 35.75 -17.32
C VAL F 41 2.03 36.02 -16.27
N LEU F 42 2.89 35.03 -16.02
CA LEU F 42 4.02 35.17 -15.09
C LEU F 42 5.31 34.81 -15.81
N TRP F 43 6.38 35.50 -15.44
CA TRP F 43 7.68 35.17 -15.97
C TRP F 43 8.73 35.14 -14.85
N ARG F 44 9.66 34.23 -15.02
CA ARG F 44 10.74 34.00 -14.07
C ARG F 44 11.76 35.08 -14.15
N SER F 45 12.29 35.44 -13.01
CA SER F 45 13.47 36.27 -12.98
C SER F 45 14.65 35.64 -13.73
N VAL F 46 15.37 36.45 -14.53
CA VAL F 46 16.63 35.98 -15.16
C VAL F 46 17.79 35.74 -14.14
N ALA F 47 17.69 36.36 -12.98
CA ALA F 47 18.61 36.06 -11.87
C ALA F 47 18.31 34.77 -11.04
N ASN F 48 17.29 33.97 -11.38
CA ASN F 48 17.00 32.78 -10.55
C ASN F 48 18.13 31.80 -10.61
N PRO F 49 18.45 31.10 -9.54
CA PRO F 49 17.83 31.22 -8.19
C PRO F 49 18.36 32.47 -7.49
N ILE F 50 17.49 33.14 -6.74
CA ILE F 50 17.92 34.33 -6.09
C ILE F 50 18.48 34.09 -4.72
N ILE F 51 18.20 32.92 -4.09
CA ILE F 51 18.86 32.53 -2.83
C ILE F 51 19.43 31.14 -3.08
N PRO F 52 20.74 30.97 -2.91
CA PRO F 52 21.36 29.67 -3.12
C PRO F 52 21.29 28.79 -1.90
N ARG F 53 21.53 27.50 -2.11
CA ARG F 53 21.31 26.53 -1.08
C ARG F 53 22.34 26.66 0.03
N ASP F 54 23.48 27.30 -0.25
CA ASP F 54 24.64 27.29 0.65
C ASP F 54 24.98 28.61 1.22
N LEU F 55 23.98 29.44 1.41
CA LEU F 55 24.21 30.75 1.91
C LEU F 55 24.75 30.73 3.34
N LEU F 56 24.30 29.78 4.18
CA LEU F 56 24.79 29.64 5.55
C LEU F 56 25.87 28.57 5.67
N PRO F 57 26.67 28.63 6.72
CA PRO F 57 27.74 27.60 6.78
C PRO F 57 27.25 26.15 6.88
N THR F 58 26.09 25.92 7.49
CA THR F 58 25.56 24.55 7.47
C THR F 58 24.20 24.42 6.78
N SER F 59 23.84 25.33 5.86
CA SER F 59 22.62 25.13 5.09
C SER F 59 22.79 24.10 3.97
N ASN F 60 21.84 23.18 3.92
CA ASN F 60 21.63 22.22 2.84
C ASN F 60 20.69 22.77 1.77
N SER F 61 19.68 23.56 2.16
CA SER F 61 18.73 24.09 1.21
C SER F 61 17.99 25.28 1.82
N ILE F 62 17.55 26.22 0.98
CA ILE F 62 16.84 27.43 1.47
C ILE F 62 15.75 27.67 0.46
N PHE F 63 14.50 27.40 0.80
N PHE F 63 14.50 27.50 0.90
CA PHE F 63 13.49 27.23 -0.24
CA PHE F 63 13.32 27.51 0.03
C PHE F 63 12.10 27.69 0.13
C PHE F 63 12.06 27.76 0.85
N ASN F 64 11.96 28.33 1.29
N ASN F 64 10.89 27.76 0.19
CA ASN F 64 10.76 29.06 1.63
CA ASN F 64 9.59 27.84 0.85
C ASN F 64 11.26 30.36 2.20
C ASN F 64 9.56 28.94 1.96
N SER F 65 10.71 31.44 1.68
N SER F 65 10.06 30.12 1.63
CA SER F 65 11.11 32.77 2.04
CA SER F 65 10.34 31.20 2.61
C SER F 65 9.88 33.62 2.29
C SER F 65 9.43 32.43 2.49
N ALA F 66 9.50 33.74 3.56
N ALA F 66 9.40 33.24 3.55
CA ALA F 66 8.32 34.46 4.00
CA ALA F 66 8.44 34.32 3.73
C ALA F 66 8.70 35.94 4.22
C ALA F 66 9.15 35.69 3.78
N VAL F 67 8.55 36.72 3.14
CA VAL F 67 9.19 38.02 2.94
C VAL F 67 8.13 39.12 3.05
N VAL F 68 8.48 40.21 3.73
CA VAL F 68 7.64 41.40 3.86
C VAL F 68 8.47 42.67 3.74
N PRO F 69 7.84 43.75 3.27
CA PRO F 69 8.54 45.04 3.51
C PRO F 69 8.75 45.26 5.03
N PHE F 70 9.88 45.86 5.40
CA PHE F 70 10.18 46.22 6.79
C PHE F 70 11.17 47.38 6.83
N GLY F 71 10.80 48.48 7.48
CA GLY F 71 11.75 49.58 7.69
C GLY F 71 12.11 50.16 6.34
N ASP F 72 13.41 50.33 6.10
CA ASP F 72 13.96 50.92 4.88
C ASP F 72 14.08 49.86 3.76
N GLY F 73 13.73 48.61 4.07
CA GLY F 73 13.94 47.52 3.14
C GLY F 73 12.94 46.36 3.34
N PHE F 74 13.49 45.18 3.53
CA PHE F 74 12.71 43.92 3.57
C PHE F 74 13.22 43.00 4.68
N ALA F 75 12.27 42.23 5.25
CA ALA F 75 12.61 41.25 6.27
C ALA F 75 11.93 39.95 5.88
N GLY F 76 12.36 38.86 6.50
CA GLY F 76 11.81 37.55 6.20
C GLY F 76 12.12 36.46 7.22
N VAL F 77 11.32 35.38 7.20
CA VAL F 77 11.62 34.15 7.92
C VAL F 77 11.79 33.10 6.85
N PHE F 78 12.92 32.42 6.89
CA PHE F 78 13.39 31.51 5.86
C PHE F 78 13.43 30.10 6.36
N ARG F 79 12.89 29.16 5.60
CA ARG F 79 13.14 27.76 5.89
C ARG F 79 14.53 27.40 5.34
N CYS F 80 15.49 27.13 6.23
CA CYS F 80 16.83 26.65 5.86
C CYS F 80 17.01 25.29 6.50
N ASP F 81 17.02 24.23 5.68
CA ASP F 81 17.27 22.92 6.22
C ASP F 81 18.75 22.80 6.28
N ASP F 82 19.26 22.15 7.33
CA ASP F 82 20.71 22.09 7.55
C ASP F 82 21.27 20.77 7.03
N THR F 83 22.58 20.55 7.20
CA THR F 83 23.28 19.37 6.71
C THR F 83 23.01 18.12 7.55
N SER F 84 22.20 18.29 8.59
CA SER F 84 21.59 17.11 9.30
C SER F 84 20.18 16.85 8.77
N ARG F 85 19.72 17.67 7.83
CA ARG F 85 18.40 17.59 7.22
C ARG F 85 17.30 17.92 8.26
N ARG F 86 17.69 18.72 9.25
CA ARG F 86 16.72 19.30 10.13
C ARG F 86 16.07 20.56 9.45
N MET F 87 14.81 20.80 9.79
CA MET F 87 14.03 21.90 9.30
C MET F 87 14.04 23.01 10.35
N ARG F 88 14.67 24.15 10.02
CA ARG F 88 14.79 25.27 10.92
C ARG F 88 14.33 26.56 10.23
N LEU F 89 13.88 27.51 11.02
CA LEU F 89 13.52 28.83 10.52
C LEU F 89 14.64 29.81 10.94
N HIS F 90 14.97 30.74 10.03
CA HIS F 90 16.02 31.74 10.29
C HIS F 90 15.47 33.13 9.86
N VAL F 91 15.84 34.18 10.58
CA VAL F 91 15.46 35.49 10.20
C VAL F 91 16.47 36.03 9.15
N GLY F 92 15.96 36.75 8.17
CA GLY F 92 16.77 37.48 7.25
C GLY F 92 16.30 38.87 6.89
N PHE F 93 17.23 39.66 6.31
CA PHE F 93 16.95 41.04 5.92
C PHE F 93 17.61 41.33 4.60
N SER F 94 17.08 42.32 3.90
CA SER F 94 17.59 42.69 2.57
C SER F 94 17.24 44.14 2.26
N LYS F 95 18.16 44.80 1.57
CA LYS F 95 17.90 46.13 1.04
C LYS F 95 16.98 46.11 -0.16
N ASP F 96 17.15 45.12 -1.04
CA ASP F 96 16.48 45.08 -2.34
C ASP F 96 15.47 43.92 -2.54
N ALA F 97 15.27 43.11 -1.50
CA ALA F 97 14.44 41.85 -1.58
C ALA F 97 14.99 40.71 -2.45
N ILE F 98 16.18 40.87 -3.00
CA ILE F 98 16.76 39.84 -3.86
C ILE F 98 17.98 39.17 -3.22
N ASN F 99 18.87 40.01 -2.69
CA ASN F 99 20.10 39.55 -2.06
C ASN F 99 19.90 39.58 -0.59
N TRP F 100 20.03 38.41 0.06
CA TRP F 100 19.61 38.27 1.42
C TRP F 100 20.75 37.99 2.40
N ASN F 101 20.64 38.58 3.57
CA ASN F 101 21.52 38.40 4.68
C ASN F 101 20.72 37.64 5.72
N ILE F 102 20.94 36.36 5.77
CA ILE F 102 20.15 35.52 6.69
C ILE F 102 20.99 35.12 7.89
N LYS F 103 20.40 35.22 9.10
CA LYS F 103 21.13 34.93 10.30
C LYS F 103 21.53 33.49 10.32
N GLU F 104 22.76 33.24 10.73
CA GLU F 104 23.29 31.88 10.92
C GLU F 104 22.58 31.03 11.96
N GLU F 105 22.17 31.63 13.06
CA GLU F 105 21.56 30.85 14.13
C GLU F 105 20.06 30.77 13.79
N PRO F 106 19.47 29.62 14.03
CA PRO F 106 18.01 29.55 13.90
C PRO F 106 17.24 30.42 14.86
N LEU F 107 16.06 30.79 14.43
CA LEU F 107 15.17 31.61 15.19
C LEU F 107 14.66 30.75 16.37
N LYS F 108 14.64 31.29 17.58
N LYS F 108 14.65 31.35 17.56
CA LYS F 108 14.02 30.60 18.73
CA LYS F 108 14.08 30.78 18.79
C LYS F 108 12.94 31.48 19.29
C LYS F 108 12.86 31.57 19.14
N PHE F 109 11.76 30.88 19.47
CA PHE F 109 10.59 31.61 19.93
C PHE F 109 10.56 31.70 21.45
N GLN F 110 10.17 32.84 21.97
CA GLN F 110 9.90 33.03 23.39
C GLN F 110 8.48 32.50 23.62
N CYS F 111 8.22 31.81 24.73
CA CYS F 111 6.86 31.34 25.00
C CYS F 111 6.81 31.08 26.52
N ASP F 112 5.80 31.55 27.26
CA ASP F 112 5.77 31.21 28.71
C ASP F 112 5.40 29.76 28.96
N ASP F 113 4.59 29.20 28.07
CA ASP F 113 4.09 27.84 28.22
C ASP F 113 5.14 26.87 27.73
N GLU F 114 5.58 26.00 28.60
CA GLU F 114 6.66 25.09 28.28
C GLU F 114 6.26 24.01 27.29
N GLU F 115 5.04 23.53 27.43
CA GLU F 115 4.50 22.50 26.55
C GLU F 115 4.48 22.99 25.07
N ILE F 116 3.86 24.10 24.79
CA ILE F 116 3.74 24.65 23.44
C ILE F 116 5.09 25.19 22.95
N GLY F 117 5.88 25.71 23.89
CA GLY F 117 7.17 26.31 23.57
C GLY F 117 8.27 25.34 23.23
N THR F 118 8.00 24.06 23.32
CA THR F 118 9.01 23.07 22.96
C THR F 118 9.19 22.99 21.46
N TRP F 119 10.43 23.11 21.04
CA TRP F 119 10.76 23.02 19.61
C TRP F 119 11.00 21.58 19.21
N VAL F 120 10.32 21.09 18.18
CA VAL F 120 10.59 19.79 17.55
C VAL F 120 11.12 20.06 16.13
N TYR F 121 10.33 20.72 15.30
CA TYR F 121 10.77 21.15 13.96
C TYR F 121 9.88 22.27 13.46
N GLY F 122 10.28 22.92 12.36
CA GLY F 122 9.42 23.95 11.80
C GLY F 122 9.75 24.16 10.35
N TYR F 123 8.73 24.28 9.52
CA TYR F 123 8.90 24.56 8.14
C TYR F 123 7.72 25.39 7.61
N ASP F 124 7.90 25.71 6.31
N ASP F 124 7.60 25.61 6.30
CA ASP F 124 7.07 26.51 5.41
CA ASP F 124 6.42 26.27 5.76
C ASP F 124 6.35 27.67 6.08
C ASP F 124 6.13 27.66 6.46
N PRO F 125 7.15 28.59 6.59
CA PRO F 125 6.67 29.85 7.21
C PRO F 125 5.95 30.79 6.24
N ARG F 126 5.06 31.59 6.79
CA ARG F 126 4.37 32.65 6.14
C ARG F 126 4.31 33.82 7.11
N VAL F 127 4.47 35.03 6.59
CA VAL F 127 4.50 36.23 7.42
C VAL F 127 3.68 37.37 6.84
N CYS F 128 2.93 38.06 7.70
CA CYS F 128 2.27 39.30 7.27
C CYS F 128 2.03 40.19 8.43
N PHE F 129 1.90 41.48 8.11
CA PHE F 129 1.51 42.49 9.10
C PHE F 129 -0.01 42.46 9.31
N ILE F 130 -0.44 42.31 10.55
CA ILE F 130 -1.83 42.54 10.87
C ILE F 130 -2.03 43.62 11.95
N GLU F 131 -2.53 44.79 11.52
CA GLU F 131 -2.95 45.89 12.43
C GLU F 131 -1.84 46.52 13.22
N ASP F 132 -1.12 45.79 14.05
CA ASP F 132 -0.04 46.43 14.84
C ASP F 132 1.24 45.63 14.98
N ARG F 133 1.32 44.49 14.31
CA ARG F 133 2.53 43.66 14.45
C ARG F 133 2.61 42.70 13.32
N TYR F 134 3.80 42.09 13.14
CA TYR F 134 3.96 41.02 12.16
C TYR F 134 3.62 39.66 12.83
N TYR F 135 2.79 38.86 12.17
CA TYR F 135 2.49 37.53 12.59
C TYR F 135 3.20 36.54 11.66
N VAL F 136 3.76 35.49 12.24
CA VAL F 136 4.36 34.41 11.51
C VAL F 136 3.62 33.11 11.83
N THR F 137 3.29 32.38 10.79
CA THR F 137 2.75 31.00 10.94
C THR F 137 3.78 30.08 10.31
N TRP F 138 3.76 28.82 10.73
CA TRP F 138 4.65 27.84 10.19
C TRP F 138 4.09 26.47 10.51
N CYS F 139 4.58 25.46 9.80
CA CYS F 139 4.28 24.06 10.11
C CYS F 139 5.15 23.64 11.32
N ASN F 140 4.50 23.56 12.45
CA ASN F 140 5.15 23.37 13.73
C ASN F 140 4.89 21.96 14.21
N GLY F 141 5.92 21.27 14.63
CA GLY F 141 5.78 19.91 15.20
C GLY F 141 5.26 19.96 16.63
N TYR F 142 4.05 19.41 16.79
CA TYR F 142 3.41 19.22 18.09
C TYR F 142 2.65 17.94 18.03
N HIS F 143 3.35 16.84 18.36
CA HIS F 143 2.80 15.52 18.09
C HIS F 143 2.30 15.38 16.66
N GLY F 144 3.13 15.85 15.73
CA GLY F 144 2.80 15.87 14.29
C GLY F 144 2.66 17.28 13.79
N PRO F 145 2.44 17.44 12.45
CA PRO F 145 2.37 18.80 11.91
C PRO F 145 1.11 19.55 12.28
N THR F 146 1.29 20.74 12.85
CA THR F 146 0.20 21.69 12.98
C THR F 146 0.64 23.07 12.64
N ILE F 147 -0.23 24.07 12.86
N ILE F 147 -0.28 24.04 12.80
CA ILE F 147 0.19 25.42 12.47
CA ILE F 147 0.03 25.45 12.50
C ILE F 147 0.50 26.26 13.69
C ILE F 147 0.50 26.16 13.79
N GLY F 148 1.79 26.50 13.85
CA GLY F 148 2.31 27.38 14.86
C GLY F 148 2.04 28.83 14.55
N VAL F 149 2.01 29.65 15.59
CA VAL F 149 1.66 31.03 15.42
C VAL F 149 2.56 31.84 16.36
N ALA F 150 3.08 32.95 15.87
CA ALA F 150 3.87 33.89 16.70
C ALA F 150 3.77 35.27 16.14
N TYR F 151 4.22 36.22 16.93
CA TYR F 151 4.29 37.63 16.47
C TYR F 151 5.66 38.23 16.80
N THR F 152 6.01 39.25 16.04
CA THR F 152 7.19 40.07 16.33
C THR F 152 6.86 41.52 15.96
N PHE F 153 7.41 42.44 16.74
CA PHE F 153 7.35 43.86 16.43
C PHE F 153 8.54 44.29 15.65
N ASP F 154 9.64 43.52 15.73
CA ASP F 154 10.93 44.04 15.28
C ASP F 154 11.82 43.09 14.49
N PHE F 155 11.30 41.92 14.17
CA PHE F 155 12.11 40.89 13.55
C PHE F 155 13.35 40.52 14.30
N GLU F 156 13.39 40.77 15.61
CA GLU F 156 14.48 40.30 16.46
C GLU F 156 14.01 39.27 17.48
N THR F 157 12.98 39.63 18.24
CA THR F 157 12.37 38.75 19.22
C THR F 157 10.96 38.35 18.75
N PHE F 158 10.69 37.05 18.81
CA PHE F 158 9.42 36.44 18.33
C PHE F 158 8.72 35.77 19.50
N HIS F 159 7.43 35.98 19.62
CA HIS F 159 6.67 35.56 20.80
C HIS F 159 5.62 34.60 20.31
N GLN F 160 5.73 33.37 20.80
CA GLN F 160 4.92 32.30 20.33
C GLN F 160 3.57 32.28 21.01
N LEU F 161 2.55 32.05 20.21
CA LEU F 161 1.19 31.89 20.68
C LEU F 161 0.75 30.43 20.57
N GLU F 162 -0.53 30.16 20.90
CA GLU F 162 -1.08 28.81 20.79
C GLU F 162 -1.05 28.34 19.37
N ASN F 163 -0.76 27.05 19.17
CA ASN F 163 -0.88 26.44 17.88
C ASN F 163 -2.34 26.56 17.52
N ALA F 164 -2.65 26.92 16.29
CA ALA F 164 -3.99 27.36 15.97
C ALA F 164 -4.95 26.18 15.88
N PHE F 165 -4.43 25.02 15.52
CA PHE F 165 -5.24 23.86 15.25
C PHE F 165 -4.63 22.60 15.86
N ILE F 166 -5.42 21.54 15.92
CA ILE F 166 -4.95 20.23 16.29
C ILE F 166 -4.24 19.62 15.08
N PRO F 167 -3.18 18.82 15.26
CA PRO F 167 -2.62 18.16 14.06
C PRO F 167 -3.72 17.30 13.40
N PHE F 168 -3.61 16.94 12.14
CA PHE F 168 -2.50 17.27 11.24
C PHE F 168 -2.93 18.39 10.27
N ASN F 169 -2.11 19.44 10.14
CA ASN F 169 -2.44 20.57 9.35
C ASN F 169 -1.17 21.29 8.97
N ARG F 170 -1.18 21.84 7.77
CA ARG F 170 -0.11 22.71 7.36
C ARG F 170 -0.57 23.65 6.23
N ASN F 171 0.34 24.36 5.59
CA ASN F 171 -0.11 25.48 4.73
C ASN F 171 -1.07 26.47 5.37
N GLY F 172 -0.74 26.90 6.59
CA GLY F 172 -1.46 27.96 7.34
C GLY F 172 -1.02 29.31 6.79
N VAL F 173 -1.98 30.11 6.36
CA VAL F 173 -1.66 31.39 5.73
C VAL F 173 -2.72 32.39 6.25
N LEU F 174 -2.27 33.37 7.03
CA LEU F 174 -3.18 34.39 7.55
C LEU F 174 -3.60 35.40 6.46
N PHE F 175 -4.79 35.96 6.62
CA PHE F 175 -5.20 37.19 5.92
C PHE F 175 -4.49 38.43 6.54
N PRO F 176 -4.13 39.42 5.72
CA PRO F 176 -3.36 40.55 6.22
C PRO F 176 -4.22 41.65 6.89
N ARG F 177 -5.50 41.37 7.09
CA ARG F 177 -6.32 42.23 7.91
C ARG F 177 -7.38 41.33 8.49
N LYS F 178 -8.07 41.86 9.48
CA LYS F 178 -9.24 41.17 10.02
C LYS F 178 -10.35 41.19 8.99
N ILE F 179 -11.18 40.17 9.04
CA ILE F 179 -12.29 40.02 8.13
C ILE F 179 -13.48 40.18 9.06
N ASN F 180 -14.11 41.33 8.92
N ASN F 180 -14.24 41.24 8.90
CA ASN F 180 -15.27 41.70 9.72
CA ASN F 180 -15.39 41.48 9.80
C ASN F 180 -15.03 41.41 11.20
C ASN F 180 -15.05 41.39 11.27
N GLY F 181 -13.92 41.96 11.66
CA GLY F 181 -13.56 41.98 13.03
C GLY F 181 -12.97 40.70 13.63
N ARG F 182 -12.70 39.67 12.81
CA ARG F 182 -11.96 38.49 13.24
C ARG F 182 -10.65 38.27 12.43
N PHE F 183 -9.63 37.74 13.10
CA PHE F 183 -8.46 37.27 12.41
C PHE F 183 -8.94 36.07 11.54
N ALA F 184 -8.34 35.88 10.39
CA ALA F 184 -8.75 34.77 9.47
C ALA F 184 -7.51 34.04 8.97
N MET F 185 -7.65 32.73 8.75
CA MET F 185 -6.51 31.94 8.29
C MET F 185 -6.91 30.84 7.33
N LEU F 186 -6.17 30.69 6.26
CA LEU F 186 -6.36 29.51 5.49
C LEU F 186 -5.51 28.40 6.04
N SER F 187 -5.96 27.18 5.85
CA SER F 187 -5.13 26.03 6.26
C SER F 187 -5.43 24.83 5.40
N ARG F 188 -4.89 23.67 5.81
CA ARG F 188 -4.87 22.51 4.89
C ARG F 188 -4.74 21.20 5.66
N PRO F 189 -5.88 20.63 6.02
CA PRO F 189 -5.84 19.43 6.76
C PRO F 189 -4.98 18.37 6.03
N SER F 190 -4.19 17.68 6.82
CA SER F 190 -3.17 16.78 6.31
C SER F 190 -3.16 15.46 7.07
N ASP F 191 -2.06 14.71 6.91
CA ASP F 191 -1.80 13.53 7.71
C ASP F 191 -0.38 13.61 8.21
N ASN F 192 0.16 12.48 8.73
CA ASN F 192 1.56 12.53 9.23
C ASN F 192 2.57 11.97 8.26
N GLY F 193 2.33 12.12 6.97
CA GLY F 193 3.23 11.56 5.95
C GLY F 193 3.30 12.52 4.79
N HIS F 194 3.60 11.97 3.62
CA HIS F 194 3.56 12.71 2.37
C HIS F 194 2.11 12.63 1.90
N THR F 195 1.32 13.57 2.37
CA THR F 195 -0.12 13.48 2.40
C THR F 195 -0.65 13.31 0.98
N PRO F 196 -1.53 12.37 0.74
CA PRO F 196 -1.98 12.13 -0.63
C PRO F 196 -3.31 12.73 -0.97
N PHE F 197 -3.67 13.79 -0.26
CA PHE F 197 -4.95 14.47 -0.36
C PHE F 197 -4.76 15.89 0.19
N GLY F 198 -5.72 16.77 -0.03
CA GLY F 198 -5.66 18.05 0.63
C GLY F 198 -6.58 19.12 0.14
N ASP F 199 -7.54 19.53 0.95
CA ASP F 199 -8.42 20.65 0.67
C ASP F 199 -7.95 21.89 1.42
N ILE F 200 -8.15 23.07 0.84
CA ILE F 200 -7.96 24.32 1.54
C ILE F 200 -9.21 24.67 2.36
N PHE F 201 -8.99 25.01 3.63
CA PHE F 201 -9.98 25.45 4.56
C PHE F 201 -9.73 26.88 5.00
N TYR F 202 -10.74 27.46 5.63
CA TYR F 202 -10.74 28.83 6.13
C TYR F 202 -11.25 28.80 7.56
N SER F 203 -10.61 29.50 8.46
CA SER F 203 -11.02 29.54 9.87
C SER F 203 -10.84 30.97 10.43
N GLU F 204 -11.61 31.30 11.46
CA GLU F 204 -11.57 32.64 12.08
C GLU F 204 -11.29 32.54 13.56
N SER F 205 -10.74 33.65 14.08
CA SER F 205 -10.48 33.79 15.52
C SER F 205 -10.71 35.22 15.97
N PRO F 206 -11.41 35.39 17.12
CA PRO F 206 -11.53 36.78 17.67
C PRO F 206 -10.23 37.28 18.32
N ASP F 207 -9.31 36.37 18.67
CA ASP F 207 -8.25 36.69 19.62
C ASP F 207 -6.85 36.10 19.37
N MET F 208 -6.66 35.43 18.22
CA MET F 208 -5.41 34.74 17.90
C MET F 208 -5.11 33.62 18.95
N GLU F 209 -6.15 33.10 19.60
CA GLU F 209 -5.99 31.93 20.49
C GLU F 209 -7.03 30.84 20.20
N PHE F 210 -8.30 31.24 20.10
CA PHE F 210 -9.35 30.30 19.86
C PHE F 210 -9.85 30.46 18.42
N TRP F 211 -9.94 29.33 17.72
CA TRP F 211 -10.28 29.27 16.29
C TRP F 211 -11.56 28.48 16.00
N GLY F 212 -12.26 28.85 14.94
CA GLY F 212 -13.52 28.23 14.65
C GLY F 212 -14.19 28.84 13.43
N ARG F 213 -15.47 28.54 13.26
N ARG F 213 -15.46 28.52 13.27
CA ARG F 213 -16.22 28.88 12.04
CA ARG F 213 -16.23 28.86 12.06
C ARG F 213 -15.47 28.37 10.80
C ARG F 213 -15.45 28.37 10.82
N HIS F 214 -15.04 27.12 10.87
CA HIS F 214 -14.32 26.50 9.78
C HIS F 214 -15.17 26.31 8.53
N ARG F 215 -14.58 26.65 7.39
CA ARG F 215 -15.29 26.59 6.11
C ARG F 215 -14.39 26.03 5.05
N HIS F 216 -14.91 25.12 4.28
CA HIS F 216 -14.19 24.56 3.14
C HIS F 216 -14.11 25.55 2.04
N VAL F 217 -12.89 25.76 1.53
CA VAL F 217 -12.66 26.72 0.45
C VAL F 217 -12.67 25.98 -0.88
N MET F 218 -11.70 25.09 -1.09
CA MET F 218 -11.77 24.28 -2.26
C MET F 218 -11.07 22.93 -2.12
N SER F 219 -11.43 22.04 -3.03
CA SER F 219 -10.86 20.70 -3.14
C SER F 219 -9.99 20.64 -4.41
N PRO F 220 -9.10 19.67 -4.46
CA PRO F 220 -8.45 19.40 -5.74
C PRO F 220 -9.39 19.24 -6.87
N ALA F 221 -8.96 19.67 -8.08
CA ALA F 221 -9.80 19.53 -9.28
C ALA F 221 -9.85 18.09 -9.75
N ALA F 222 -10.81 17.78 -10.60
CA ALA F 222 -10.80 16.48 -11.28
C ALA F 222 -9.62 16.37 -12.24
N PHE F 223 -9.03 15.19 -12.28
CA PHE F 223 -7.92 14.85 -13.17
C PHE F 223 -8.22 15.28 -14.61
N GLU F 224 -9.44 15.02 -15.09
N GLU F 224 -9.44 15.00 -15.09
CA GLU F 224 -9.81 15.37 -16.48
CA GLU F 224 -9.78 15.33 -16.47
C GLU F 224 -9.95 16.89 -16.73
C GLU F 224 -10.07 16.85 -16.73
N VAL F 225 -10.18 17.64 -15.66
CA VAL F 225 -10.39 19.09 -15.74
C VAL F 225 -9.11 19.90 -15.60
N SER F 226 -8.26 19.56 -14.62
CA SER F 226 -7.04 20.32 -14.33
C SER F 226 -6.11 19.53 -13.47
N ALA F 227 -5.28 18.73 -14.13
CA ALA F 227 -4.53 17.70 -13.49
C ALA F 227 -3.35 18.24 -12.64
N TRP F 228 -2.89 19.47 -12.89
CA TRP F 228 -1.79 20.02 -12.06
C TRP F 228 -2.21 20.24 -10.64
N GLN F 229 -3.53 20.21 -10.38
CA GLN F 229 -4.06 20.49 -9.09
C GLN F 229 -5.10 19.41 -8.70
N CYS F 230 -4.87 18.17 -9.10
CA CYS F 230 -5.87 17.13 -8.85
C CYS F 230 -5.58 16.19 -7.68
N THR F 231 -4.37 16.22 -7.13
CA THR F 231 -4.03 15.37 -5.96
C THR F 231 -4.32 16.05 -4.65
N LYS F 232 -3.71 17.22 -4.51
CA LYS F 232 -3.93 18.06 -3.36
C LYS F 232 -3.59 19.46 -3.76
N ILE F 233 -4.02 20.39 -2.91
CA ILE F 233 -3.75 21.81 -3.07
C ILE F 233 -3.43 22.43 -1.74
N GLY F 234 -2.74 23.55 -1.75
CA GLY F 234 -2.54 24.36 -0.55
C GLY F 234 -2.17 25.80 -0.77
N ALA F 235 -2.57 26.64 0.18
CA ALA F 235 -2.35 28.08 0.05
C ALA F 235 -0.85 28.39 0.00
N GLY F 236 -0.49 29.42 -0.77
CA GLY F 236 0.89 29.88 -0.87
C GLY F 236 1.16 31.19 -0.16
N PRO F 237 1.43 32.26 -0.92
CA PRO F 237 1.59 33.58 -0.35
C PRO F 237 0.38 34.06 0.40
N ILE F 238 0.61 35.06 1.23
CA ILE F 238 -0.47 35.76 1.90
C ILE F 238 -1.50 36.21 0.84
N PRO F 239 -2.79 36.04 1.10
CA PRO F 239 -3.79 36.55 0.16
C PRO F 239 -3.62 38.08 -0.16
N VAL F 240 -3.89 38.46 -1.40
CA VAL F 240 -3.70 39.84 -1.88
C VAL F 240 -5.05 40.47 -2.13
N GLU F 241 -5.35 41.54 -1.39
CA GLU F 241 -6.63 42.20 -1.55
C GLU F 241 -6.71 42.97 -2.87
N THR F 242 -7.76 42.72 -3.61
CA THR F 242 -8.11 43.53 -4.79
C THR F 242 -9.52 44.02 -4.61
N PRO F 243 -9.91 45.03 -5.40
CA PRO F 243 -11.31 45.51 -5.33
C PRO F 243 -12.33 44.43 -5.57
N GLU F 244 -11.96 43.42 -6.35
CA GLU F 244 -12.82 42.31 -6.78
C GLU F 244 -12.85 41.07 -5.85
N GLY F 245 -11.99 41.05 -4.84
CA GLY F 245 -11.76 39.85 -4.03
C GLY F 245 -10.29 39.63 -3.65
N TRP F 246 -10.06 38.57 -2.90
CA TRP F 246 -8.70 38.16 -2.54
C TRP F 246 -8.07 37.33 -3.64
N LEU F 247 -6.91 37.75 -4.14
CA LEU F 247 -6.13 36.94 -5.02
C LEU F 247 -5.38 35.93 -4.20
N LEU F 248 -5.68 34.68 -4.44
CA LEU F 248 -5.02 33.58 -3.77
C LEU F 248 -4.10 32.86 -4.77
N ILE F 249 -2.82 32.79 -4.40
CA ILE F 249 -1.83 32.07 -5.21
C ILE F 249 -1.59 30.79 -4.40
N TYR F 250 -1.75 29.62 -5.01
CA TYR F 250 -1.76 28.35 -4.29
C TYR F 250 -1.10 27.28 -5.12
N HIS F 251 -0.54 26.28 -4.45
CA HIS F 251 0.10 25.16 -5.15
C HIS F 251 -0.87 24.05 -5.40
N GLY F 252 -0.60 23.27 -6.41
CA GLY F 252 -1.32 22.06 -6.75
C GLY F 252 -0.41 20.93 -7.16
N VAL F 253 -0.82 19.72 -6.83
CA VAL F 253 -0.02 18.55 -7.08
C VAL F 253 -0.66 17.62 -8.11
N LEU F 254 0.21 17.18 -9.00
CA LEU F 254 -0.12 16.09 -9.94
C LEU F 254 0.72 14.87 -9.56
N HIS F 255 0.10 13.68 -9.57
CA HIS F 255 0.74 12.46 -9.14
C HIS F 255 1.08 11.64 -10.36
N SER F 256 2.34 11.69 -10.75
CA SER F 256 2.84 10.87 -11.84
C SER F 256 3.32 9.55 -11.33
N CYS F 257 3.70 8.68 -12.27
CA CYS F 257 4.25 7.42 -11.89
C CYS F 257 5.53 7.59 -11.12
N ASN F 258 6.24 8.69 -11.27
CA ASN F 258 7.56 8.85 -10.64
C ASN F 258 7.55 9.91 -9.56
N GLY F 259 6.38 10.31 -9.13
CA GLY F 259 6.30 11.21 -7.97
C GLY F 259 5.31 12.32 -8.12
N TYR F 260 5.43 13.26 -7.21
CA TYR F 260 4.62 14.44 -7.25
C TYR F 260 5.29 15.58 -8.07
N VAL F 261 4.47 16.32 -8.79
CA VAL F 261 4.88 17.54 -9.49
C VAL F 261 4.09 18.67 -8.87
N TYR F 262 4.76 19.69 -8.33
CA TYR F 262 4.08 20.83 -7.72
C TYR F 262 4.15 21.99 -8.72
N SER F 263 2.97 22.48 -9.09
CA SER F 263 2.81 23.68 -9.86
C SER F 263 2.02 24.69 -9.02
N PHE F 264 1.87 25.92 -9.50
CA PHE F 264 1.00 26.87 -8.82
C PHE F 264 0.15 27.73 -9.74
N GLY F 265 -0.95 28.22 -9.18
CA GLY F 265 -1.99 28.90 -9.93
C GLY F 265 -2.72 29.88 -9.10
N SER F 266 -3.87 30.33 -9.61
CA SER F 266 -4.58 31.46 -8.99
C SER F 266 -6.07 31.21 -8.87
N ALA F 267 -6.63 31.78 -7.82
CA ALA F 267 -8.06 31.86 -7.62
C ALA F 267 -8.41 33.24 -7.03
N LEU F 268 -9.66 33.63 -7.19
N LEU F 268 -9.68 33.57 -7.17
CA LEU F 268 -10.19 34.84 -6.60
CA LEU F 268 -10.23 34.78 -6.62
C LEU F 268 -11.31 34.50 -5.61
C LEU F 268 -11.29 34.40 -5.59
N LEU F 269 -11.13 34.89 -4.36
CA LEU F 269 -12.07 34.61 -3.30
C LEU F 269 -12.92 35.84 -2.99
N ASP F 270 -14.14 35.61 -2.56
CA ASP F 270 -15.00 36.71 -2.18
C ASP F 270 -14.38 37.52 -1.05
N LEU F 271 -14.52 38.84 -1.10
CA LEU F 271 -13.85 39.71 -0.15
C LEU F 271 -14.34 39.56 1.25
N ASP F 272 -15.65 39.34 1.37
CA ASP F 272 -16.25 39.35 2.67
C ASP F 272 -16.35 37.99 3.26
N GLU F 273 -16.49 36.96 2.44
CA GLU F 273 -16.64 35.59 2.93
C GLU F 273 -15.66 34.76 2.10
N PRO F 274 -14.39 34.73 2.49
CA PRO F 274 -13.35 34.27 1.57
C PRO F 274 -13.29 32.78 1.27
N TRP F 275 -14.12 31.98 1.93
CA TRP F 275 -14.28 30.62 1.58
C TRP F 275 -15.11 30.47 0.36
N LYS F 276 -15.81 31.53 -0.11
CA LYS F 276 -16.60 31.44 -1.33
C LYS F 276 -15.68 31.76 -2.52
N VAL F 277 -15.44 30.82 -3.38
CA VAL F 277 -14.49 31.04 -4.49
C VAL F 277 -15.26 31.60 -5.68
N LYS F 278 -14.79 32.70 -6.24
CA LYS F 278 -15.44 33.32 -7.38
C LYS F 278 -14.92 32.83 -8.71
N PHE F 279 -13.60 32.74 -8.85
CA PHE F 279 -13.00 32.14 -10.02
C PHE F 279 -11.75 31.33 -9.62
N ARG F 280 -11.40 30.34 -10.44
CA ARG F 280 -10.30 29.45 -10.15
C ARG F 280 -9.69 29.01 -11.43
N SER F 281 -8.41 29.31 -11.62
CA SER F 281 -7.79 29.01 -12.88
C SER F 281 -7.73 27.52 -13.25
N GLY F 282 -7.97 27.24 -14.54
CA GLY F 282 -7.75 25.92 -15.16
C GLY F 282 -6.28 25.64 -15.39
N PRO F 283 -5.59 26.49 -16.17
CA PRO F 283 -4.14 26.34 -16.29
C PRO F 283 -3.33 26.80 -15.07
N TYR F 284 -2.11 26.31 -14.99
CA TYR F 284 -1.19 26.82 -13.99
C TYR F 284 -0.66 28.19 -14.37
N LEU F 285 -0.17 28.93 -13.37
CA LEU F 285 0.68 30.11 -13.67
C LEU F 285 2.10 29.72 -13.92
N LEU F 286 2.60 28.74 -13.16
CA LEU F 286 3.99 28.32 -13.23
C LEU F 286 4.12 26.86 -12.87
N ALA F 287 5.01 26.14 -13.55
CA ALA F 287 5.22 24.73 -13.32
C ALA F 287 6.70 24.44 -13.53
N PRO F 288 7.20 23.34 -13.02
CA PRO F 288 8.65 23.13 -13.03
C PRO F 288 9.18 22.87 -14.44
N ARG F 289 10.12 23.71 -14.85
CA ARG F 289 10.65 23.73 -16.20
C ARG F 289 12.16 23.82 -16.22
N GLU F 290 12.66 24.75 -15.44
CA GLU F 290 14.09 24.98 -15.39
C GLU F 290 14.86 23.96 -14.58
N PRO F 291 16.22 23.87 -14.92
CA PRO F 291 16.95 22.84 -14.15
C PRO F 291 16.91 23.01 -12.62
N TYR F 292 16.93 24.25 -12.13
CA TYR F 292 16.86 24.55 -10.70
C TYR F 292 15.49 24.21 -10.06
N GLU F 293 14.50 23.97 -10.91
CA GLU F 293 13.18 23.54 -10.49
C GLU F 293 13.02 22.01 -10.59
N CYS F 294 13.76 21.42 -11.55
CA CYS F 294 13.60 20.00 -11.90
C CYS F 294 14.65 19.09 -11.32
N MET F 295 15.70 19.63 -10.74
CA MET F 295 16.77 18.78 -10.19
C MET F 295 17.14 19.35 -8.79
N GLY F 296 17.22 18.48 -7.78
CA GLY F 296 17.52 18.90 -6.43
C GLY F 296 17.01 17.88 -5.42
N ASP F 297 16.92 18.31 -4.18
CA ASP F 297 16.48 17.43 -3.11
C ASP F 297 15.12 16.82 -3.36
N VAL F 298 14.17 17.59 -3.91
CA VAL F 298 12.86 17.04 -4.31
C VAL F 298 12.63 17.56 -5.73
N PRO F 299 12.81 16.71 -6.72
CA PRO F 299 12.64 17.17 -8.14
C PRO F 299 11.22 17.59 -8.48
N ASN F 300 11.10 18.55 -9.39
CA ASN F 300 9.84 18.97 -9.94
C ASN F 300 8.89 19.67 -8.96
N VAL F 301 9.45 20.67 -8.33
CA VAL F 301 8.71 21.50 -7.39
C VAL F 301 8.89 22.98 -7.62
N CYS F 302 7.75 23.66 -7.79
CA CYS F 302 7.60 25.10 -7.63
C CYS F 302 6.55 25.38 -6.54
N PHE F 303 7.01 25.94 -5.43
CA PHE F 303 6.20 26.06 -4.22
C PHE F 303 6.18 27.49 -3.75
N PRO F 304 5.12 28.24 -4.09
CA PRO F 304 5.09 29.64 -3.70
C PRO F 304 4.79 29.88 -2.24
N CYS F 305 5.56 30.80 -1.68
N CYS F 305 5.61 30.66 -1.51
CA CYS F 305 5.72 30.95 -0.26
CA CYS F 305 5.32 31.00 -0.12
C CYS F 305 5.51 32.41 0.23
C CYS F 305 5.17 32.48 0.20
N ALA F 306 5.61 33.38 -0.69
CA ALA F 306 5.39 34.78 -0.37
C ALA F 306 5.28 35.62 -1.64
N ALA F 307 4.70 36.80 -1.49
CA ALA F 307 4.68 37.80 -2.56
C ALA F 307 4.80 39.20 -2.04
N LEU F 308 5.36 40.08 -2.89
CA LEU F 308 5.39 41.54 -2.60
C LEU F 308 4.61 42.20 -3.74
N HIS F 309 3.80 43.21 -3.48
CA HIS F 309 3.05 43.83 -4.57
C HIS F 309 2.86 45.33 -4.32
N ASP F 310 2.46 46.01 -5.39
CA ASP F 310 2.29 47.46 -5.44
C ASP F 310 0.96 47.71 -6.16
N ASN F 311 -0.04 48.12 -5.42
CA ASN F 311 -1.33 48.40 -6.01
C ASN F 311 -1.31 49.58 -7.00
N GLU F 312 -0.41 50.54 -6.81
CA GLU F 312 -0.30 51.66 -7.77
C GLU F 312 -0.01 51.11 -9.19
N THR F 313 0.93 50.18 -9.33
CA THR F 313 1.37 49.73 -10.65
C THR F 313 0.76 48.42 -11.06
N GLY F 314 0.16 47.69 -10.11
CA GLY F 314 -0.32 46.35 -10.42
C GLY F 314 0.74 45.24 -10.36
N ARG F 315 1.99 45.60 -10.08
CA ARG F 315 3.09 44.67 -10.05
C ARG F 315 3.03 43.76 -8.81
N ILE F 316 3.36 42.51 -9.07
CA ILE F 316 3.51 41.49 -8.05
C ILE F 316 4.75 40.67 -8.37
N ALA F 317 5.55 40.46 -7.32
CA ALA F 317 6.71 39.55 -7.31
C ALA F 317 6.47 38.35 -6.34
N ILE F 318 6.52 37.13 -6.89
CA ILE F 318 6.16 35.89 -6.18
C ILE F 318 7.40 35.06 -5.92
N TYR F 319 7.67 34.79 -4.63
CA TYR F 319 8.83 34.02 -4.19
C TYR F 319 8.35 32.60 -4.12
N TYR F 320 9.15 31.68 -4.65
CA TYR F 320 8.79 30.29 -4.67
C TYR F 320 10.03 29.38 -4.50
N GLY F 321 9.85 28.31 -3.71
CA GLY F 321 10.89 27.30 -3.57
C GLY F 321 11.00 26.49 -4.82
N CYS F 322 12.25 26.16 -5.16
CA CYS F 322 12.58 25.40 -6.37
C CYS F 322 13.28 24.10 -6.00
N ALA F 323 12.62 22.98 -6.35
CA ALA F 323 13.11 21.62 -6.08
C ALA F 323 13.48 21.40 -4.59
N ASP F 324 12.82 22.13 -3.69
CA ASP F 324 13.12 22.14 -2.26
C ASP F 324 14.61 22.34 -2.04
N THR F 325 15.24 23.16 -2.88
CA THR F 325 16.70 23.36 -2.78
C THR F 325 17.07 24.84 -2.71
N VAL F 326 16.48 25.64 -3.63
CA VAL F 326 16.77 27.06 -3.72
C VAL F 326 15.50 27.91 -3.84
N THR F 327 15.64 29.23 -3.87
CA THR F 327 14.48 30.13 -3.93
C THR F 327 14.54 30.92 -5.20
N GLY F 328 13.38 31.08 -5.84
CA GLY F 328 13.32 31.83 -7.08
C GLY F 328 12.24 32.86 -7.00
N LEU F 329 12.20 33.73 -8.02
CA LEU F 329 11.26 34.79 -8.11
C LEU F 329 10.63 34.75 -9.53
N ALA F 330 9.34 35.07 -9.57
CA ALA F 330 8.57 35.25 -10.81
C ALA F 330 7.75 36.55 -10.67
N PHE F 331 7.44 37.21 -11.81
CA PHE F 331 6.76 38.51 -11.83
C PHE F 331 5.49 38.45 -12.65
N GLY F 332 4.53 39.30 -12.35
CA GLY F 332 3.38 39.49 -13.22
C GLY F 332 2.63 40.75 -12.84
N TYR F 333 1.50 40.94 -13.48
CA TYR F 333 0.58 42.01 -13.11
C TYR F 333 -0.66 41.46 -12.52
N ILE F 334 -1.04 41.99 -11.38
CA ILE F 334 -2.30 41.63 -10.71
C ILE F 334 -3.55 41.68 -11.61
N PRO F 335 -3.79 42.81 -12.34
CA PRO F 335 -4.96 42.75 -13.20
C PRO F 335 -4.90 41.71 -14.32
N GLU F 336 -3.72 41.41 -14.85
CA GLU F 336 -3.55 40.34 -15.82
C GLU F 336 -3.85 38.99 -15.20
N ILE F 337 -3.41 38.81 -13.96
CA ILE F 337 -3.59 37.53 -13.28
C ILE F 337 -5.06 37.36 -13.05
N ILE F 338 -5.70 38.44 -12.63
CA ILE F 338 -7.12 38.39 -12.39
C ILE F 338 -7.89 38.00 -13.68
N GLU F 339 -7.60 38.67 -14.80
CA GLU F 339 -8.37 38.44 -16.01
C GLU F 339 -8.10 37.00 -16.49
N PHE F 340 -6.88 36.53 -16.35
CA PHE F 340 -6.55 35.12 -16.69
C PHE F 340 -7.36 34.14 -15.83
N THR F 341 -7.38 34.41 -14.55
CA THR F 341 -8.16 33.55 -13.63
C THR F 341 -9.65 33.51 -14.02
N LYS F 342 -10.21 34.68 -14.37
CA LYS F 342 -11.60 34.71 -14.84
C LYS F 342 -11.85 33.93 -16.12
N ARG F 343 -11.09 34.26 -17.16
CA ARG F 343 -11.28 33.69 -18.48
C ARG F 343 -11.05 32.22 -18.56
N THR F 344 -10.15 31.70 -17.74
CA THR F 344 -9.84 30.27 -17.77
C THR F 344 -10.52 29.54 -16.60
N SER F 345 -11.45 30.18 -15.90
CA SER F 345 -12.07 29.61 -14.68
C SER F 345 -12.70 28.25 -14.89
N ILE F 346 -12.52 27.39 -13.90
CA ILE F 346 -13.11 26.07 -13.99
C ILE F 346 -14.32 26.02 -13.10
N ILE F 347 -14.64 27.12 -12.44
CA ILE F 347 -15.94 27.33 -11.80
C ILE F 347 -16.63 28.53 -12.36
#